data_5H1K
#
_entry.id   5H1K
#
_cell.length_a   98.654
_cell.length_b   107.191
_cell.length_c   151.480
_cell.angle_alpha   90.00
_cell.angle_beta   90.00
_cell.angle_gamma   90.00
#
_symmetry.space_group_name_H-M   'P 21 21 21'
#
loop_
_entity.id
_entity.type
_entity.pdbx_description
1 polymer 'Gem-associated protein 5'
2 polymer "U4 snRNA (5'-R(*GP*CP*AP*AP*UP*UP*UP*UP*UP*GP*AP*CP*A)-3')"
3 water water
#
loop_
_entity_poly.entity_id
_entity_poly.type
_entity_poly.pdbx_seq_one_letter_code
_entity_poly.pdbx_strand_id
1 'polypeptide(L)'
;GAMGIRNSMGQEPRTLPPSPNWYCARCSDAVPGGLFGFAARTSVFLVRVGPGAGESPGTPPFRVIGELVGHTERVSGFTF
SHHPGQYNLCATSSDDGTVKIWDVETKTVVTEHALHQHTISTLHWSPRVKDLIVSGDEKGVVFCYWFNRNDSQHLFIEPR
TIFCLTCSPHHEDLVAIGYKDGIVVIIDISKKGEVIHRLRGHDDEIHSIAWCPLPGEDCLSINQEETSEEAEITNGNAVA
QAPVTKGCYLATGSKDQTIRIWSCSRGRGVMILKLPFLKRRGGGIDPTVKERLWLTLHWPSNQPTQLVSSCFGGELLQWD
LTQSWRRKYTLFSASSEGQNHSRIVFNLCPLQTEDDKQLLLSTSMDRDVKCWDIATLECSWTLPSLGGFAYSLAFSSVDI
GSLAIGVGDGMIRVWNTLSIKNNYDVKNFWQGVKSKVTALCWHPTKEGCLAFGTDDGKVGLYDTYSNKPPQISSTYHKKT
VYTLAWGPPVPPMSLGGEGDRPSLALYSCGGEGIVLQHNPWKLSGEAFDINKLIRDTNSIKYKLPVHTEISWKADGKIMA
LGNEDGSIEIFQIPNLKLICTIQQHHKLVNTISWHHEHGSQPELSYLMASGSNNAVIYVHNLKTVIESSPESPVTITEPY
RTLSGHTAKITSVAWSPHHDGRLVSASYDGTAQVWDALREEPLCNFRGHRGRLLCVAWSPLDPDCIYSGADDFCVHKWLT
SMQDHSRPPQGKKS
;
A,B
2 'polyribonucleotide' GCAAUUUUUGACA C,D
#
loop_
_chem_comp.id
_chem_comp.type
_chem_comp.name
_chem_comp.formula
A RNA linking ADENOSINE-5'-MONOPHOSPHATE 'C10 H14 N5 O7 P'
C RNA linking CYTIDINE-5'-MONOPHOSPHATE 'C9 H14 N3 O8 P'
G RNA linking GUANOSINE-5'-MONOPHOSPHATE 'C10 H14 N5 O8 P'
U RNA linking URIDINE-5'-MONOPHOSPHATE 'C9 H13 N2 O9 P'
#
# COMPACT_ATOMS: atom_id res chain seq x y z
N GLN A 11 16.70 -2.22 -39.15
CA GLN A 11 15.27 -2.66 -39.25
C GLN A 11 14.31 -1.47 -39.07
N GLU A 12 13.30 -1.62 -38.22
CA GLU A 12 12.19 -0.65 -38.16
C GLU A 12 11.40 -0.61 -36.82
N PRO A 13 10.81 0.56 -36.51
CA PRO A 13 10.19 0.79 -35.20
C PRO A 13 8.88 0.03 -35.01
N ARG A 14 8.52 -0.22 -33.77
CA ARG A 14 7.32 -0.97 -33.44
C ARG A 14 6.87 -0.56 -32.06
N THR A 15 5.55 -0.62 -31.85
CA THR A 15 4.93 -0.19 -30.59
C THR A 15 3.89 -1.18 -30.09
N LEU A 16 4.02 -1.57 -28.83
CA LEU A 16 2.91 -2.17 -28.10
C LEU A 16 2.16 -1.04 -27.42
N PRO A 17 0.90 -0.82 -27.81
CA PRO A 17 0.18 0.35 -27.33
C PRO A 17 -0.71 0.00 -26.13
N PRO A 18 -1.36 1.02 -25.52
CA PRO A 18 -2.33 0.75 -24.44
C PRO A 18 -3.60 0.12 -24.99
N SER A 19 -4.33 -0.57 -24.11
CA SER A 19 -5.52 -1.33 -24.52
C SER A 19 -6.65 -0.42 -24.95
N PRO A 20 -7.35 -0.78 -26.05
CA PRO A 20 -8.58 -0.07 -26.42
C PRO A 20 -9.56 0.03 -25.24
N ASN A 21 -10.27 1.14 -25.17
CA ASN A 21 -11.24 1.36 -24.08
C ASN A 21 -12.45 0.41 -24.18
N TRP A 22 -13.11 0.15 -23.06
CA TRP A 22 -14.19 -0.84 -22.95
C TRP A 22 -15.52 -0.20 -22.79
N TYR A 23 -16.58 -0.92 -23.19
CA TYR A 23 -17.97 -0.51 -22.94
C TYR A 23 -18.34 0.84 -23.58
N CYS A 24 -17.77 1.14 -24.75
CA CYS A 24 -18.17 2.31 -25.55
C CYS A 24 -18.73 1.81 -26.88
N ALA A 25 -19.91 2.31 -27.26
CA ALA A 25 -20.54 1.80 -28.48
C ALA A 25 -19.77 2.16 -29.76
N ARG A 26 -19.04 3.27 -29.74
CA ARG A 26 -18.17 3.64 -30.87
C ARG A 26 -16.96 4.42 -30.38
N CYS A 27 -15.87 3.73 -30.10
CA CYS A 27 -14.64 4.44 -29.74
C CYS A 27 -13.47 3.98 -30.59
N SER A 28 -13.80 3.44 -31.77
CA SER A 28 -12.81 3.10 -32.77
CA SER A 28 -12.83 3.02 -32.77
C SER A 28 -13.47 3.22 -34.14
N ASP A 29 -12.65 3.42 -35.17
CA ASP A 29 -13.15 3.59 -36.53
C ASP A 29 -11.99 3.45 -37.52
N ALA A 30 -12.30 3.25 -38.79
CA ALA A 30 -11.26 3.13 -39.83
C ALA A 30 -11.72 3.77 -41.13
N VAL A 31 -10.74 4.28 -41.90
CA VAL A 31 -10.98 4.86 -43.21
C VAL A 31 -10.17 4.09 -44.26
N PRO A 32 -10.57 4.19 -45.54
CA PRO A 32 -9.93 3.33 -46.54
C PRO A 32 -8.43 3.62 -46.72
N GLY A 33 -7.68 2.59 -47.15
CA GLY A 33 -6.27 2.73 -47.50
C GLY A 33 -5.35 1.76 -46.76
N GLY A 34 -5.29 1.84 -45.43
CA GLY A 34 -6.13 2.72 -44.65
C GLY A 34 -5.56 2.92 -43.27
N LEU A 35 -6.37 3.53 -42.42
CA LEU A 35 -5.96 3.96 -41.10
C LEU A 35 -7.03 3.51 -40.13
N PHE A 36 -6.61 2.85 -39.04
CA PHE A 36 -7.49 2.45 -37.95
C PHE A 36 -7.17 3.29 -36.76
N GLY A 37 -8.20 3.81 -36.10
CA GLY A 37 -8.02 4.57 -34.87
C GLY A 37 -8.80 3.95 -33.72
N PHE A 38 -8.20 3.87 -32.54
CA PHE A 38 -8.88 3.34 -31.37
C PHE A 38 -8.64 4.17 -30.12
N ALA A 39 -9.72 4.49 -29.39
CA ALA A 39 -9.60 5.19 -28.11
C ALA A 39 -8.95 4.23 -27.12
N ALA A 40 -7.97 4.73 -26.37
CA ALA A 40 -7.31 3.98 -25.29
C ALA A 40 -6.88 5.01 -24.24
N ARG A 41 -7.31 4.81 -23.00
CA ARG A 41 -7.08 5.80 -21.94
C ARG A 41 -7.65 7.16 -22.38
N THR A 42 -6.83 8.22 -22.31
CA THR A 42 -7.23 9.59 -22.66
C THR A 42 -6.78 9.98 -24.09
N SER A 43 -6.42 8.99 -24.91
CA SER A 43 -5.85 9.20 -26.26
C SER A 43 -6.62 8.41 -27.31
N VAL A 44 -6.33 8.68 -28.58
CA VAL A 44 -6.65 7.78 -29.70
C VAL A 44 -5.31 7.37 -30.32
N PHE A 45 -5.13 6.07 -30.51
CA PHE A 45 -3.95 5.53 -31.17
C PHE A 45 -4.31 5.16 -32.61
N LEU A 46 -3.36 5.40 -33.52
CA LEU A 46 -3.63 5.29 -34.95
C LEU A 46 -2.76 4.19 -35.51
N VAL A 47 -3.37 3.31 -36.31
CA VAL A 47 -2.67 2.16 -36.87
C VAL A 47 -2.80 2.20 -38.40
N ARG A 48 -1.67 2.27 -39.10
CA ARG A 48 -1.68 2.14 -40.56
C ARG A 48 -1.84 0.67 -40.91
N VAL A 49 -2.77 0.37 -41.82
CA VAL A 49 -3.02 -0.99 -42.24
C VAL A 49 -2.92 -1.11 -43.77
N GLY A 50 -2.21 -2.12 -44.25
CA GLY A 50 -2.09 -2.36 -45.68
C GLY A 50 -0.71 -1.99 -46.19
N PRO A 51 -0.54 -1.88 -47.52
CA PRO A 51 0.77 -1.64 -48.12
C PRO A 51 1.52 -0.44 -47.51
N GLY A 52 0.80 0.63 -47.21
CA GLY A 52 1.35 1.82 -46.56
C GLY A 52 2.07 1.60 -45.23
N ALA A 53 1.91 0.43 -44.63
CA ALA A 53 2.49 0.16 -43.30
C ALA A 53 4.01 0.04 -43.35
N GLY A 54 4.53 -0.40 -44.50
CA GLY A 54 5.97 -0.48 -44.72
C GLY A 54 6.68 -1.47 -43.82
N GLU A 55 5.99 -2.56 -43.50
CA GLU A 55 6.55 -3.60 -42.67
C GLU A 55 7.34 -4.62 -43.47
N SER A 56 8.16 -5.40 -42.76
CA SER A 56 8.98 -6.46 -43.35
C SER A 56 8.15 -7.35 -44.29
N PRO A 57 8.71 -7.69 -45.47
CA PRO A 57 8.01 -8.60 -46.38
C PRO A 57 7.69 -9.92 -45.69
N GLY A 58 6.50 -10.45 -45.93
CA GLY A 58 6.07 -11.71 -45.31
C GLY A 58 5.46 -11.59 -43.92
N THR A 59 5.41 -10.37 -43.38
CA THR A 59 4.80 -10.15 -42.07
C THR A 59 3.53 -9.30 -42.18
N PRO A 60 2.62 -9.41 -41.19
CA PRO A 60 1.38 -8.63 -41.23
C PRO A 60 1.61 -7.14 -41.50
N PRO A 61 0.89 -6.58 -42.48
CA PRO A 61 1.08 -5.18 -42.87
C PRO A 61 0.29 -4.21 -41.99
N PHE A 62 0.82 -3.92 -40.81
CA PHE A 62 0.25 -2.87 -39.98
C PHE A 62 1.35 -2.30 -39.09
N ARG A 63 1.16 -1.06 -38.66
CA ARG A 63 2.03 -0.46 -37.65
C ARG A 63 1.29 0.64 -36.91
N VAL A 64 1.50 0.71 -35.60
CA VAL A 64 1.05 1.85 -34.81
C VAL A 64 1.91 3.06 -35.21
N ILE A 65 1.26 4.15 -35.64
CA ILE A 65 1.99 5.29 -36.22
C ILE A 65 1.74 6.64 -35.56
N GLY A 66 0.77 6.75 -34.67
CA GLY A 66 0.54 8.05 -34.07
C GLY A 66 -0.45 8.04 -32.95
N GLU A 67 -0.63 9.21 -32.34
CA GLU A 67 -1.50 9.31 -31.20
C GLU A 67 -2.13 10.68 -31.17
N LEU A 68 -3.42 10.75 -30.86
CA LEU A 68 -4.12 12.01 -30.69
C LEU A 68 -4.13 12.37 -29.21
N VAL A 69 -3.35 13.40 -28.85
CA VAL A 69 -3.15 13.76 -27.44
C VAL A 69 -3.79 15.11 -27.16
N GLY A 70 -4.60 15.19 -26.11
CA GLY A 70 -5.14 16.47 -25.68
C GLY A 70 -6.31 16.38 -24.72
N HIS A 71 -7.12 15.32 -24.82
CA HIS A 71 -8.17 15.11 -23.83
C HIS A 71 -7.58 14.86 -22.47
N THR A 72 -8.27 15.30 -21.43
CA THR A 72 -7.74 15.15 -20.07
C THR A 72 -8.42 14.03 -19.27
N GLU A 73 -9.45 13.39 -19.85
CA GLU A 73 -10.11 12.25 -19.22
C GLU A 73 -10.39 11.22 -20.31
N ARG A 74 -10.84 10.03 -19.90
CA ARG A 74 -11.16 8.91 -20.77
C ARG A 74 -11.83 9.35 -22.09
N VAL A 75 -11.28 8.88 -23.22
CA VAL A 75 -11.93 9.05 -24.55
C VAL A 75 -13.04 8.01 -24.72
N SER A 76 -14.28 8.47 -24.85
CA SER A 76 -15.46 7.62 -24.90
C SER A 76 -16.01 7.38 -26.31
N GLY A 77 -15.53 8.16 -27.28
CA GLY A 77 -16.11 8.09 -28.62
C GLY A 77 -15.06 8.51 -29.62
N PHE A 78 -15.08 7.86 -30.79
CA PHE A 78 -14.15 8.21 -31.86
C PHE A 78 -14.85 7.90 -33.19
N THR A 79 -14.75 8.83 -34.14
CA THR A 79 -15.40 8.67 -35.46
C THR A 79 -14.57 9.40 -36.54
N PHE A 80 -14.23 8.71 -37.62
CA PHE A 80 -13.60 9.36 -38.76
C PHE A 80 -14.64 10.05 -39.63
N SER A 81 -14.21 11.08 -40.34
CA SER A 81 -14.94 11.59 -41.50
C SER A 81 -14.82 10.60 -42.67
N HIS A 82 -15.93 10.14 -43.21
CA HIS A 82 -15.87 9.20 -44.33
C HIS A 82 -16.20 9.90 -45.62
N HIS A 83 -15.66 11.08 -45.76
CA HIS A 83 -15.88 11.87 -46.98
C HIS A 83 -14.60 11.94 -47.76
N PRO A 84 -14.63 11.48 -49.03
CA PRO A 84 -13.42 11.55 -49.88
C PRO A 84 -12.83 12.97 -49.87
N GLY A 85 -11.51 13.07 -49.81
CA GLY A 85 -10.85 14.36 -49.67
C GLY A 85 -10.64 14.83 -48.24
N GLN A 86 -11.40 14.24 -47.29
CA GLN A 86 -11.20 14.54 -45.88
C GLN A 86 -11.22 13.32 -44.95
N TYR A 87 -10.61 12.23 -45.40
CA TYR A 87 -10.44 11.03 -44.56
C TYR A 87 -9.48 11.26 -43.38
N ASN A 88 -8.73 12.38 -43.43
CA ASN A 88 -7.82 12.73 -42.34
C ASN A 88 -8.49 13.45 -41.16
N LEU A 89 -9.75 13.82 -41.29
CA LEU A 89 -10.47 14.43 -40.19
C LEU A 89 -11.21 13.37 -39.37
N CYS A 90 -11.33 13.64 -38.07
CA CYS A 90 -12.01 12.72 -37.17
C CYS A 90 -12.46 13.46 -35.94
N ALA A 91 -13.32 12.84 -35.15
CA ALA A 91 -13.86 13.52 -33.97
C ALA A 91 -13.82 12.58 -32.77
N THR A 92 -13.57 13.13 -31.58
CA THR A 92 -13.64 12.36 -30.32
C THR A 92 -14.59 12.98 -29.31
N SER A 93 -15.06 12.15 -28.37
CA SER A 93 -15.72 12.65 -27.18
C SER A 93 -14.94 12.14 -25.97
N SER A 94 -15.10 12.83 -24.84
CA SER A 94 -14.36 12.49 -23.62
C SER A 94 -15.15 12.84 -22.38
N ASP A 95 -14.84 12.14 -21.30
CA ASP A 95 -15.39 12.46 -19.98
C ASP A 95 -14.94 13.85 -19.50
N ASP A 96 -13.95 14.43 -20.17
CA ASP A 96 -13.60 15.83 -19.90
C ASP A 96 -14.66 16.84 -20.41
N GLY A 97 -15.70 16.32 -21.05
CA GLY A 97 -16.82 17.12 -21.50
C GLY A 97 -16.66 17.78 -22.86
N THR A 98 -15.56 17.48 -23.57
CA THR A 98 -15.35 18.10 -24.88
C THR A 98 -15.54 17.14 -26.07
N VAL A 99 -15.94 17.71 -27.21
CA VAL A 99 -15.90 17.04 -28.50
C VAL A 99 -14.81 17.75 -29.30
N LYS A 100 -13.77 17.03 -29.68
CA LYS A 100 -12.67 17.59 -30.48
C LYS A 100 -12.69 17.10 -31.94
N ILE A 101 -12.31 17.98 -32.85
CA ILE A 101 -12.11 17.62 -34.25
C ILE A 101 -10.61 17.63 -34.48
N TRP A 102 -10.10 16.54 -35.04
CA TRP A 102 -8.66 16.39 -35.20
C TRP A 102 -8.30 16.22 -36.65
N ASP A 103 -7.06 16.55 -36.96
CA ASP A 103 -6.44 16.22 -38.24
C ASP A 103 -5.36 15.19 -37.95
N VAL A 104 -5.52 13.97 -38.46
CA VAL A 104 -4.55 12.90 -38.16
C VAL A 104 -3.18 13.12 -38.82
N GLU A 105 -3.13 13.97 -39.83
CA GLU A 105 -1.84 14.23 -40.48
C GLU A 105 -0.86 14.89 -39.50
N THR A 106 -1.33 15.91 -38.82
CA THR A 106 -0.47 16.57 -37.85
C THR A 106 -0.79 16.18 -36.39
N LYS A 107 -1.82 15.37 -36.18
CA LYS A 107 -2.28 14.99 -34.83
C LYS A 107 -2.62 16.19 -33.99
N THR A 108 -3.34 17.15 -34.56
CA THR A 108 -3.68 18.35 -33.83
C THR A 108 -5.17 18.59 -33.80
N VAL A 109 -5.63 19.36 -32.82
CA VAL A 109 -7.03 19.74 -32.71
C VAL A 109 -7.34 20.88 -33.70
N VAL A 110 -8.27 20.62 -34.62
CA VAL A 110 -8.73 21.62 -35.59
C VAL A 110 -9.63 22.61 -34.87
N THR A 111 -10.60 22.07 -34.15
CA THR A 111 -11.55 22.87 -33.38
C THR A 111 -12.22 21.96 -32.37
N GLU A 112 -13.04 22.51 -31.48
CA GLU A 112 -13.70 21.74 -30.43
C GLU A 112 -14.85 22.49 -29.77
N HIS A 113 -15.70 21.75 -29.09
CA HIS A 113 -16.79 22.37 -28.33
C HIS A 113 -16.96 21.75 -26.97
N ALA A 114 -17.69 22.45 -26.10
CA ALA A 114 -17.98 21.96 -24.77
C ALA A 114 -19.46 22.15 -24.51
N LEU A 115 -20.24 21.85 -25.53
CA LEU A 115 -21.69 22.06 -25.47
C LEU A 115 -22.42 21.14 -24.49
N HIS A 116 -21.95 19.89 -24.35
CA HIS A 116 -22.61 18.95 -23.46
C HIS A 116 -22.46 19.34 -22.01
N GLN A 117 -23.57 19.23 -21.28
CA GLN A 117 -23.60 19.56 -19.86
C GLN A 117 -23.59 18.28 -19.01
N HIS A 118 -23.62 17.11 -19.67
CA HIS A 118 -23.66 15.79 -19.02
C HIS A 118 -22.68 14.86 -19.69
N THR A 119 -22.34 13.75 -19.03
CA THR A 119 -21.30 12.84 -19.56
C THR A 119 -21.67 12.37 -20.98
N ILE A 120 -20.75 12.56 -21.93
CA ILE A 120 -21.02 12.21 -23.32
C ILE A 120 -20.99 10.71 -23.47
N SER A 121 -21.97 10.17 -24.20
CA SER A 121 -22.05 8.73 -24.47
C SER A 121 -21.27 8.34 -25.72
N THR A 122 -21.50 9.03 -26.82
CA THR A 122 -20.94 8.63 -28.11
C THR A 122 -21.10 9.78 -29.09
N LEU A 123 -20.47 9.64 -30.25
CA LEU A 123 -20.67 10.60 -31.34
C LEU A 123 -20.49 9.92 -32.68
N HIS A 124 -20.99 10.57 -33.73
CA HIS A 124 -20.89 10.04 -35.08
C HIS A 124 -20.74 11.14 -36.10
N TRP A 125 -19.76 11.01 -36.99
CA TRP A 125 -19.61 11.95 -38.12
C TRP A 125 -20.68 11.61 -39.11
N SER A 126 -21.44 12.61 -39.58
CA SER A 126 -22.46 12.38 -40.60
C SER A 126 -21.85 11.73 -41.83
N PRO A 127 -22.44 10.62 -42.30
CA PRO A 127 -22.02 10.04 -43.57
C PRO A 127 -22.45 10.90 -44.79
N ARG A 128 -23.36 11.85 -44.57
CA ARG A 128 -23.94 12.64 -45.68
C ARG A 128 -23.55 14.11 -45.70
N VAL A 129 -23.31 14.72 -44.54
CA VAL A 129 -22.99 16.14 -44.45
C VAL A 129 -21.54 16.26 -44.00
N LYS A 130 -20.70 16.84 -44.86
CA LYS A 130 -19.25 16.78 -44.69
C LYS A 130 -18.73 17.36 -43.39
N ASP A 131 -19.42 18.33 -42.81
CA ASP A 131 -18.89 18.96 -41.61
C ASP A 131 -19.75 18.75 -40.36
N LEU A 132 -20.66 17.78 -40.42
CA LEU A 132 -21.61 17.52 -39.33
C LEU A 132 -21.15 16.36 -38.43
N ILE A 133 -21.08 16.64 -37.12
CA ILE A 133 -20.80 15.61 -36.13
C ILE A 133 -21.93 15.67 -35.12
N VAL A 134 -22.57 14.52 -34.88
CA VAL A 134 -23.67 14.42 -33.95
C VAL A 134 -23.21 13.68 -32.66
N SER A 135 -23.38 14.30 -31.50
CA SER A 135 -23.00 13.69 -30.22
C SER A 135 -24.20 13.55 -29.29
N GLY A 136 -24.18 12.54 -28.41
CA GLY A 136 -25.28 12.28 -27.49
C GLY A 136 -24.76 12.05 -26.08
N ASP A 137 -25.51 12.49 -25.07
CA ASP A 137 -25.06 12.34 -23.69
C ASP A 137 -25.95 11.47 -22.82
N GLU A 138 -25.51 11.26 -21.59
CA GLU A 138 -26.17 10.31 -20.71
C GLU A 138 -27.49 10.82 -20.14
N LYS A 139 -27.83 12.08 -20.42
CA LYS A 139 -29.15 12.61 -20.06
C LYS A 139 -30.12 12.54 -21.24
N GLY A 140 -29.58 12.35 -22.45
CA GLY A 140 -30.41 12.24 -23.64
C GLY A 140 -30.35 13.45 -24.54
N VAL A 141 -29.45 14.38 -24.23
CA VAL A 141 -29.29 15.57 -25.05
C VAL A 141 -28.41 15.23 -26.24
N VAL A 142 -28.86 15.66 -27.41
CA VAL A 142 -28.08 15.52 -28.62
C VAL A 142 -27.68 16.90 -29.13
N PHE A 143 -26.40 17.05 -29.48
CA PHE A 143 -25.95 18.20 -30.20
C PHE A 143 -25.55 17.88 -31.63
N CYS A 144 -26.09 18.66 -32.57
CA CYS A 144 -25.54 18.72 -33.92
C CYS A 144 -24.50 19.81 -34.00
N TYR A 145 -23.37 19.50 -34.61
CA TYR A 145 -22.27 20.41 -34.66
C TYR A 145 -21.68 20.45 -36.08
N TRP A 146 -21.74 21.63 -36.71
CA TRP A 146 -21.16 21.84 -38.02
C TRP A 146 -19.87 22.57 -37.84
N PHE A 147 -18.75 21.87 -37.98
CA PHE A 147 -17.48 22.35 -37.47
C PHE A 147 -16.90 23.52 -38.26
N ASN A 148 -17.34 23.65 -39.52
CA ASN A 148 -16.87 24.74 -40.37
C ASN A 148 -17.55 26.08 -40.12
N ARG A 149 -18.87 26.05 -39.98
CA ARG A 149 -19.63 27.27 -39.71
C ARG A 149 -19.67 27.55 -38.21
N ASN A 150 -19.08 26.62 -37.45
CA ASN A 150 -19.11 26.65 -35.99
C ASN A 150 -20.50 26.72 -35.37
N ASP A 151 -21.50 26.27 -36.13
CA ASP A 151 -22.87 26.26 -35.66
C ASP A 151 -23.17 24.99 -34.89
N SER A 152 -24.18 25.07 -34.05
CA SER A 152 -24.65 23.91 -33.32
C SER A 152 -26.13 24.00 -33.11
N GLN A 153 -26.74 22.85 -32.89
CA GLN A 153 -28.14 22.78 -32.54
C GLN A 153 -28.30 21.82 -31.37
N HIS A 154 -29.08 22.26 -30.39
CA HIS A 154 -29.40 21.48 -29.21
C HIS A 154 -30.70 20.74 -29.42
N LEU A 155 -30.68 19.43 -29.21
CA LEU A 155 -31.88 18.64 -29.31
C LEU A 155 -32.07 17.83 -28.02
N PHE A 156 -33.12 18.10 -27.27
CA PHE A 156 -33.37 17.27 -26.12
C PHE A 156 -34.59 16.42 -26.36
N ILE A 157 -34.32 15.20 -26.78
CA ILE A 157 -35.32 14.27 -27.28
C ILE A 157 -36.15 13.69 -26.14
N GLU A 158 -35.52 12.83 -25.35
CA GLU A 158 -36.16 12.14 -24.24
C GLU A 158 -35.21 12.09 -23.06
N PRO A 159 -35.72 12.31 -21.83
CA PRO A 159 -34.94 12.09 -20.61
C PRO A 159 -34.59 10.61 -20.50
N ARG A 160 -33.45 10.22 -21.09
CA ARG A 160 -33.14 8.80 -21.26
C ARG A 160 -31.66 8.66 -21.58
N THR A 161 -31.02 7.62 -21.05
CA THR A 161 -29.56 7.49 -21.18
CA THR A 161 -29.57 7.48 -21.17
C THR A 161 -29.17 6.92 -22.53
N ILE A 162 -28.60 7.77 -23.37
CA ILE A 162 -28.10 7.33 -24.66
C ILE A 162 -26.90 6.37 -24.49
N PHE A 163 -26.95 5.24 -25.21
CA PHE A 163 -25.82 4.34 -25.34
C PHE A 163 -25.19 4.45 -26.72
N CYS A 164 -25.99 4.50 -27.78
CA CYS A 164 -25.41 4.53 -29.13
C CYS A 164 -26.24 5.42 -30.04
N LEU A 165 -25.61 5.86 -31.11
CA LEU A 165 -26.20 6.81 -32.03
C LEU A 165 -25.55 6.53 -33.38
N THR A 166 -26.36 6.43 -34.44
CA THR A 166 -25.82 6.18 -35.77
C THR A 166 -26.65 6.99 -36.78
N CYS A 167 -25.99 7.92 -37.45
CA CYS A 167 -26.62 8.68 -38.54
C CYS A 167 -26.88 7.77 -39.73
N SER A 168 -28.00 7.99 -40.41
CA SER A 168 -28.34 7.21 -41.59
C SER A 168 -27.32 7.47 -42.69
N PRO A 169 -26.91 6.41 -43.42
CA PRO A 169 -26.03 6.63 -44.57
C PRO A 169 -26.79 7.16 -45.77
N HIS A 170 -28.12 7.12 -45.71
CA HIS A 170 -28.93 7.42 -46.87
C HIS A 170 -29.61 8.75 -46.79
N HIS A 171 -30.02 9.12 -45.59
CA HIS A 171 -30.81 10.32 -45.38
CA HIS A 171 -30.79 10.35 -45.40
C HIS A 171 -30.14 11.25 -44.41
N GLU A 172 -29.73 12.41 -44.91
CA GLU A 172 -28.94 13.38 -44.14
C GLU A 172 -29.60 13.90 -42.86
N ASP A 173 -30.92 13.76 -42.76
CA ASP A 173 -31.65 14.30 -41.61
C ASP A 173 -31.95 13.26 -40.52
N LEU A 174 -31.81 11.97 -40.84
CA LEU A 174 -32.24 10.90 -39.92
C LEU A 174 -31.10 10.33 -39.07
N VAL A 175 -31.35 10.22 -37.78
CA VAL A 175 -30.38 9.67 -36.83
C VAL A 175 -31.10 8.65 -35.97
N ALA A 176 -30.51 7.47 -35.84
CA ALA A 176 -31.03 6.43 -34.96
C ALA A 176 -30.33 6.52 -33.60
N ILE A 177 -31.07 6.37 -32.51
CA ILE A 177 -30.54 6.48 -31.16
C ILE A 177 -31.01 5.31 -30.32
N GLY A 178 -30.08 4.74 -29.56
CA GLY A 178 -30.32 3.56 -28.72
C GLY A 178 -29.97 3.87 -27.28
N TYR A 179 -30.83 3.43 -26.37
CA TYR A 179 -30.74 3.81 -24.98
C TYR A 179 -30.43 2.64 -24.06
N LYS A 180 -30.03 2.98 -22.82
CA LYS A 180 -29.66 2.00 -21.81
C LYS A 180 -30.81 1.05 -21.49
N ASP A 181 -32.04 1.55 -21.62
CA ASP A 181 -33.23 0.75 -21.27
C ASP A 181 -33.82 -0.04 -22.43
N GLY A 182 -33.23 0.04 -23.62
CA GLY A 182 -33.71 -0.79 -24.74
C GLY A 182 -34.56 -0.05 -25.75
N ILE A 183 -34.90 1.19 -25.44
CA ILE A 183 -35.59 2.08 -26.38
C ILE A 183 -34.69 2.39 -27.58
N VAL A 184 -35.28 2.35 -28.78
CA VAL A 184 -34.62 2.76 -30.00
C VAL A 184 -35.55 3.74 -30.69
N VAL A 185 -35.03 4.90 -31.10
CA VAL A 185 -35.80 5.84 -31.92
C VAL A 185 -35.05 6.26 -33.17
N ILE A 186 -35.78 6.79 -34.14
CA ILE A 186 -35.21 7.49 -35.29
C ILE A 186 -35.76 8.90 -35.21
N ILE A 187 -34.85 9.87 -35.17
CA ILE A 187 -35.24 11.26 -35.07
C ILE A 187 -34.87 11.99 -36.34
N ASP A 188 -35.56 13.10 -36.58
CA ASP A 188 -35.27 13.95 -37.71
C ASP A 188 -34.65 15.26 -37.22
N ILE A 189 -33.38 15.45 -37.53
CA ILE A 189 -32.67 16.63 -37.00
C ILE A 189 -33.05 17.92 -37.72
N SER A 190 -33.76 17.83 -38.85
CA SER A 190 -34.28 19.04 -39.53
C SER A 190 -35.61 19.51 -38.94
N LYS A 191 -36.23 18.64 -38.13
CA LYS A 191 -37.51 18.92 -37.52
C LYS A 191 -37.35 18.97 -36.01
N LYS A 192 -36.30 19.67 -35.58
CA LYS A 192 -35.98 19.85 -34.16
C LYS A 192 -35.88 18.53 -33.40
N GLY A 193 -35.35 17.48 -34.04
CA GLY A 193 -35.19 16.19 -33.38
C GLY A 193 -36.49 15.45 -33.16
N GLU A 194 -37.54 15.81 -33.91
CA GLU A 194 -38.80 15.08 -33.86
C GLU A 194 -38.57 13.58 -34.05
N VAL A 195 -39.24 12.78 -33.23
CA VAL A 195 -39.18 11.32 -33.30
C VAL A 195 -40.04 10.79 -34.42
N ILE A 196 -39.41 10.22 -35.44
CA ILE A 196 -40.14 9.67 -36.59
C ILE A 196 -40.60 8.22 -36.36
N HIS A 197 -39.76 7.44 -35.67
CA HIS A 197 -40.12 6.06 -35.37
C HIS A 197 -39.71 5.70 -33.99
N ARG A 198 -40.54 4.90 -33.35
CA ARG A 198 -40.21 4.26 -32.10
C ARG A 198 -40.17 2.77 -32.40
N LEU A 199 -38.98 2.21 -32.30
CA LEU A 199 -38.77 0.80 -32.60
C LEU A 199 -38.78 0.02 -31.29
N ARG A 200 -39.93 -0.59 -30.99
CA ARG A 200 -40.17 -1.25 -29.69
C ARG A 200 -39.91 -2.73 -29.80
N GLY A 201 -39.14 -3.27 -28.87
CA GLY A 201 -38.80 -4.69 -28.91
C GLY A 201 -37.74 -5.12 -27.93
N HIS A 202 -36.68 -4.32 -27.81
CA HIS A 202 -35.59 -4.65 -26.90
C HIS A 202 -35.94 -4.30 -25.49
N ASP A 203 -35.47 -5.11 -24.54
CA ASP A 203 -35.70 -4.74 -23.13
C ASP A 203 -34.42 -4.58 -22.29
N ASP A 204 -33.29 -4.31 -22.94
CA ASP A 204 -32.05 -4.02 -22.22
C ASP A 204 -31.14 -3.21 -23.15
N GLU A 205 -29.99 -2.77 -22.63
CA GLU A 205 -29.10 -1.82 -23.32
C GLU A 205 -28.98 -2.05 -24.81
N ILE A 206 -29.09 -0.97 -25.59
CA ILE A 206 -28.75 -1.09 -27.01
C ILE A 206 -27.27 -0.81 -27.14
N HIS A 207 -26.55 -1.74 -27.74
CA HIS A 207 -25.09 -1.62 -27.89
C HIS A 207 -24.66 -1.13 -29.25
N SER A 208 -25.48 -1.38 -30.27
CA SER A 208 -25.10 -1.01 -31.63
CA SER A 208 -25.11 -1.02 -31.63
C SER A 208 -26.33 -0.82 -32.52
N ILE A 209 -26.22 0.11 -33.44
CA ILE A 209 -27.24 0.31 -34.46
C ILE A 209 -26.52 0.38 -35.80
N ALA A 210 -26.89 -0.49 -36.72
CA ALA A 210 -26.31 -0.47 -38.06
C ALA A 210 -27.41 -0.36 -39.11
N TRP A 211 -27.33 0.68 -39.94
CA TRP A 211 -28.25 0.79 -41.07
C TRP A 211 -27.88 -0.16 -42.17
N CYS A 212 -28.88 -0.70 -42.87
CA CYS A 212 -28.56 -1.49 -44.08
C CYS A 212 -27.78 -0.57 -45.06
N PRO A 213 -26.66 -1.06 -45.63
CA PRO A 213 -25.91 -0.19 -46.52
C PRO A 213 -26.57 0.05 -47.90
N LEU A 214 -27.61 -0.71 -48.22
CA LEU A 214 -28.44 -0.44 -49.40
C LEU A 214 -29.72 0.21 -48.94
N PRO A 215 -30.16 1.27 -49.64
CA PRO A 215 -31.45 1.90 -49.30
C PRO A 215 -32.62 1.04 -49.80
N GLY A 216 -33.82 1.32 -49.30
CA GLY A 216 -35.02 0.62 -49.77
C GLY A 216 -35.28 -0.67 -49.04
N GLU A 217 -36.46 -1.24 -49.26
CA GLU A 217 -36.88 -2.44 -48.54
C GLU A 217 -37.28 -3.58 -49.49
N ASP A 218 -36.45 -3.80 -50.50
CA ASP A 218 -36.65 -4.86 -51.50
C ASP A 218 -35.38 -5.70 -51.66
N CYS A 219 -34.62 -5.84 -50.58
CA CYS A 219 -33.31 -6.49 -50.66
CA CYS A 219 -33.29 -6.45 -50.63
C CYS A 219 -33.06 -7.43 -49.47
N LEU A 220 -34.15 -7.98 -48.93
CA LEU A 220 -34.11 -8.83 -47.74
C LEU A 220 -35.26 -9.84 -47.71
N SER A 221 -34.93 -11.10 -47.41
CA SER A 221 -35.90 -12.19 -47.30
C SER A 221 -36.73 -12.12 -46.01
N ILE A 222 -38.00 -11.74 -46.16
CA ILE A 222 -38.92 -11.60 -45.01
C ILE A 222 -40.28 -12.26 -45.27
N GLY A 247 -38.13 4.01 -47.70
CA GLY A 247 -37.79 3.08 -46.62
C GLY A 247 -36.35 2.58 -46.61
N CYS A 248 -36.01 1.87 -45.53
CA CYS A 248 -34.67 1.30 -45.31
CA CYS A 248 -34.73 1.20 -45.39
C CYS A 248 -34.75 0.30 -44.17
N TYR A 249 -33.82 -0.64 -44.12
CA TYR A 249 -33.75 -1.54 -42.99
C TYR A 249 -32.64 -1.07 -42.05
N LEU A 250 -32.80 -1.34 -40.76
CA LEU A 250 -31.69 -1.19 -39.82
C LEU A 250 -31.72 -2.30 -38.77
N ALA A 251 -30.55 -2.56 -38.18
CA ALA A 251 -30.33 -3.64 -37.24
C ALA A 251 -29.85 -3.08 -35.90
N THR A 252 -30.35 -3.64 -34.81
CA THR A 252 -29.94 -3.20 -33.48
C THR A 252 -29.48 -4.43 -32.70
N GLY A 253 -28.39 -4.26 -31.94
CA GLY A 253 -27.86 -5.34 -31.11
C GLY A 253 -27.99 -4.93 -29.66
N SER A 254 -28.34 -5.88 -28.81
CA SER A 254 -28.69 -5.53 -27.43
C SER A 254 -28.12 -6.51 -26.40
N LYS A 255 -27.89 -6.00 -25.20
CA LYS A 255 -27.59 -6.80 -24.03
C LYS A 255 -28.66 -7.89 -23.77
N ASP A 256 -29.85 -7.73 -24.35
CA ASP A 256 -30.92 -8.73 -24.21
C ASP A 256 -30.69 -9.98 -25.07
N GLN A 257 -29.51 -10.04 -25.71
CA GLN A 257 -29.07 -11.19 -26.50
C GLN A 257 -29.78 -11.38 -27.83
N THR A 258 -30.45 -10.35 -28.31
CA THR A 258 -31.03 -10.42 -29.64
C THR A 258 -30.51 -9.31 -30.55
N ILE A 259 -30.56 -9.62 -31.84
CA ILE A 259 -30.39 -8.65 -32.92
C ILE A 259 -31.76 -8.50 -33.58
N ARG A 260 -32.24 -7.28 -33.68
CA ARG A 260 -33.53 -7.02 -34.33
C ARG A 260 -33.32 -6.22 -35.61
N ILE A 261 -33.98 -6.66 -36.68
CA ILE A 261 -34.01 -5.93 -37.95
C ILE A 261 -35.36 -5.24 -38.07
N TRP A 262 -35.34 -3.97 -38.46
CA TRP A 262 -36.50 -3.11 -38.43
C TRP A 262 -36.74 -2.54 -39.78
N SER A 263 -38.03 -2.27 -40.06
CA SER A 263 -38.46 -1.62 -41.28
C SER A 263 -38.70 -0.14 -40.96
N CYS A 264 -37.96 0.73 -41.66
CA CYS A 264 -38.02 2.17 -41.42
CA CYS A 264 -37.98 2.16 -41.43
C CYS A 264 -39.17 2.85 -42.13
N SER A 265 -40.01 2.06 -42.79
CA SER A 265 -41.21 2.59 -43.42
C SER A 265 -42.41 2.31 -42.54
N ARG A 266 -42.43 1.11 -41.97
CA ARG A 266 -43.55 0.65 -41.19
C ARG A 266 -43.25 0.70 -39.69
N GLY A 267 -42.06 1.18 -39.33
CA GLY A 267 -41.63 1.32 -37.93
C GLY A 267 -41.83 0.09 -37.05
N ARG A 268 -41.69 -1.10 -37.63
CA ARG A 268 -41.86 -2.35 -36.91
C ARG A 268 -40.73 -3.32 -37.22
N GLY A 269 -40.56 -4.30 -36.32
CA GLY A 269 -39.60 -5.40 -36.53
C GLY A 269 -39.99 -6.29 -37.68
N VAL A 270 -39.00 -6.80 -38.39
CA VAL A 270 -39.22 -7.75 -39.49
C VAL A 270 -38.41 -9.03 -39.33
N MET A 271 -37.53 -9.06 -38.32
CA MET A 271 -36.67 -10.22 -38.08
C MET A 271 -36.04 -10.16 -36.69
N ILE A 272 -35.98 -11.30 -36.00
CA ILE A 272 -35.28 -11.39 -34.71
CA ILE A 272 -35.27 -11.40 -34.73
C ILE A 272 -34.24 -12.52 -34.77
N LEU A 273 -33.00 -12.18 -34.43
CA LEU A 273 -31.93 -13.16 -34.35
C LEU A 273 -31.56 -13.28 -32.89
N LYS A 274 -31.52 -14.52 -32.40
CA LYS A 274 -31.15 -14.77 -31.02
C LYS A 274 -29.77 -15.38 -30.98
N LEU A 275 -28.90 -14.83 -30.16
CA LEU A 275 -27.53 -15.32 -30.06
C LEU A 275 -27.52 -16.76 -29.57
N PRO A 276 -26.65 -17.59 -30.15
CA PRO A 276 -26.51 -18.98 -29.71
C PRO A 276 -25.58 -19.12 -28.50
N PHE A 277 -25.66 -20.27 -27.82
CA PHE A 277 -24.70 -20.67 -26.79
C PHE A 277 -23.83 -21.82 -27.27
N LYS A 290 -24.58 -15.31 -15.25
CA LYS A 290 -24.82 -14.25 -16.22
C LYS A 290 -23.53 -13.92 -16.99
N GLU A 291 -23.42 -14.50 -18.19
CA GLU A 291 -22.29 -14.32 -19.08
C GLU A 291 -22.20 -12.87 -19.59
N ARG A 292 -20.99 -12.30 -19.59
CA ARG A 292 -20.75 -10.99 -20.21
C ARG A 292 -21.25 -10.95 -21.64
N LEU A 293 -21.83 -9.82 -22.04
CA LEU A 293 -22.17 -9.62 -23.46
C LEU A 293 -22.06 -8.16 -23.88
N TRP A 294 -21.34 -7.92 -24.96
CA TRP A 294 -21.49 -6.69 -25.71
C TRP A 294 -21.87 -7.15 -27.08
N LEU A 295 -23.00 -6.66 -27.60
CA LEU A 295 -23.49 -7.17 -28.89
C LEU A 295 -23.38 -6.09 -29.95
N THR A 296 -22.30 -6.10 -30.72
CA THR A 296 -22.10 -5.05 -31.71
C THR A 296 -22.22 -5.60 -33.12
N LEU A 297 -22.37 -4.71 -34.11
CA LEU A 297 -22.77 -5.13 -35.45
C LEU A 297 -21.91 -4.48 -36.51
N HIS A 298 -21.73 -5.18 -37.62
CA HIS A 298 -21.20 -4.59 -38.85
C HIS A 298 -21.99 -5.13 -40.02
N TRP A 299 -22.53 -4.25 -40.84
CA TRP A 299 -23.36 -4.68 -41.99
C TRP A 299 -22.60 -4.46 -43.28
N PRO A 300 -22.03 -5.54 -43.84
CA PRO A 300 -21.10 -5.37 -44.99
C PRO A 300 -21.78 -4.83 -46.25
N SER A 301 -21.15 -3.86 -46.90
CA SER A 301 -21.68 -3.24 -48.12
C SER A 301 -21.73 -4.21 -49.32
N ASN A 302 -20.72 -5.06 -49.44
CA ASN A 302 -20.63 -5.96 -50.59
C ASN A 302 -21.50 -7.21 -50.46
N GLN A 303 -21.89 -7.53 -49.22
CA GLN A 303 -22.78 -8.66 -48.97
C GLN A 303 -23.94 -8.24 -48.06
N PRO A 304 -24.89 -7.42 -48.56
CA PRO A 304 -25.95 -6.88 -47.70
C PRO A 304 -27.00 -7.87 -47.16
N THR A 305 -26.97 -9.13 -47.63
CA THR A 305 -27.84 -10.13 -47.02
C THR A 305 -27.14 -10.82 -45.86
N GLN A 306 -25.89 -10.41 -45.60
CA GLN A 306 -25.15 -10.92 -44.44
CA GLN A 306 -25.09 -10.90 -44.46
C GLN A 306 -25.03 -9.83 -43.38
N LEU A 307 -24.84 -10.26 -42.13
CA LEU A 307 -24.69 -9.31 -41.02
C LEU A 307 -23.70 -9.89 -40.04
N VAL A 308 -22.69 -9.10 -39.65
CA VAL A 308 -21.70 -9.59 -38.70
C VAL A 308 -22.04 -9.09 -37.31
N SER A 309 -21.96 -9.98 -36.32
CA SER A 309 -22.13 -9.59 -34.95
C SER A 309 -21.04 -10.18 -34.06
N SER A 310 -20.87 -9.57 -32.89
CA SER A 310 -20.12 -10.18 -31.80
C SER A 310 -21.10 -11.08 -31.04
N CYS A 311 -20.58 -11.84 -30.08
CA CYS A 311 -21.37 -12.85 -29.37
C CYS A 311 -20.71 -13.10 -28.03
N PHE A 312 -21.29 -13.97 -27.20
CA PHE A 312 -20.64 -14.33 -25.91
C PHE A 312 -19.18 -14.71 -26.11
N GLY A 313 -18.34 -14.31 -25.15
CA GLY A 313 -16.95 -14.72 -25.13
C GLY A 313 -16.12 -13.98 -26.18
N GLY A 314 -16.71 -13.00 -26.86
CA GLY A 314 -16.01 -12.31 -27.94
C GLY A 314 -15.97 -13.02 -29.27
N GLU A 315 -16.71 -14.13 -29.42
CA GLU A 315 -16.82 -14.81 -30.71
C GLU A 315 -17.54 -13.90 -31.71
N LEU A 316 -17.16 -14.03 -32.99
CA LEU A 316 -17.76 -13.25 -34.05
C LEU A 316 -18.54 -14.19 -34.96
N LEU A 317 -19.70 -13.71 -35.39
CA LEU A 317 -20.63 -14.48 -36.19
C LEU A 317 -20.98 -13.75 -37.48
N GLN A 318 -21.11 -14.51 -38.57
CA GLN A 318 -21.67 -13.96 -39.81
C GLN A 318 -23.06 -14.57 -40.01
N TRP A 319 -24.08 -13.72 -39.92
CA TRP A 319 -25.47 -14.15 -40.07
C TRP A 319 -25.95 -14.04 -41.51
N ASP A 320 -26.65 -15.09 -41.96
CA ASP A 320 -27.26 -15.08 -43.28
C ASP A 320 -28.70 -14.62 -43.08
N LEU A 321 -29.03 -13.42 -43.55
CA LEU A 321 -30.35 -12.86 -43.33
C LEU A 321 -31.41 -13.46 -44.24
N THR A 322 -30.99 -14.13 -45.30
CA THR A 322 -31.93 -14.82 -46.21
C THR A 322 -32.53 -16.05 -45.55
N GLN A 323 -31.89 -16.51 -44.47
CA GLN A 323 -32.47 -17.53 -43.59
C GLN A 323 -33.02 -16.84 -42.33
N LYS A 328 -27.84 -20.68 -40.36
CA LYS A 328 -28.22 -19.39 -39.78
C LYS A 328 -27.03 -18.42 -39.57
N TYR A 329 -25.99 -18.91 -38.90
CA TYR A 329 -24.78 -18.15 -38.60
C TYR A 329 -23.55 -19.00 -38.87
N THR A 330 -22.44 -18.36 -39.22
CA THR A 330 -21.15 -19.02 -39.35
C THR A 330 -20.21 -18.40 -38.32
N LEU A 331 -19.51 -19.23 -37.55
CA LEU A 331 -18.53 -18.74 -36.57
C LEU A 331 -17.27 -18.31 -37.31
N PHE A 332 -16.71 -17.15 -36.96
CA PHE A 332 -15.42 -16.72 -37.52
C PHE A 332 -14.32 -17.73 -37.12
N SER A 333 -13.33 -17.93 -37.99
CA SER A 333 -12.21 -18.83 -37.72
CA SER A 333 -12.20 -18.85 -37.75
C SER A 333 -12.68 -20.19 -37.18
N ALA A 334 -13.66 -20.79 -37.86
CA ALA A 334 -14.25 -22.05 -37.41
C ALA A 334 -13.25 -23.21 -37.38
N SER A 335 -12.28 -23.20 -38.28
CA SER A 335 -11.29 -24.28 -38.35
C SER A 335 -10.14 -24.13 -37.36
N SER A 336 -9.99 -22.96 -36.76
CA SER A 336 -9.10 -22.78 -35.59
C SER A 336 -9.70 -21.74 -34.64
N GLU A 337 -10.66 -22.22 -33.85
CA GLU A 337 -11.49 -21.40 -32.98
C GLU A 337 -10.65 -20.52 -32.04
N GLY A 338 -9.44 -20.99 -31.70
CA GLY A 338 -8.51 -20.29 -30.81
C GLY A 338 -7.97 -18.95 -31.30
N GLN A 339 -8.23 -18.61 -32.57
CA GLN A 339 -7.86 -17.29 -33.08
C GLN A 339 -8.91 -16.25 -32.70
N ASN A 340 -10.08 -16.71 -32.24
CA ASN A 340 -11.14 -15.81 -31.76
C ASN A 340 -10.64 -15.09 -30.50
N HIS A 341 -11.25 -13.94 -30.21
CA HIS A 341 -11.09 -13.29 -28.92
C HIS A 341 -11.57 -14.20 -27.81
N SER A 342 -11.13 -13.95 -26.58
CA SER A 342 -11.52 -14.77 -25.43
C SER A 342 -12.41 -14.03 -24.43
N ARG A 343 -12.66 -12.74 -24.70
CA ARG A 343 -13.60 -11.93 -23.94
C ARG A 343 -14.44 -11.10 -24.93
N ILE A 344 -15.54 -10.54 -24.43
CA ILE A 344 -16.45 -9.73 -25.26
C ILE A 344 -15.73 -8.72 -26.16
N VAL A 345 -16.26 -8.61 -27.37
CA VAL A 345 -15.83 -7.64 -28.36
C VAL A 345 -16.71 -6.41 -28.27
N PHE A 346 -16.09 -5.22 -28.32
CA PHE A 346 -16.83 -3.99 -28.23
C PHE A 346 -17.09 -3.30 -29.56
N ASN A 347 -16.05 -3.15 -30.40
CA ASN A 347 -16.21 -2.41 -31.67
C ASN A 347 -15.74 -3.27 -32.84
N LEU A 348 -16.44 -3.14 -33.98
CA LEU A 348 -16.06 -3.76 -35.25
C LEU A 348 -15.94 -2.63 -36.28
N CYS A 349 -14.84 -2.61 -37.04
CA CYS A 349 -14.56 -1.49 -37.97
CA CYS A 349 -14.54 -1.52 -37.92
C CYS A 349 -14.06 -2.02 -39.30
N PRO A 350 -14.85 -1.82 -40.38
CA PRO A 350 -14.35 -2.29 -41.68
C PRO A 350 -13.24 -1.38 -42.24
N LEU A 351 -12.33 -1.97 -43.00
CA LEU A 351 -11.22 -1.21 -43.56
C LEU A 351 -10.85 -1.87 -44.87
N GLN A 352 -10.94 -1.10 -45.96
CA GLN A 352 -10.55 -1.58 -47.28
C GLN A 352 -9.18 -0.97 -47.58
N THR A 353 -8.19 -1.84 -47.74
CA THR A 353 -6.82 -1.41 -48.02
C THR A 353 -6.68 -0.89 -49.43
N GLU A 354 -5.58 -0.16 -49.70
CA GLU A 354 -5.35 0.40 -51.03
CA GLU A 354 -5.32 0.40 -51.03
CA GLU A 354 -5.32 0.40 -51.03
C GLU A 354 -5.19 -0.70 -52.08
N ASP A 355 -4.88 -1.91 -51.63
CA ASP A 355 -4.85 -3.05 -52.53
C ASP A 355 -6.17 -3.86 -52.50
N ASP A 356 -7.25 -3.19 -52.08
CA ASP A 356 -8.63 -3.72 -52.14
C ASP A 356 -8.92 -4.98 -51.33
N LYS A 357 -8.19 -5.20 -50.24
CA LYS A 357 -8.59 -6.27 -49.33
C LYS A 357 -9.64 -5.72 -48.37
N GLN A 358 -10.70 -6.48 -48.15
CA GLN A 358 -11.76 -6.04 -47.26
C GLN A 358 -11.53 -6.66 -45.89
N LEU A 359 -11.17 -5.82 -44.93
CA LEU A 359 -10.79 -6.28 -43.60
C LEU A 359 -11.81 -5.82 -42.57
N LEU A 360 -11.76 -6.44 -41.38
CA LEU A 360 -12.62 -6.01 -40.29
C LEU A 360 -11.77 -6.03 -39.03
N LEU A 361 -11.67 -4.89 -38.35
CA LEU A 361 -10.89 -4.82 -37.11
C LEU A 361 -11.83 -4.95 -35.90
N SER A 362 -11.37 -5.68 -34.88
CA SER A 362 -12.16 -5.90 -33.66
C SER A 362 -11.38 -5.50 -32.40
N THR A 363 -12.08 -4.92 -31.44
CA THR A 363 -11.47 -4.58 -30.14
C THR A 363 -12.22 -5.38 -29.10
N SER A 364 -11.61 -5.57 -27.93
CA SER A 364 -12.12 -6.55 -26.98
C SER A 364 -11.61 -6.30 -25.58
N MET A 365 -12.40 -6.74 -24.61
CA MET A 365 -11.95 -6.76 -23.24
C MET A 365 -10.67 -7.60 -23.04
N ASP A 366 -10.39 -8.55 -23.95
CA ASP A 366 -9.17 -9.39 -23.82
C ASP A 366 -7.86 -8.67 -24.19
N ARG A 367 -7.95 -7.39 -24.56
CA ARG A 367 -6.79 -6.50 -24.85
C ARG A 367 -6.04 -6.76 -26.15
N ASP A 368 -6.53 -7.69 -26.95
CA ASP A 368 -6.04 -7.87 -28.31
C ASP A 368 -6.86 -7.04 -29.29
N VAL A 369 -6.19 -6.45 -30.29
CA VAL A 369 -6.87 -5.91 -31.45
C VAL A 369 -6.67 -6.94 -32.56
N LYS A 370 -7.76 -7.38 -33.18
CA LYS A 370 -7.63 -8.37 -34.23
C LYS A 370 -8.09 -7.86 -35.59
N CYS A 371 -7.47 -8.40 -36.64
CA CYS A 371 -7.84 -8.01 -37.98
C CYS A 371 -8.31 -9.25 -38.71
N TRP A 372 -9.51 -9.17 -39.28
CA TRP A 372 -10.16 -10.29 -39.94
C TRP A 372 -10.22 -10.09 -41.44
N ASP A 373 -9.92 -11.15 -42.18
CA ASP A 373 -10.17 -11.21 -43.61
C ASP A 373 -11.62 -11.63 -43.78
N ILE A 374 -12.45 -10.67 -44.21
CA ILE A 374 -13.88 -10.92 -44.31
C ILE A 374 -14.21 -11.97 -45.39
N ALA A 375 -13.33 -12.11 -46.38
CA ALA A 375 -13.53 -13.12 -47.43
C ALA A 375 -13.51 -14.53 -46.86
N THR A 376 -12.59 -14.78 -45.92
CA THR A 376 -12.33 -16.13 -45.41
C THR A 376 -12.80 -16.35 -43.96
N LEU A 377 -13.13 -15.27 -43.27
CA LEU A 377 -13.45 -15.26 -41.83
C LEU A 377 -12.28 -15.67 -40.94
N GLU A 378 -11.07 -15.58 -41.49
CA GLU A 378 -9.84 -15.90 -40.75
C GLU A 378 -9.20 -14.67 -40.10
N CYS A 379 -8.50 -14.91 -39.00
CA CYS A 379 -7.73 -13.86 -38.36
C CYS A 379 -6.41 -13.58 -39.10
N SER A 380 -6.32 -12.43 -39.75
CA SER A 380 -5.11 -12.04 -40.48
CA SER A 380 -5.13 -12.01 -40.48
C SER A 380 -3.95 -11.73 -39.54
N TRP A 381 -4.24 -11.05 -38.44
CA TRP A 381 -3.22 -10.73 -37.45
C TRP A 381 -3.81 -10.26 -36.13
N THR A 382 -2.98 -10.27 -35.10
CA THR A 382 -3.36 -9.81 -33.77
C THR A 382 -2.33 -8.80 -33.25
N LEU A 383 -2.82 -7.66 -32.76
CA LEU A 383 -1.98 -6.69 -32.10
C LEU A 383 -2.26 -6.71 -30.60
N PRO A 384 -1.29 -7.15 -29.77
CA PRO A 384 -1.45 -7.15 -28.29
C PRO A 384 -1.31 -5.73 -27.74
N SER A 385 -1.85 -5.51 -26.54
CA SER A 385 -1.84 -4.18 -25.97
C SER A 385 -1.63 -4.28 -24.47
N LEU A 386 -1.29 -3.15 -23.84
CA LEU A 386 -0.88 -3.16 -22.43
C LEU A 386 -1.93 -2.45 -21.56
N GLY A 387 -2.22 -3.03 -20.40
CA GLY A 387 -3.25 -2.47 -19.51
C GLY A 387 -2.68 -1.78 -18.27
N GLY A 388 -1.38 -1.44 -18.30
CA GLY A 388 -0.73 -0.71 -17.18
C GLY A 388 0.64 -0.23 -17.60
N PHE A 389 1.38 0.35 -16.67
CA PHE A 389 2.75 0.82 -16.94
C PHE A 389 3.63 -0.32 -17.42
N ALA A 390 4.59 -0.01 -18.28
CA ALA A 390 5.58 -1.04 -18.65
C ALA A 390 6.73 -0.83 -17.70
N TYR A 391 6.73 -1.54 -16.58
CA TYR A 391 7.68 -1.27 -15.50
C TYR A 391 9.07 -1.82 -15.74
N SER A 392 9.15 -2.96 -16.43
CA SER A 392 10.39 -3.70 -16.55
CA SER A 392 10.39 -3.72 -16.55
C SER A 392 10.53 -4.38 -17.91
N LEU A 393 11.77 -4.46 -18.41
CA LEU A 393 12.09 -5.12 -19.68
C LEU A 393 13.34 -5.95 -19.49
N ALA A 394 13.36 -7.18 -20.01
CA ALA A 394 14.59 -7.98 -19.92
C ALA A 394 14.66 -8.95 -21.08
N PHE A 395 15.82 -9.01 -21.74
CA PHE A 395 16.05 -10.00 -22.80
C PHE A 395 16.76 -11.24 -22.24
N SER A 396 16.40 -12.42 -22.69
CA SER A 396 17.09 -13.64 -22.25
C SER A 396 18.40 -13.80 -23.01
N SER A 397 19.50 -14.08 -22.31
CA SER A 397 20.79 -14.32 -22.96
CA SER A 397 20.78 -14.30 -22.98
C SER A 397 20.89 -15.67 -23.65
N VAL A 398 19.93 -16.55 -23.37
CA VAL A 398 19.99 -17.90 -23.93
C VAL A 398 18.82 -18.24 -24.84
N ASP A 399 17.95 -17.27 -25.07
CA ASP A 399 16.87 -17.43 -26.05
C ASP A 399 16.82 -16.11 -26.79
N ILE A 400 17.57 -16.06 -27.89
CA ILE A 400 17.87 -14.79 -28.55
C ILE A 400 16.60 -14.03 -28.95
N GLY A 401 16.50 -12.79 -28.49
CA GLY A 401 15.39 -11.92 -28.84
C GLY A 401 14.15 -12.10 -28.00
N SER A 402 14.19 -13.00 -27.02
CA SER A 402 13.04 -13.25 -26.13
C SER A 402 13.00 -12.16 -25.07
N LEU A 403 11.95 -11.32 -25.14
CA LEU A 403 11.85 -10.13 -24.33
C LEU A 403 10.72 -10.29 -23.31
N ALA A 404 11.05 -10.22 -22.03
CA ALA A 404 10.01 -10.28 -21.02
C ALA A 404 9.65 -8.85 -20.62
N ILE A 405 8.35 -8.60 -20.44
CA ILE A 405 7.85 -7.27 -20.12
C ILE A 405 6.98 -7.35 -18.88
N GLY A 406 7.28 -6.53 -17.88
CA GLY A 406 6.54 -6.56 -16.62
C GLY A 406 5.56 -5.42 -16.65
N VAL A 407 4.27 -5.71 -16.54
CA VAL A 407 3.24 -4.72 -16.78
C VAL A 407 2.35 -4.53 -15.56
N GLY A 408 1.83 -3.30 -15.40
CA GLY A 408 0.97 -2.97 -14.27
C GLY A 408 -0.39 -3.66 -14.21
N ASP A 409 -0.75 -4.37 -15.27
CA ASP A 409 -2.05 -5.08 -15.30
C ASP A 409 -1.94 -6.51 -14.76
N GLY A 410 -0.80 -6.84 -14.16
CA GLY A 410 -0.62 -8.13 -13.46
C GLY A 410 -0.39 -9.32 -14.36
N MET A 411 0.13 -9.08 -15.57
CA MET A 411 0.54 -10.18 -16.45
C MET A 411 1.93 -9.90 -17.00
N ILE A 412 2.75 -10.94 -17.09
CA ILE A 412 4.07 -10.85 -17.74
C ILE A 412 3.84 -11.14 -19.22
N ARG A 413 4.40 -10.31 -20.10
CA ARG A 413 4.42 -10.63 -21.52
C ARG A 413 5.78 -11.20 -21.85
N VAL A 414 5.81 -12.21 -22.73
CA VAL A 414 7.08 -12.64 -23.33
C VAL A 414 6.91 -12.51 -24.84
N TRP A 415 7.73 -11.65 -25.41
CA TRP A 415 7.69 -11.31 -26.83
C TRP A 415 8.83 -11.99 -27.52
N ASN A 416 8.48 -12.90 -28.45
CA ASN A 416 9.45 -13.54 -29.32
C ASN A 416 9.72 -12.57 -30.46
N THR A 417 10.60 -11.61 -30.21
CA THR A 417 10.78 -10.45 -31.09
C THR A 417 11.27 -10.82 -32.49
N LEU A 418 11.95 -11.96 -32.62
CA LEU A 418 12.55 -12.33 -33.91
C LEU A 418 11.69 -13.28 -34.74
N SER A 419 10.51 -13.63 -34.22
CA SER A 419 9.55 -14.54 -34.90
C SER A 419 9.38 -14.12 -36.36
N ILE A 420 9.52 -15.04 -37.31
CA ILE A 420 9.47 -14.66 -38.74
C ILE A 420 8.05 -14.45 -39.25
N LYS A 421 7.12 -15.20 -38.69
CA LYS A 421 5.70 -15.17 -39.03
C LYS A 421 4.90 -13.97 -38.50
N ASN A 422 5.40 -13.29 -37.47
CA ASN A 422 4.57 -12.40 -36.66
C ASN A 422 5.47 -11.43 -35.91
N ASN A 423 5.22 -10.13 -36.09
CA ASN A 423 6.06 -9.10 -35.47
C ASN A 423 5.68 -8.84 -34.01
N TYR A 424 4.58 -9.44 -33.55
CA TYR A 424 4.07 -9.22 -32.19
C TYR A 424 3.72 -10.60 -31.63
N ASP A 425 4.70 -11.50 -31.66
CA ASP A 425 4.48 -12.86 -31.18
C ASP A 425 4.66 -12.83 -29.66
N VAL A 426 3.56 -12.68 -28.94
CA VAL A 426 3.60 -12.37 -27.51
C VAL A 426 2.77 -13.41 -26.75
N LYS A 427 3.32 -13.95 -25.67
CA LYS A 427 2.59 -14.86 -24.80
C LYS A 427 2.36 -14.14 -23.49
N ASN A 428 1.20 -14.36 -22.87
CA ASN A 428 0.86 -13.69 -21.64
C ASN A 428 0.87 -14.69 -20.49
N PHE A 429 1.51 -14.32 -19.38
CA PHE A 429 1.54 -15.19 -18.21
C PHE A 429 0.89 -14.47 -17.03
N TRP A 430 -0.17 -15.07 -16.50
CA TRP A 430 -0.95 -14.45 -15.41
C TRP A 430 -0.92 -15.25 -14.13
N GLN A 431 -0.75 -16.56 -14.23
CA GLN A 431 -0.85 -17.44 -13.04
C GLN A 431 0.20 -17.07 -12.02
N GLY A 432 -0.24 -16.90 -10.78
CA GLY A 432 0.66 -16.56 -9.69
C GLY A 432 1.20 -15.13 -9.76
N VAL A 433 0.71 -14.33 -10.71
CA VAL A 433 1.24 -12.96 -10.82
C VAL A 433 0.31 -12.04 -10.03
N LYS A 434 -0.73 -11.53 -10.71
CA LYS A 434 -1.90 -10.85 -10.09
C LYS A 434 -1.58 -9.61 -9.25
N SER A 435 -0.50 -8.93 -9.61
CA SER A 435 -0.09 -7.69 -8.99
C SER A 435 0.78 -7.05 -10.04
N LYS A 436 1.01 -5.75 -9.92
CA LYS A 436 1.91 -5.03 -10.85
C LYS A 436 3.27 -5.67 -10.86
N VAL A 437 3.78 -6.02 -12.05
CA VAL A 437 5.09 -6.64 -12.16
C VAL A 437 6.17 -5.56 -12.27
N THR A 438 6.87 -5.35 -11.17
CA THR A 438 7.82 -4.26 -11.05
C THR A 438 9.27 -4.65 -11.31
N ALA A 439 9.56 -5.95 -11.38
CA ALA A 439 10.94 -6.40 -11.60
C ALA A 439 10.96 -7.73 -12.36
N LEU A 440 11.98 -7.92 -13.18
CA LEU A 440 12.18 -9.18 -13.95
C LEU A 440 13.65 -9.46 -14.08
N CYS A 441 14.01 -10.75 -14.15
CA CYS A 441 15.37 -11.09 -14.50
C CYS A 441 15.43 -12.53 -14.98
N TRP A 442 15.79 -12.70 -16.25
CA TRP A 442 15.98 -14.03 -16.81
C TRP A 442 17.14 -14.71 -16.15
N HIS A 443 17.06 -16.04 -15.98
CA HIS A 443 18.24 -16.78 -15.52
C HIS A 443 19.34 -16.65 -16.56
N PRO A 444 20.60 -16.51 -16.13
CA PRO A 444 21.71 -16.31 -17.09
C PRO A 444 21.98 -17.51 -18.03
N THR A 445 21.63 -18.72 -17.62
CA THR A 445 21.94 -19.91 -18.44
C THR A 445 20.77 -20.85 -18.69
N LYS A 446 19.78 -20.83 -17.80
CA LYS A 446 18.64 -21.75 -17.95
C LYS A 446 17.56 -21.17 -18.86
N GLU A 447 17.30 -21.86 -19.97
CA GLU A 447 16.35 -21.40 -20.97
C GLU A 447 14.93 -21.42 -20.39
N GLY A 448 14.18 -20.33 -20.64
CA GLY A 448 12.78 -20.26 -20.18
C GLY A 448 12.59 -19.97 -18.70
N CYS A 449 13.68 -19.71 -17.97
CA CYS A 449 13.61 -19.50 -16.53
C CYS A 449 13.65 -18.01 -16.18
N LEU A 450 12.52 -17.51 -15.69
CA LEU A 450 12.30 -16.07 -15.48
C LEU A 450 11.90 -15.74 -14.05
N ALA A 451 12.71 -14.93 -13.38
CA ALA A 451 12.34 -14.42 -12.08
C ALA A 451 11.49 -13.16 -12.26
N PHE A 452 10.49 -12.99 -11.41
CA PHE A 452 9.65 -11.80 -11.42
C PHE A 452 9.37 -11.33 -10.00
N GLY A 453 9.08 -10.03 -9.86
CA GLY A 453 8.82 -9.40 -8.57
C GLY A 453 7.63 -8.46 -8.77
N THR A 454 6.89 -8.23 -7.69
CA THR A 454 5.65 -7.46 -7.79
C THR A 454 5.61 -6.28 -6.83
N ASP A 455 4.68 -5.36 -7.10
CA ASP A 455 4.50 -4.19 -6.27
C ASP A 455 4.11 -4.55 -4.83
N ASP A 456 3.55 -5.73 -4.62
CA ASP A 456 3.18 -6.15 -3.26
CA ASP A 456 3.15 -6.18 -3.28
C ASP A 456 4.24 -7.01 -2.57
N GLY A 457 5.45 -7.02 -3.13
CA GLY A 457 6.61 -7.63 -2.47
C GLY A 457 6.91 -9.08 -2.78
N LYS A 458 6.15 -9.65 -3.71
CA LYS A 458 6.23 -11.08 -4.04
C LYS A 458 7.39 -11.34 -5.02
N VAL A 459 8.11 -12.44 -4.79
CA VAL A 459 9.15 -12.90 -5.70
C VAL A 459 8.79 -14.28 -6.22
N GLY A 460 8.77 -14.43 -7.54
CA GLY A 460 8.44 -15.70 -8.14
C GLY A 460 9.38 -16.16 -9.24
N LEU A 461 9.24 -17.42 -9.60
CA LEU A 461 10.07 -18.02 -10.64
C LEU A 461 9.25 -18.81 -11.64
N TYR A 462 9.24 -18.31 -12.88
CA TYR A 462 8.47 -18.90 -13.98
C TYR A 462 9.29 -19.83 -14.83
N ASP A 463 8.65 -20.92 -15.25
CA ASP A 463 9.15 -21.73 -16.34
C ASP A 463 8.28 -21.38 -17.54
N THR A 464 8.77 -20.45 -18.35
CA THR A 464 7.96 -19.89 -19.44
C THR A 464 7.83 -20.86 -20.62
N TYR A 465 8.58 -21.95 -20.60
CA TYR A 465 8.39 -22.97 -21.63
C TYR A 465 7.25 -23.92 -21.26
N SER A 466 6.70 -23.75 -20.06
CA SER A 466 5.74 -24.73 -19.55
C SER A 466 4.34 -24.18 -19.38
N ASN A 467 3.42 -25.10 -19.11
CA ASN A 467 2.03 -24.82 -18.80
C ASN A 467 1.82 -24.65 -17.31
N LYS A 468 2.90 -24.59 -16.53
CA LYS A 468 2.79 -24.66 -15.07
C LYS A 468 2.68 -23.31 -14.38
N PRO A 469 1.95 -23.24 -13.26
CA PRO A 469 2.03 -21.97 -12.50
C PRO A 469 3.44 -21.79 -11.95
N PRO A 470 3.85 -20.53 -11.66
CA PRO A 470 5.22 -20.30 -11.20
C PRO A 470 5.43 -20.74 -9.75
N GLN A 471 6.67 -20.94 -9.34
CA GLN A 471 6.97 -21.09 -7.91
C GLN A 471 7.05 -19.73 -7.24
N ILE A 472 6.48 -19.62 -6.04
CA ILE A 472 6.52 -18.36 -5.30
C ILE A 472 7.44 -18.53 -4.10
N SER A 473 8.30 -17.55 -3.85
CA SER A 473 9.11 -17.57 -2.65
C SER A 473 8.24 -17.33 -1.41
N SER A 474 8.43 -18.13 -0.37
CA SER A 474 7.64 -17.98 0.86
CA SER A 474 7.63 -17.98 0.85
C SER A 474 7.97 -16.69 1.60
N THR A 475 9.13 -16.11 1.30
CA THR A 475 9.50 -14.82 1.91
C THR A 475 9.15 -13.64 0.98
N TYR A 476 8.34 -12.70 1.47
CA TYR A 476 7.91 -11.52 0.73
C TYR A 476 8.67 -10.30 1.20
N HIS A 477 8.91 -9.33 0.32
CA HIS A 477 9.31 -8.00 0.78
C HIS A 477 8.15 -7.26 1.36
N LYS A 478 8.43 -6.34 2.28
CA LYS A 478 7.37 -5.49 2.83
C LYS A 478 6.81 -4.54 1.78
N LYS A 479 7.64 -4.15 0.81
CA LYS A 479 7.25 -3.16 -0.19
C LYS A 479 7.60 -3.66 -1.59
N THR A 480 7.42 -2.80 -2.60
CA THR A 480 7.66 -3.13 -4.00
C THR A 480 8.98 -3.84 -4.21
N VAL A 481 8.99 -4.86 -5.07
CA VAL A 481 10.28 -5.44 -5.47
C VAL A 481 10.87 -4.50 -6.56
N TYR A 482 11.96 -3.81 -6.25
CA TYR A 482 12.67 -2.92 -7.19
C TYR A 482 13.45 -3.69 -8.24
N THR A 483 14.21 -4.70 -7.80
CA THR A 483 15.22 -5.34 -8.65
C THR A 483 15.38 -6.80 -8.31
N LEU A 484 15.61 -7.60 -9.34
CA LEU A 484 16.04 -9.00 -9.18
C LEU A 484 17.35 -9.17 -9.91
N ALA A 485 18.25 -9.99 -9.36
CA ALA A 485 19.51 -10.28 -10.01
C ALA A 485 19.93 -11.67 -9.62
N TRP A 486 20.59 -12.37 -10.54
CA TRP A 486 21.19 -13.65 -10.21
C TRP A 486 22.65 -13.48 -9.89
N GLY A 487 23.12 -14.18 -8.87
CA GLY A 487 24.51 -14.07 -8.44
C GLY A 487 24.93 -15.35 -7.76
N PRO A 488 26.23 -15.51 -7.48
CA PRO A 488 26.69 -16.68 -6.73
C PRO A 488 26.06 -16.68 -5.35
N PRO A 489 25.77 -17.88 -4.80
CA PRO A 489 25.23 -17.88 -3.43
C PRO A 489 26.27 -17.39 -2.43
N VAL A 490 25.80 -16.77 -1.35
CA VAL A 490 26.67 -16.36 -0.25
C VAL A 490 26.22 -17.09 1.05
N PRO A 491 27.08 -17.13 2.08
CA PRO A 491 26.65 -17.76 3.33
C PRO A 491 25.42 -17.08 3.94
N PRO A 492 24.50 -17.87 4.51
CA PRO A 492 24.64 -19.30 4.80
C PRO A 492 24.28 -20.27 3.67
N MET A 493 23.73 -19.75 2.57
CA MET A 493 23.25 -20.61 1.49
C MET A 493 24.37 -21.34 0.77
N SER A 494 25.50 -20.66 0.58
CA SER A 494 26.62 -21.22 -0.18
C SER A 494 27.29 -22.37 0.57
N LEU A 495 27.18 -22.32 1.90
CA LEU A 495 27.80 -23.30 2.79
C LEU A 495 27.10 -24.65 2.68
N PRO A 502 22.84 -25.33 -6.01
CA PRO A 502 22.52 -24.39 -7.10
C PRO A 502 23.72 -23.50 -7.44
N SER A 503 24.02 -23.38 -8.74
CA SER A 503 25.14 -22.53 -9.17
C SER A 503 24.90 -21.07 -8.81
N LEU A 504 23.65 -20.62 -8.94
CA LEU A 504 23.29 -19.22 -8.69
C LEU A 504 22.09 -19.06 -7.77
N ALA A 505 22.20 -18.11 -6.86
CA ALA A 505 21.08 -17.68 -6.04
C ALA A 505 20.35 -16.51 -6.70
N LEU A 506 19.08 -16.33 -6.32
CA LEU A 506 18.27 -15.19 -6.74
C LEU A 506 18.25 -14.11 -5.68
N TYR A 507 18.67 -12.91 -6.06
CA TYR A 507 18.67 -11.78 -5.14
C TYR A 507 17.51 -10.84 -5.47
N SER A 508 16.82 -10.36 -4.44
CA SER A 508 15.74 -9.40 -4.63
C SER A 508 15.93 -8.21 -3.68
N CYS A 509 15.65 -7.01 -4.19
CA CYS A 509 15.69 -5.79 -3.37
C CYS A 509 14.30 -5.17 -3.29
N GLY A 510 13.80 -4.99 -2.07
CA GLY A 510 12.50 -4.37 -1.83
C GLY A 510 12.59 -2.91 -1.47
N GLY A 511 11.48 -2.20 -1.64
CA GLY A 511 11.42 -0.77 -1.35
C GLY A 511 11.64 -0.43 0.11
N GLU A 512 11.45 -1.40 0.99
CA GLU A 512 11.69 -1.23 2.44
C GLU A 512 13.19 -1.20 2.77
N GLY A 513 14.02 -1.69 1.84
CA GLY A 513 15.46 -1.55 1.97
C GLY A 513 16.28 -2.80 2.16
N ILE A 514 15.61 -3.96 2.15
CA ILE A 514 16.27 -5.25 2.42
C ILE A 514 16.57 -5.93 1.09
N VAL A 515 17.77 -6.49 0.97
CA VAL A 515 18.10 -7.41 -0.11
C VAL A 515 18.02 -8.86 0.41
N LEU A 516 17.23 -9.69 -0.25
CA LEU A 516 17.08 -11.10 0.10
C LEU A 516 17.82 -12.00 -0.87
N GLN A 517 18.39 -13.07 -0.34
CA GLN A 517 18.97 -14.15 -1.13
C GLN A 517 18.02 -15.34 -1.08
N HIS A 518 17.48 -15.73 -2.24
CA HIS A 518 16.55 -16.87 -2.37
C HIS A 518 17.25 -18.01 -3.00
N ASN A 519 16.91 -19.22 -2.56
CA ASN A 519 17.42 -20.42 -3.17
C ASN A 519 16.40 -20.87 -4.20
N PRO A 520 16.75 -20.79 -5.51
CA PRO A 520 15.79 -21.09 -6.58
C PRO A 520 15.28 -22.53 -6.58
N TRP A 521 16.04 -23.43 -5.94
CA TRP A 521 15.66 -24.84 -5.78
C TRP A 521 15.00 -25.14 -4.46
N LYS A 522 14.82 -24.14 -3.60
CA LYS A 522 14.09 -24.29 -2.33
C LYS A 522 13.33 -23.02 -1.98
N LEU A 523 12.43 -22.61 -2.87
CA LEU A 523 11.75 -21.32 -2.71
C LEU A 523 10.74 -21.29 -1.57
N SER A 524 10.23 -22.46 -1.18
CA SER A 524 9.32 -22.54 -0.05
C SER A 524 10.11 -22.50 1.27
N GLY A 525 11.43 -22.64 1.16
CA GLY A 525 12.34 -22.46 2.29
C GLY A 525 12.51 -20.99 2.66
N GLU A 526 13.43 -20.71 3.58
CA GLU A 526 13.64 -19.34 4.04
C GLU A 526 14.61 -18.59 3.12
N ALA A 527 14.29 -17.33 2.85
CA ALA A 527 15.25 -16.47 2.15
C ALA A 527 16.05 -15.71 3.21
N PHE A 528 17.28 -15.36 2.88
CA PHE A 528 18.22 -14.77 3.82
C PHE A 528 18.44 -13.29 3.57
N ASP A 529 18.35 -12.50 4.63
CA ASP A 529 18.66 -11.08 4.59
C ASP A 529 20.18 -10.92 4.61
N ILE A 530 20.74 -10.48 3.47
CA ILE A 530 22.21 -10.42 3.32
C ILE A 530 22.89 -9.43 4.25
N ASN A 531 22.12 -8.51 4.83
CA ASN A 531 22.66 -7.58 5.84
C ASN A 531 23.35 -8.31 7.02
N LYS A 532 22.86 -9.50 7.36
CA LYS A 532 23.41 -10.27 8.48
C LYS A 532 24.81 -10.75 8.17
N LEU A 533 25.02 -11.20 6.94
CA LEU A 533 26.35 -11.53 6.46
C LEU A 533 27.24 -10.28 6.34
N ILE A 534 26.72 -9.22 5.73
CA ILE A 534 27.47 -7.97 5.57
C ILE A 534 27.99 -7.45 6.92
N ARG A 535 27.11 -7.38 7.91
CA ARG A 535 27.50 -6.96 9.27
C ARG A 535 28.59 -7.85 9.91
N ASP A 536 28.37 -9.16 9.88
CA ASP A 536 29.36 -10.11 10.38
CA ASP A 536 29.35 -10.11 10.37
C ASP A 536 30.72 -9.88 9.74
N THR A 537 30.79 -10.05 8.42
CA THR A 537 32.03 -9.94 7.67
C THR A 537 32.80 -8.64 7.90
N ASN A 538 32.09 -7.52 7.98
CA ASN A 538 32.72 -6.22 8.01
C ASN A 538 32.77 -5.57 9.38
N SER A 539 32.26 -6.27 10.39
CA SER A 539 32.23 -5.77 11.77
C SER A 539 31.55 -4.42 11.83
N ILE A 540 30.37 -4.34 11.22
CA ILE A 540 29.60 -3.10 11.22
C ILE A 540 28.68 -3.06 12.42
N LYS A 541 28.81 -2.03 13.23
CA LYS A 541 27.94 -1.86 14.37
C LYS A 541 26.75 -0.96 14.04
N TYR A 542 26.97 0.06 13.20
CA TYR A 542 25.98 1.12 12.95
C TYR A 542 24.67 0.67 12.26
N LYS A 543 23.77 1.64 12.06
CA LYS A 543 22.46 1.44 11.42
C LYS A 543 22.61 1.34 9.90
N LEU A 544 22.27 0.17 9.35
CA LEU A 544 22.47 -0.14 7.92
C LEU A 544 21.70 0.81 7.01
N PRO A 545 22.29 1.15 5.84
CA PRO A 545 21.51 1.98 4.90
C PRO A 545 20.33 1.19 4.32
N VAL A 546 19.33 1.91 3.81
CA VAL A 546 18.17 1.31 3.13
C VAL A 546 18.60 1.02 1.67
N HIS A 547 18.73 -0.27 1.30
CA HIS A 547 19.19 -0.63 -0.05
C HIS A 547 18.08 -0.46 -1.05
N THR A 548 18.40 0.12 -2.20
CA THR A 548 17.37 0.42 -3.20
C THR A 548 17.72 -0.16 -4.58
N GLU A 549 18.92 -0.71 -4.70
CA GLU A 549 19.36 -1.32 -5.94
C GLU A 549 20.46 -2.35 -5.66
N ILE A 550 20.48 -3.41 -6.47
CA ILE A 550 21.55 -4.39 -6.44
C ILE A 550 21.98 -4.71 -7.87
N SER A 551 23.29 -4.81 -8.08
CA SER A 551 23.82 -5.14 -9.40
C SER A 551 25.14 -5.89 -9.25
N TRP A 552 25.19 -7.07 -9.86
CA TRP A 552 26.39 -7.92 -9.84
C TRP A 552 27.25 -7.56 -11.01
N LYS A 553 28.55 -7.39 -10.76
CA LYS A 553 29.56 -7.30 -11.83
C LYS A 553 29.43 -8.56 -12.69
N ALA A 554 29.72 -8.45 -13.99
CA ALA A 554 29.50 -9.56 -14.91
C ALA A 554 30.25 -10.84 -14.50
N ASP A 555 31.39 -10.69 -13.83
CA ASP A 555 32.22 -11.84 -13.45
C ASP A 555 31.68 -12.61 -12.24
N GLY A 556 30.61 -12.10 -11.63
CA GLY A 556 30.07 -12.71 -10.41
C GLY A 556 30.96 -12.55 -9.18
N LYS A 557 31.94 -11.65 -9.24
CA LYS A 557 32.88 -11.50 -8.12
C LYS A 557 32.59 -10.34 -7.20
N ILE A 558 31.80 -9.39 -7.70
CA ILE A 558 31.57 -8.12 -7.02
C ILE A 558 30.09 -7.78 -7.09
N MET A 559 29.52 -7.45 -5.95
CA MET A 559 28.13 -6.99 -5.84
C MET A 559 28.10 -5.52 -5.47
N ALA A 560 27.32 -4.74 -6.21
CA ALA A 560 27.08 -3.35 -5.87
C ALA A 560 25.67 -3.17 -5.27
N LEU A 561 25.59 -2.43 -4.16
CA LEU A 561 24.32 -2.01 -3.59
C LEU A 561 24.18 -0.50 -3.67
N GLY A 562 23.09 -0.04 -4.28
CA GLY A 562 22.73 1.35 -4.21
C GLY A 562 21.82 1.56 -3.02
N ASN A 563 21.87 2.76 -2.44
CA ASN A 563 21.15 3.06 -1.21
C ASN A 563 20.31 4.30 -1.33
N GLU A 564 19.35 4.41 -0.42
CA GLU A 564 18.46 5.55 -0.41
C GLU A 564 19.20 6.86 -0.18
N ASP A 565 20.34 6.83 0.51
CA ASP A 565 21.05 8.09 0.80
C ASP A 565 21.93 8.55 -0.35
N GLY A 566 21.92 7.80 -1.46
CA GLY A 566 22.72 8.13 -2.64
C GLY A 566 24.00 7.34 -2.76
N SER A 567 24.40 6.68 -1.67
CA SER A 567 25.66 5.95 -1.62
C SER A 567 25.58 4.66 -2.41
N ILE A 568 26.72 4.26 -2.96
CA ILE A 568 26.86 2.97 -3.60
C ILE A 568 28.00 2.19 -2.93
N GLU A 569 27.67 0.98 -2.47
CA GLU A 569 28.64 0.15 -1.77
C GLU A 569 29.08 -1.04 -2.60
N ILE A 570 30.38 -1.31 -2.55
CA ILE A 570 31.00 -2.34 -3.36
C ILE A 570 31.51 -3.48 -2.48
N PHE A 571 30.95 -4.67 -2.70
CA PHE A 571 31.22 -5.85 -1.89
C PHE A 571 31.82 -6.98 -2.72
N GLN A 572 32.70 -7.77 -2.10
CA GLN A 572 33.41 -8.83 -2.81
C GLN A 572 33.03 -10.21 -2.27
N ILE A 573 33.02 -11.22 -3.14
CA ILE A 573 32.84 -12.62 -2.73
C ILE A 573 34.06 -13.09 -1.90
N PRO A 574 33.91 -14.17 -1.11
CA PRO A 574 32.71 -15.01 -0.94
C PRO A 574 31.79 -14.54 0.16
N ASN A 575 32.23 -13.60 0.98
CA ASN A 575 31.52 -13.26 2.22
C ASN A 575 31.02 -11.81 2.27
N LEU A 576 31.02 -11.16 1.10
CA LEU A 576 30.60 -9.77 0.95
C LEU A 576 31.44 -8.81 1.80
N LYS A 577 32.77 -8.88 1.62
CA LYS A 577 33.66 -7.90 2.24
C LYS A 577 33.44 -6.55 1.57
N LEU A 578 33.25 -5.50 2.37
CA LEU A 578 33.11 -4.17 1.81
C LEU A 578 34.48 -3.63 1.39
N ILE A 579 34.65 -3.35 0.10
CA ILE A 579 35.93 -2.81 -0.37
C ILE A 579 35.89 -1.33 -0.76
N CYS A 580 34.69 -0.78 -1.00
CA CYS A 580 34.57 0.61 -1.47
C CYS A 580 33.19 1.21 -1.22
N THR A 581 33.15 2.50 -0.86
CA THR A 581 31.91 3.26 -0.86
C THR A 581 32.02 4.42 -1.83
N ILE A 582 31.10 4.49 -2.78
CA ILE A 582 31.04 5.60 -3.72
C ILE A 582 30.01 6.61 -3.22
N GLN A 583 30.46 7.84 -3.04
CA GLN A 583 29.64 8.93 -2.57
C GLN A 583 29.58 9.97 -3.66
N GLN A 584 28.57 9.84 -4.53
CA GLN A 584 28.46 10.70 -5.69
C GLN A 584 27.02 11.24 -5.84
N HIS A 585 26.04 10.34 -5.77
CA HIS A 585 24.63 10.72 -5.82
C HIS A 585 24.19 11.24 -4.49
N HIS A 586 23.27 12.20 -4.51
CA HIS A 586 22.75 12.79 -3.27
C HIS A 586 21.33 12.37 -2.99
N LYS A 587 20.78 11.51 -3.86
CA LYS A 587 19.42 11.01 -3.69
C LYS A 587 19.37 9.50 -3.95
N LEU A 588 18.21 8.90 -3.67
CA LEU A 588 18.00 7.46 -3.80
C LEU A 588 18.55 6.92 -5.12
N VAL A 589 19.32 5.83 -5.04
CA VAL A 589 19.88 5.18 -6.23
C VAL A 589 18.86 4.20 -6.84
N ASN A 590 18.49 4.44 -8.10
CA ASN A 590 17.49 3.59 -8.76
C ASN A 590 18.09 2.47 -9.57
N THR A 591 19.25 2.72 -10.16
CA THR A 591 19.74 1.85 -11.20
C THR A 591 21.26 1.85 -11.24
N ILE A 592 21.81 0.65 -11.29
CA ILE A 592 23.25 0.46 -11.47
C ILE A 592 23.41 -0.60 -12.55
N SER A 593 24.38 -0.42 -13.45
CA SER A 593 24.69 -1.45 -14.44
C SER A 593 26.19 -1.49 -14.71
N TRP A 594 26.76 -2.69 -14.64
CA TRP A 594 28.16 -2.91 -14.97
C TRP A 594 28.32 -3.16 -16.44
N HIS A 595 29.38 -2.61 -17.02
CA HIS A 595 29.69 -2.82 -18.44
C HIS A 595 29.94 -4.29 -18.69
N HIS A 596 29.58 -4.76 -19.88
CA HIS A 596 29.85 -6.13 -20.29
C HIS A 596 31.34 -6.41 -20.42
N GLU A 597 31.68 -7.69 -20.56
CA GLU A 597 33.08 -8.15 -20.63
C GLU A 597 33.57 -8.44 -22.04
N HIS A 598 32.82 -8.07 -23.07
CA HIS A 598 33.24 -8.42 -24.43
CA HIS A 598 33.17 -8.41 -24.44
C HIS A 598 33.62 -7.25 -25.29
N GLY A 599 33.99 -6.15 -24.65
CA GLY A 599 34.49 -4.99 -25.37
C GLY A 599 35.97 -5.13 -25.75
N SER A 600 36.52 -4.08 -26.35
CA SER A 600 37.87 -4.14 -26.90
C SER A 600 39.03 -4.14 -25.86
N GLN A 601 38.78 -3.65 -24.66
CA GLN A 601 39.81 -3.63 -23.61
C GLN A 601 39.27 -4.23 -22.32
N PRO A 602 40.11 -4.99 -21.57
CA PRO A 602 39.67 -5.59 -20.29
C PRO A 602 39.22 -4.57 -19.25
N GLU A 603 39.75 -3.35 -19.33
CA GLU A 603 39.41 -2.27 -18.42
C GLU A 603 37.91 -1.93 -18.39
N LEU A 604 37.24 -2.09 -19.53
CA LEU A 604 35.81 -1.77 -19.66
C LEU A 604 34.92 -2.51 -18.67
N SER A 605 35.32 -3.71 -18.27
CA SER A 605 34.49 -4.55 -17.40
CA SER A 605 34.53 -4.57 -17.38
C SER A 605 34.41 -4.01 -15.97
N TYR A 606 35.30 -3.09 -15.63
CA TYR A 606 35.28 -2.45 -14.31
C TYR A 606 34.42 -1.18 -14.27
N LEU A 607 33.78 -0.84 -15.39
CA LEU A 607 32.98 0.40 -15.46
C LEU A 607 31.57 0.12 -14.97
N MET A 608 31.06 1.04 -14.15
CA MET A 608 29.74 0.92 -13.56
C MET A 608 29.01 2.25 -13.73
N ALA A 609 27.87 2.23 -14.42
CA ALA A 609 27.03 3.42 -14.55
C ALA A 609 25.93 3.38 -13.49
N SER A 610 25.48 4.55 -13.04
CA SER A 610 24.43 4.57 -12.02
C SER A 610 23.57 5.84 -12.12
N GLY A 611 22.30 5.70 -11.73
CA GLY A 611 21.29 6.76 -11.86
C GLY A 611 20.52 6.83 -10.55
N SER A 612 20.19 8.05 -10.13
CA SER A 612 19.46 8.28 -8.87
C SER A 612 18.24 9.13 -9.17
N ASN A 613 17.58 9.64 -8.13
CA ASN A 613 16.49 10.58 -8.34
C ASN A 613 16.93 11.96 -8.83
N ASN A 614 18.22 12.28 -8.73
CA ASN A 614 18.75 13.44 -9.44
C ASN A 614 18.95 13.14 -10.93
N ALA A 615 19.14 14.17 -11.74
CA ALA A 615 19.17 13.99 -13.20
C ALA A 615 20.53 13.54 -13.76
N VAL A 616 21.61 13.86 -13.04
CA VAL A 616 22.98 13.57 -13.49
CA VAL A 616 22.96 13.55 -13.53
C VAL A 616 23.33 12.10 -13.31
N ILE A 617 23.87 11.49 -14.37
CA ILE A 617 24.29 10.10 -14.35
C ILE A 617 25.81 10.06 -14.20
N TYR A 618 26.29 9.13 -13.38
CA TYR A 618 27.73 8.93 -13.25
C TYR A 618 28.20 7.58 -13.77
N VAL A 619 29.45 7.57 -14.19
CA VAL A 619 30.18 6.35 -14.43
C VAL A 619 31.37 6.35 -13.47
N HIS A 620 31.59 5.21 -12.81
CA HIS A 620 32.77 5.04 -11.99
C HIS A 620 33.59 3.90 -12.51
N ASN A 621 34.90 3.97 -12.25
CA ASN A 621 35.84 2.96 -12.69
C ASN A 621 36.42 2.27 -11.47
N LEU A 622 36.06 1.01 -11.25
CA LEU A 622 36.42 0.32 -10.02
C LEU A 622 37.67 -0.56 -10.10
N LYS A 623 38.41 -0.47 -11.20
CA LYS A 623 39.58 -1.34 -11.45
C LYS A 623 40.61 -1.23 -10.32
N THR A 624 41.06 -0.02 -10.04
CA THR A 624 42.10 0.20 -9.03
C THR A 624 41.70 -0.41 -7.69
N VAL A 625 40.55 0.00 -7.18
CA VAL A 625 40.10 -0.42 -5.86
CA VAL A 625 40.10 -0.42 -5.86
C VAL A 625 39.84 -1.92 -5.77
N ILE A 626 39.30 -2.51 -6.84
CA ILE A 626 39.04 -3.95 -6.84
C ILE A 626 40.36 -4.76 -6.89
N GLU A 627 41.26 -4.39 -7.79
CA GLU A 627 42.55 -5.07 -7.96
C GLU A 627 43.47 -4.88 -6.75
N SER A 628 43.34 -3.74 -6.07
CA SER A 628 44.13 -3.51 -4.87
C SER A 628 43.65 -4.40 -3.72
N SER A 629 42.39 -4.83 -3.79
CA SER A 629 41.74 -5.65 -2.74
C SER A 629 42.06 -5.16 -1.32
N PRO A 630 41.66 -3.92 -1.00
CA PRO A 630 42.06 -3.29 0.27
C PRO A 630 41.49 -4.02 1.47
N GLU A 631 42.18 -3.92 2.61
CA GLU A 631 41.75 -4.62 3.81
C GLU A 631 40.86 -3.74 4.67
N SER A 632 40.83 -2.45 4.34
CA SER A 632 39.84 -1.53 4.88
C SER A 632 39.25 -0.70 3.73
N PRO A 633 37.92 -0.47 3.77
CA PRO A 633 37.21 0.12 2.63
C PRO A 633 37.64 1.55 2.27
N VAL A 634 37.78 1.79 0.97
CA VAL A 634 38.13 3.10 0.43
C VAL A 634 36.84 3.87 0.10
N THR A 635 36.93 5.20 0.08
CA THR A 635 35.84 6.06 -0.36
C THR A 635 36.19 6.75 -1.68
N ILE A 636 35.30 6.66 -2.66
CA ILE A 636 35.45 7.37 -3.92
C ILE A 636 34.49 8.54 -3.92
N THR A 637 35.00 9.73 -4.25
CA THR A 637 34.16 10.93 -4.23
C THR A 637 34.20 11.64 -5.56
N GLU A 638 34.91 11.07 -6.54
CA GLU A 638 34.99 11.68 -7.86
C GLU A 638 34.59 10.70 -8.93
N PRO A 639 33.84 11.16 -9.95
CA PRO A 639 33.37 10.27 -11.00
C PRO A 639 34.42 10.02 -12.07
N TYR A 640 34.33 8.88 -12.73
CA TYR A 640 35.20 8.61 -13.86
C TYR A 640 34.66 9.37 -15.07
N ARG A 641 33.34 9.36 -15.25
CA ARG A 641 32.69 10.19 -16.25
C ARG A 641 31.38 10.73 -15.66
N THR A 642 30.94 11.89 -16.16
CA THR A 642 29.68 12.53 -15.77
C THR A 642 28.83 12.74 -17.00
N LEU A 643 27.56 12.37 -16.92
CA LEU A 643 26.67 12.50 -18.07
C LEU A 643 25.49 13.37 -17.70
N SER A 644 25.55 14.64 -18.09
CA SER A 644 24.51 15.64 -17.76
C SER A 644 23.63 15.95 -18.96
N GLY A 645 22.33 16.12 -18.73
CA GLY A 645 21.43 16.44 -19.83
C GLY A 645 19.97 16.16 -19.52
N HIS A 646 19.69 15.11 -18.76
CA HIS A 646 18.33 14.83 -18.34
C HIS A 646 17.89 15.92 -17.36
N THR A 647 16.58 16.05 -17.15
CA THR A 647 16.07 17.07 -16.21
C THR A 647 15.18 16.45 -15.12
N ALA A 648 15.16 15.12 -15.02
CA ALA A 648 14.40 14.48 -13.94
C ALA A 648 15.01 13.13 -13.59
N LYS A 649 14.42 12.47 -12.60
CA LYS A 649 14.91 11.21 -12.06
C LYS A 649 15.29 10.20 -13.18
N ILE A 650 16.38 9.46 -12.95
CA ILE A 650 16.86 8.42 -13.85
C ILE A 650 16.39 7.07 -13.30
N THR A 651 15.55 6.36 -14.06
CA THR A 651 14.97 5.09 -13.59
C THR A 651 15.79 3.87 -14.00
N SER A 652 16.54 3.97 -15.09
CA SER A 652 17.23 2.80 -15.62
C SER A 652 18.36 3.20 -16.55
N VAL A 653 19.51 2.53 -16.43
CA VAL A 653 20.62 2.71 -17.38
C VAL A 653 21.02 1.32 -17.87
N ALA A 654 21.48 1.24 -19.10
CA ALA A 654 21.89 -0.03 -19.71
C ALA A 654 23.02 0.21 -20.71
N TRP A 655 24.05 -0.62 -20.65
CA TRP A 655 25.15 -0.57 -21.63
C TRP A 655 24.81 -1.37 -22.87
N SER A 656 25.13 -0.85 -24.05
CA SER A 656 25.04 -1.61 -25.30
C SER A 656 25.98 -2.81 -25.27
N PRO A 657 25.46 -4.00 -25.62
CA PRO A 657 26.36 -5.15 -25.75
C PRO A 657 27.23 -5.06 -27.03
N HIS A 658 26.92 -4.13 -27.92
CA HIS A 658 27.55 -4.05 -29.24
C HIS A 658 28.68 -3.08 -29.34
N HIS A 659 28.89 -2.32 -28.26
CA HIS A 659 29.77 -1.16 -28.30
C HIS A 659 30.66 -1.12 -27.10
N ASP A 660 31.73 -0.33 -27.19
CA ASP A 660 32.52 0.03 -26.02
C ASP A 660 31.92 1.27 -25.35
N GLY A 661 31.41 1.14 -24.14
CA GLY A 661 30.97 2.29 -23.35
C GLY A 661 29.84 3.13 -23.94
N ARG A 662 28.88 2.50 -24.59
CA ARG A 662 27.70 3.21 -25.05
C ARG A 662 26.54 2.89 -24.08
N LEU A 663 25.93 3.96 -23.55
CA LEU A 663 24.91 3.84 -22.50
C LEU A 663 23.57 4.39 -22.99
N VAL A 664 22.47 3.77 -22.58
CA VAL A 664 21.16 4.40 -22.73
C VAL A 664 20.57 4.59 -21.34
N SER A 665 19.93 5.74 -21.12
CA SER A 665 19.28 6.05 -19.84
C SER A 665 17.82 6.37 -20.05
N ALA A 666 16.97 5.92 -19.12
CA ALA A 666 15.54 6.20 -19.14
C ALA A 666 15.27 7.22 -18.03
N SER A 667 14.38 8.16 -18.26
CA SER A 667 14.15 9.26 -17.32
C SER A 667 12.67 9.63 -17.17
N TYR A 668 12.36 10.09 -15.96
CA TYR A 668 11.11 10.79 -15.68
C TYR A 668 10.92 12.01 -16.57
N ASP A 669 11.98 12.50 -17.22
CA ASP A 669 11.77 13.66 -18.08
C ASP A 669 11.09 13.30 -19.40
N GLY A 670 10.70 12.03 -19.54
CA GLY A 670 9.95 11.59 -20.70
C GLY A 670 10.78 11.20 -21.91
N THR A 671 12.10 11.08 -21.72
CA THR A 671 13.00 10.74 -22.83
C THR A 671 13.99 9.61 -22.49
N ALA A 672 14.49 8.93 -23.51
CA ALA A 672 15.65 8.03 -23.36
C ALA A 672 16.81 8.69 -24.09
N GLN A 673 17.96 8.76 -23.43
CA GLN A 673 19.17 9.38 -24.00
C GLN A 673 20.23 8.30 -24.23
N VAL A 674 20.83 8.34 -25.42
CA VAL A 674 21.94 7.48 -25.76
C VAL A 674 23.22 8.32 -25.66
N TRP A 675 24.24 7.76 -24.99
CA TRP A 675 25.51 8.43 -24.72
C TRP A 675 26.66 7.60 -25.21
N ASP A 676 27.64 8.23 -25.84
CA ASP A 676 28.98 7.61 -25.85
C ASP A 676 29.56 8.04 -24.52
N ALA A 677 29.37 7.19 -23.52
CA ALA A 677 29.63 7.55 -22.13
C ALA A 677 31.10 7.94 -21.88
N LEU A 678 32.01 7.22 -22.53
CA LEU A 678 33.45 7.43 -22.31
C LEU A 678 33.94 8.77 -22.87
N ARG A 679 33.15 9.38 -23.73
CA ARG A 679 33.49 10.68 -24.28
C ARG A 679 32.53 11.75 -23.78
N GLU A 680 31.75 11.39 -22.77
CA GLU A 680 30.65 12.22 -22.24
C GLU A 680 29.83 12.89 -23.35
N GLU A 681 29.55 12.12 -24.40
CA GLU A 681 28.90 12.65 -25.57
C GLU A 681 27.45 12.17 -25.70
N PRO A 682 26.49 13.11 -25.61
CA PRO A 682 25.09 12.79 -25.97
C PRO A 682 24.94 12.51 -27.45
N LEU A 683 24.41 11.34 -27.80
CA LEU A 683 24.28 10.95 -29.19
C LEU A 683 22.89 11.20 -29.73
N CYS A 684 21.87 10.66 -29.05
CA CYS A 684 20.52 10.89 -29.48
C CYS A 684 19.51 10.75 -28.35
N ASN A 685 18.39 11.43 -28.52
CA ASN A 685 17.32 11.50 -27.54
C ASN A 685 16.00 11.02 -28.14
N PHE A 686 15.45 9.93 -27.60
CA PHE A 686 14.16 9.41 -28.04
C PHE A 686 13.03 10.05 -27.25
N ARG A 687 12.07 10.63 -27.97
CA ARG A 687 11.03 11.43 -27.34
C ARG A 687 9.64 10.85 -27.62
N GLY A 688 9.60 9.60 -28.08
CA GLY A 688 8.34 8.98 -28.53
C GLY A 688 7.35 8.63 -27.43
N HIS A 689 7.81 8.53 -26.20
CA HIS A 689 6.89 8.29 -25.06
C HIS A 689 6.23 9.59 -24.63
N ARG A 690 5.03 9.51 -24.05
CA ARG A 690 4.35 10.68 -23.45
C ARG A 690 4.14 10.34 -22.00
N GLY A 691 5.21 10.30 -21.25
CA GLY A 691 5.12 9.89 -19.87
C GLY A 691 6.51 9.52 -19.45
N ARG A 692 6.61 9.09 -18.20
CA ARG A 692 7.87 8.88 -17.53
C ARG A 692 8.38 7.50 -17.94
N LEU A 693 9.61 7.41 -18.45
CA LEU A 693 10.18 6.11 -18.82
C LEU A 693 10.62 5.38 -17.56
N LEU A 694 10.42 4.06 -17.56
CA LEU A 694 10.68 3.25 -16.38
C LEU A 694 11.72 2.18 -16.65
N CYS A 695 11.95 1.85 -17.92
CA CYS A 695 12.89 0.77 -18.27
C CYS A 695 13.39 0.93 -19.70
N VAL A 696 14.58 0.42 -19.94
CA VAL A 696 15.19 0.41 -21.26
CA VAL A 696 15.22 0.43 -21.27
C VAL A 696 16.08 -0.82 -21.40
N ALA A 697 16.13 -1.38 -22.61
CA ALA A 697 16.95 -2.56 -22.90
C ALA A 697 17.41 -2.50 -24.33
N TRP A 698 18.72 -2.72 -24.55
CA TRP A 698 19.25 -2.74 -25.91
CA TRP A 698 19.28 -2.76 -25.90
C TRP A 698 18.79 -3.97 -26.64
N SER A 699 18.51 -3.83 -27.93
CA SER A 699 18.30 -5.02 -28.75
C SER A 699 19.55 -5.91 -28.68
N PRO A 700 19.37 -7.23 -28.49
CA PRO A 700 20.53 -8.13 -28.43
C PRO A 700 21.15 -8.39 -29.82
N LEU A 701 20.47 -7.95 -30.87
CA LEU A 701 20.90 -8.21 -32.25
C LEU A 701 21.35 -6.99 -33.03
N ASP A 702 20.71 -5.86 -32.78
CA ASP A 702 20.90 -4.68 -33.63
C ASP A 702 21.52 -3.56 -32.81
N PRO A 703 22.77 -3.15 -33.13
CA PRO A 703 23.44 -2.05 -32.44
C PRO A 703 22.65 -0.74 -32.47
N ASP A 704 21.74 -0.62 -33.42
CA ASP A 704 21.00 0.62 -33.63
C ASP A 704 19.64 0.63 -32.90
N CYS A 705 19.26 -0.48 -32.25
CA CYS A 705 17.86 -0.65 -31.80
C CYS A 705 17.74 -0.80 -30.28
N ILE A 706 16.81 -0.06 -29.69
CA ILE A 706 16.62 -0.04 -28.25
C ILE A 706 15.11 -0.15 -27.99
N TYR A 707 14.76 -0.81 -26.89
CA TYR A 707 13.36 -0.95 -26.45
C TYR A 707 13.21 -0.15 -25.17
N SER A 708 12.07 0.54 -25.00
CA SER A 708 11.82 1.30 -23.79
C SER A 708 10.36 1.18 -23.36
N GLY A 709 10.12 1.31 -22.06
CA GLY A 709 8.77 1.14 -21.50
C GLY A 709 8.52 2.31 -20.58
N ALA A 710 7.26 2.73 -20.49
CA ALA A 710 6.95 3.93 -19.71
C ALA A 710 5.59 3.79 -19.02
N ASP A 711 5.25 4.79 -18.20
CA ASP A 711 3.93 4.85 -17.54
C ASP A 711 2.80 5.34 -18.46
N ASP A 712 3.12 5.50 -19.76
CA ASP A 712 2.10 5.73 -20.79
C ASP A 712 1.51 4.42 -21.31
N PHE A 713 1.82 3.31 -20.64
CA PHE A 713 1.34 1.95 -21.02
C PHE A 713 1.88 1.55 -22.39
N CYS A 714 3.04 2.05 -22.82
CA CYS A 714 3.59 1.69 -24.12
C CYS A 714 4.97 1.06 -24.02
N VAL A 715 5.27 0.14 -24.94
CA VAL A 715 6.64 -0.25 -25.18
C VAL A 715 6.96 0.18 -26.61
N HIS A 716 8.05 0.92 -26.77
CA HIS A 716 8.53 1.31 -28.11
C HIS A 716 9.82 0.64 -28.44
N LYS A 717 9.89 0.06 -29.63
CA LYS A 717 11.14 -0.37 -30.24
C LYS A 717 11.56 0.73 -31.22
N TRP A 718 12.74 1.31 -31.02
CA TRP A 718 13.15 2.46 -31.86
C TRP A 718 14.59 2.39 -32.25
N LEU A 719 14.97 3.19 -33.23
CA LEU A 719 16.31 3.17 -33.82
C LEU A 719 17.08 4.46 -33.49
N THR A 720 18.32 4.31 -33.02
CA THR A 720 19.12 5.46 -32.60
C THR A 720 19.37 6.38 -33.80
N SER A 721 19.50 5.79 -34.99
CA SER A 721 19.77 6.52 -36.21
C SER A 721 18.59 7.37 -36.72
N MET A 722 17.37 7.06 -36.25
CA MET A 722 16.17 7.75 -36.74
C MET A 722 15.79 8.96 -35.86
N GLN A 723 16.58 9.25 -34.84
CA GLN A 723 16.25 10.31 -33.87
C GLN A 723 16.83 11.67 -34.25
N ASP A 724 15.96 12.66 -34.41
CA ASP A 724 16.37 14.03 -34.79
C ASP A 724 17.14 14.80 -33.73
N HIS A 725 16.80 14.60 -32.46
CA HIS A 725 17.43 15.34 -31.36
C HIS A 725 18.61 14.64 -30.76
N SER A 726 19.64 15.39 -30.38
CA SER A 726 20.82 14.75 -29.83
C SER A 726 20.85 14.71 -28.29
N ARG A 727 20.06 15.57 -27.65
CA ARG A 727 20.08 15.73 -26.20
C ARG A 727 18.63 15.85 -25.68
N PRO A 728 18.44 15.69 -24.36
CA PRO A 728 17.09 15.86 -23.82
C PRO A 728 16.67 17.33 -23.88
N PRO A 729 15.35 17.60 -23.89
CA PRO A 729 14.87 18.99 -23.79
C PRO A 729 15.41 19.69 -22.55
N GLN A 730 15.74 20.97 -22.72
CA GLN A 730 16.34 21.76 -21.66
C GLN A 730 15.36 22.81 -21.19
N GLY B 1 -0.80 24.61 37.02
CA GLY B 1 -0.83 24.72 35.53
C GLY B 1 -0.96 26.14 35.02
N ALA B 2 -0.61 26.35 33.75
CA ALA B 2 -0.65 27.67 33.09
C ALA B 2 -2.02 28.36 33.16
N MET B 3 -3.10 27.56 33.13
CA MET B 3 -4.46 28.08 33.22
C MET B 3 -4.83 28.47 34.65
N GLY B 4 -3.96 28.09 35.60
CA GLY B 4 -4.14 28.39 37.03
C GLY B 4 -5.35 27.73 37.66
N ILE B 5 -5.95 26.77 36.95
CA ILE B 5 -7.21 26.14 37.40
C ILE B 5 -6.97 24.83 38.14
N ARG B 6 -8.05 24.13 38.48
CA ARG B 6 -7.99 22.83 39.18
C ARG B 6 -9.09 21.87 38.69
N ASN B 7 -8.92 20.59 39.00
CA ASN B 7 -9.92 19.58 38.71
C ASN B 7 -10.93 19.46 39.85
N SER B 8 -12.23 19.43 39.52
CA SER B 8 -13.28 19.40 40.54
C SER B 8 -14.14 18.14 40.50
N MET B 9 -13.70 17.13 39.76
CA MET B 9 -14.44 15.87 39.64
C MET B 9 -13.78 14.75 40.45
N GLY B 10 -12.49 14.89 40.68
CA GLY B 10 -11.67 13.86 41.32
C GLY B 10 -10.90 13.04 40.29
N GLN B 11 -10.59 13.66 39.16
CA GLN B 11 -10.06 12.95 38.00
C GLN B 11 -8.56 12.77 37.99
N GLU B 12 -8.13 11.62 37.48
CA GLU B 12 -6.72 11.32 37.36
C GLU B 12 -6.33 10.99 35.93
N PRO B 13 -5.11 11.41 35.51
CA PRO B 13 -4.57 11.07 34.19
C PRO B 13 -4.34 9.56 34.09
N ARG B 14 -4.33 9.02 32.86
CA ARG B 14 -4.09 7.60 32.63
C ARG B 14 -3.34 7.44 31.32
N THR B 15 -2.44 6.45 31.26
CA THR B 15 -1.77 6.10 30.00
C THR B 15 -2.07 4.65 29.62
N LEU B 16 -2.58 4.47 28.40
CA LEU B 16 -2.62 3.17 27.76
C LEU B 16 -1.34 3.03 26.92
N PRO B 17 -0.41 2.17 27.36
CA PRO B 17 0.96 2.19 26.85
C PRO B 17 1.19 1.22 25.69
N PRO B 18 2.38 1.27 25.04
CA PRO B 18 2.79 0.32 24.00
C PRO B 18 3.04 -1.06 24.62
N SER B 19 2.97 -2.10 23.79
CA SER B 19 3.15 -3.49 24.26
C SER B 19 4.57 -3.82 24.67
N PRO B 20 4.74 -4.61 25.76
CA PRO B 20 6.05 -5.17 26.10
C PRO B 20 6.70 -5.87 24.91
N ASN B 21 8.03 -5.73 24.78
CA ASN B 21 8.79 -6.38 23.72
C ASN B 21 8.83 -7.89 23.86
N TRP B 22 8.96 -8.58 22.71
CA TRP B 22 8.84 -10.03 22.64
C TRP B 22 10.17 -10.70 22.54
N TYR B 23 10.22 -11.98 22.88
CA TYR B 23 11.38 -12.85 22.62
C TYR B 23 12.68 -12.33 23.23
N CYS B 24 12.59 -11.68 24.39
CA CYS B 24 13.75 -11.26 25.16
C CYS B 24 13.71 -11.96 26.52
N ALA B 25 14.82 -12.61 26.88
CA ALA B 25 14.94 -13.37 28.14
C ALA B 25 14.70 -12.55 29.41
N ARG B 26 15.14 -11.29 29.40
CA ARG B 26 14.93 -10.37 30.53
C ARG B 26 14.84 -8.93 30.02
N CYS B 27 13.63 -8.51 29.68
CA CYS B 27 13.40 -7.11 29.34
C CYS B 27 12.33 -6.50 30.23
N SER B 28 12.13 -7.12 31.41
CA SER B 28 11.26 -6.57 32.43
CA SER B 28 11.30 -6.53 32.43
C SER B 28 11.82 -6.96 33.79
N ASP B 29 11.51 -6.15 34.81
CA ASP B 29 11.96 -6.43 36.18
C ASP B 29 11.15 -5.62 37.19
N ALA B 30 11.22 -6.02 38.46
CA ALA B 30 10.51 -5.28 39.50
C ALA B 30 11.34 -5.27 40.76
N VAL B 31 11.14 -4.21 41.54
CA VAL B 31 11.75 -4.08 42.86
C VAL B 31 10.63 -3.98 43.93
N PRO B 32 10.95 -4.32 45.20
CA PRO B 32 9.90 -4.39 46.24
C PRO B 32 9.20 -3.06 46.51
N GLY B 33 7.94 -3.12 46.93
CA GLY B 33 7.17 -1.93 47.33
C GLY B 33 5.83 -1.71 46.62
N GLY B 34 5.87 -1.56 45.29
CA GLY B 34 7.10 -1.65 44.51
C GLY B 34 6.93 -1.05 43.13
N LEU B 35 7.88 -1.34 42.25
CA LEU B 35 7.91 -0.71 40.95
C LEU B 35 8.25 -1.77 39.92
N PHE B 36 7.48 -1.81 38.84
CA PHE B 36 7.70 -2.76 37.74
C PHE B 36 8.11 -1.97 36.49
N GLY B 37 9.13 -2.42 35.81
CA GLY B 37 9.54 -1.80 34.54
C GLY B 37 9.39 -2.78 33.41
N PHE B 38 8.92 -2.32 32.25
CA PHE B 38 8.92 -3.17 31.07
C PHE B 38 9.40 -2.46 29.81
N ALA B 39 10.31 -3.10 29.10
CA ALA B 39 10.74 -2.63 27.78
C ALA B 39 9.56 -2.70 26.82
N ALA B 40 9.33 -1.61 26.08
CA ALA B 40 8.29 -1.57 25.07
C ALA B 40 8.81 -0.63 24.00
N ARG B 41 8.98 -1.18 22.79
CA ARG B 41 9.63 -0.46 21.68
C ARG B 41 11.02 0.00 22.09
N THR B 42 11.26 1.31 22.05
CA THR B 42 12.57 1.90 22.34
C THR B 42 12.63 2.51 23.75
N SER B 43 11.63 2.18 24.57
CA SER B 43 11.48 2.74 25.93
C SER B 43 11.39 1.66 27.01
N VAL B 44 11.44 2.08 28.28
CA VAL B 44 11.01 1.23 29.39
C VAL B 44 9.88 1.99 30.04
N PHE B 45 8.74 1.33 30.22
CA PHE B 45 7.62 1.93 30.95
C PHE B 45 7.62 1.45 32.40
N LEU B 46 7.25 2.36 33.30
CA LEU B 46 7.30 2.12 34.73
C LEU B 46 5.90 2.11 35.32
N VAL B 47 5.65 1.16 36.20
CA VAL B 47 4.34 0.91 36.79
C VAL B 47 4.50 0.75 38.30
N ARG B 48 3.85 1.63 39.04
CA ARG B 48 3.86 1.57 40.49
CA ARG B 48 3.85 1.57 40.49
C ARG B 48 2.79 0.57 40.92
N VAL B 49 3.16 -0.35 41.79
CA VAL B 49 2.24 -1.41 42.21
C VAL B 49 2.18 -1.47 43.73
N GLY B 50 0.95 -1.50 44.25
CA GLY B 50 0.73 -1.60 45.69
C GLY B 50 0.17 -0.28 46.22
N PRO B 51 0.26 -0.06 47.55
CA PRO B 51 -0.33 1.13 48.17
C PRO B 51 0.21 2.46 47.61
N GLY B 52 1.47 2.48 47.19
CA GLY B 52 2.06 3.68 46.58
C GLY B 52 1.43 4.11 45.26
N ALA B 53 0.61 3.23 44.66
CA ALA B 53 -0.13 3.58 43.45
C ALA B 53 -1.19 4.65 43.75
N GLY B 54 -1.64 4.68 45.01
CA GLY B 54 -2.62 5.67 45.47
C GLY B 54 -4.00 5.54 44.86
N GLU B 55 -4.40 4.31 44.54
CA GLU B 55 -5.68 4.06 43.90
C GLU B 55 -6.78 3.89 44.92
N SER B 56 -8.00 4.28 44.54
CA SER B 56 -9.19 4.10 45.38
C SER B 56 -9.35 2.62 45.77
N PRO B 57 -10.00 2.34 46.92
CA PRO B 57 -10.27 0.94 47.25
C PRO B 57 -11.20 0.28 46.22
N GLY B 58 -11.02 -1.02 45.99
CA GLY B 58 -11.82 -1.76 45.02
C GLY B 58 -11.42 -1.55 43.55
N THR B 59 -10.29 -0.89 43.32
CA THR B 59 -9.72 -0.75 41.97
C THR B 59 -8.29 -1.30 42.00
N PRO B 60 -7.83 -1.90 40.88
CA PRO B 60 -6.50 -2.51 40.89
C PRO B 60 -5.41 -1.56 41.39
N PRO B 61 -4.62 -1.99 42.38
CA PRO B 61 -3.58 -1.14 42.94
C PRO B 61 -2.34 -0.97 42.04
N PHE B 62 -2.50 -0.32 40.88
CA PHE B 62 -1.34 -0.02 40.03
C PHE B 62 -1.55 1.27 39.26
N ARG B 63 -0.44 1.87 38.86
CA ARG B 63 -0.47 3.10 38.07
C ARG B 63 0.74 3.16 37.15
N VAL B 64 0.48 3.41 35.88
CA VAL B 64 1.54 3.66 34.90
C VAL B 64 2.07 5.08 35.17
N ILE B 65 3.34 5.19 35.59
CA ILE B 65 3.84 6.45 36.17
C ILE B 65 4.97 7.16 35.41
N GLY B 66 5.64 6.47 34.51
CA GLY B 66 6.77 7.11 33.86
C GLY B 66 7.42 6.30 32.78
N GLU B 67 8.42 6.90 32.14
CA GLU B 67 9.06 6.30 30.99
C GLU B 67 10.53 6.65 30.95
N LEU B 68 11.36 5.67 30.61
CA LEU B 68 12.78 5.90 30.38
C LEU B 68 13.03 6.05 28.88
N VAL B 69 13.41 7.28 28.50
CA VAL B 69 13.57 7.66 27.09
C VAL B 69 15.04 7.99 26.85
N GLY B 70 15.60 7.43 25.77
CA GLY B 70 17.01 7.62 25.45
C GLY B 70 17.51 6.73 24.33
N HIS B 71 17.07 5.47 24.33
CA HIS B 71 17.49 4.54 23.30
C HIS B 71 16.88 4.86 21.97
N THR B 72 17.61 4.52 20.91
CA THR B 72 17.20 4.89 19.56
C THR B 72 16.78 3.66 18.76
N GLU B 73 16.96 2.48 19.36
CA GLU B 73 16.49 1.22 18.79
C GLU B 73 15.89 0.37 19.92
N ARG B 74 15.27 -0.74 19.52
CA ARG B 74 14.57 -1.70 20.41
C ARG B 74 15.31 -1.90 21.75
N VAL B 75 14.61 -1.76 22.88
CA VAL B 75 15.19 -2.15 24.18
C VAL B 75 15.09 -3.66 24.34
N SER B 76 16.25 -4.31 24.44
CA SER B 76 16.35 -5.77 24.46
C SER B 76 16.53 -6.33 25.87
N GLY B 77 16.86 -5.47 26.82
CA GLY B 77 17.13 -5.90 28.19
C GLY B 77 16.79 -4.84 29.20
N PHE B 78 16.33 -5.29 30.38
CA PHE B 78 16.07 -4.37 31.48
C PHE B 78 16.30 -5.12 32.79
N THR B 79 16.98 -4.47 33.73
CA THR B 79 17.30 -5.09 35.02
C THR B 79 17.38 -4.00 36.08
N PHE B 80 16.66 -4.16 37.19
CA PHE B 80 16.81 -3.24 38.30
C PHE B 80 18.01 -3.63 39.16
N SER B 81 18.53 -2.68 39.92
CA SER B 81 19.44 -3.02 41.01
CA SER B 81 19.44 -3.02 41.01
C SER B 81 18.60 -3.52 42.18
N HIS B 82 18.98 -4.66 42.73
CA HIS B 82 18.27 -5.21 43.89
C HIS B 82 19.03 -4.98 45.18
N HIS B 83 19.82 -3.92 45.20
CA HIS B 83 20.61 -3.55 46.37
C HIS B 83 19.89 -2.55 47.21
N PRO B 84 19.59 -2.90 48.47
CA PRO B 84 18.97 -2.00 49.45
C PRO B 84 19.47 -0.55 49.33
N GLY B 85 18.53 0.41 49.36
CA GLY B 85 18.86 1.83 49.25
C GLY B 85 19.21 2.26 47.84
N GLN B 86 19.14 1.33 46.91
CA GLN B 86 19.61 1.56 45.55
C GLN B 86 18.60 0.99 44.54
N TYR B 87 17.36 0.78 45.00
CA TYR B 87 16.30 0.20 44.16
C TYR B 87 15.89 1.15 43.03
N ASN B 88 16.32 2.41 43.10
CA ASN B 88 15.97 3.41 42.09
C ASN B 88 16.86 3.31 40.84
N LEU B 89 17.90 2.49 40.91
CA LEU B 89 18.80 2.29 39.79
C LEU B 89 18.45 1.08 38.92
N CYS B 90 18.62 1.23 37.61
CA CYS B 90 18.41 0.11 36.71
C CYS B 90 19.30 0.20 35.47
N ALA B 91 19.37 -0.88 34.71
CA ALA B 91 20.17 -0.90 33.49
C ALA B 91 19.40 -1.46 32.31
N THR B 92 19.66 -0.91 31.13
CA THR B 92 19.05 -1.36 29.87
C THR B 92 20.08 -1.70 28.81
N SER B 93 19.71 -2.63 27.93
CA SER B 93 20.47 -2.88 26.70
C SER B 93 19.57 -2.59 25.50
N SER B 94 20.19 -2.22 24.39
CA SER B 94 19.42 -1.87 23.21
C SER B 94 20.10 -2.32 21.91
N ASP B 95 19.30 -2.45 20.86
CA ASP B 95 19.83 -2.72 19.52
C ASP B 95 20.69 -1.56 19.02
N ASP B 96 20.60 -0.43 19.70
CA ASP B 96 21.47 0.72 19.42
C ASP B 96 22.93 0.54 19.92
N GLY B 97 23.22 -0.66 20.42
CA GLY B 97 24.57 -1.03 20.85
C GLY B 97 25.02 -0.48 22.20
N THR B 98 24.12 0.21 22.91
CA THR B 98 24.47 0.75 24.23
C THR B 98 23.84 0.00 25.42
N VAL B 99 24.59 -0.04 26.52
CA VAL B 99 24.08 -0.40 27.85
C VAL B 99 24.00 0.89 28.64
N LYS B 100 22.81 1.21 29.16
CA LYS B 100 22.61 2.46 29.89
C LYS B 100 22.23 2.18 31.33
N ILE B 101 22.83 2.94 32.26
CA ILE B 101 22.39 2.94 33.66
C ILE B 101 21.46 4.13 33.87
N TRP B 102 20.34 3.90 34.56
CA TRP B 102 19.35 4.93 34.83
C TRP B 102 19.03 5.11 36.29
N ASP B 103 18.48 6.26 36.60
CA ASP B 103 17.88 6.54 37.90
C ASP B 103 16.41 6.85 37.61
N VAL B 104 15.51 6.05 38.18
CA VAL B 104 14.08 6.15 37.89
C VAL B 104 13.40 7.37 38.53
N GLU B 105 13.99 7.94 39.57
CA GLU B 105 13.39 9.13 40.18
C GLU B 105 13.39 10.30 39.21
N THR B 106 14.50 10.48 38.49
CA THR B 106 14.63 11.54 37.48
C THR B 106 14.39 11.03 36.06
N LYS B 107 14.37 9.71 35.88
CA LYS B 107 14.21 9.09 34.55
C LYS B 107 15.33 9.55 33.63
N THR B 108 16.55 9.61 34.15
CA THR B 108 17.66 10.08 33.34
C THR B 108 18.78 9.07 33.35
N VAL B 109 19.63 9.14 32.33
CA VAL B 109 20.79 8.28 32.24
C VAL B 109 21.85 8.76 33.23
N VAL B 110 22.41 7.83 33.99
CA VAL B 110 23.46 8.12 34.95
C VAL B 110 24.77 8.06 34.18
N THR B 111 24.98 6.95 33.50
CA THR B 111 26.20 6.67 32.75
C THR B 111 25.88 5.54 31.78
N GLU B 112 26.77 5.30 30.82
CA GLU B 112 26.49 4.31 29.80
C GLU B 112 27.77 3.87 29.09
N HIS B 113 27.70 2.76 28.38
CA HIS B 113 28.82 2.32 27.58
C HIS B 113 28.36 1.77 26.27
N ALA B 114 29.29 1.69 25.32
CA ALA B 114 29.00 1.12 24.01
C ALA B 114 30.04 0.06 23.66
N LEU B 115 30.40 -0.73 24.66
CA LEU B 115 31.49 -1.70 24.55
C LEU B 115 31.18 -2.85 23.61
N HIS B 116 29.91 -3.22 23.52
CA HIS B 116 29.54 -4.38 22.71
C HIS B 116 29.70 -4.10 21.23
N GLN B 117 30.17 -5.09 20.49
CA GLN B 117 30.44 -4.93 19.06
C GLN B 117 29.49 -5.77 18.20
N HIS B 118 28.55 -6.42 18.88
CA HIS B 118 27.55 -7.27 18.24
C HIS B 118 26.23 -7.05 18.94
N THR B 119 25.14 -7.56 18.37
CA THR B 119 23.80 -7.29 18.93
C THR B 119 23.68 -7.88 20.35
N ILE B 120 23.38 -7.01 21.32
CA ILE B 120 23.29 -7.41 22.75
C ILE B 120 22.06 -8.29 22.95
N SER B 121 22.22 -9.37 23.71
CA SER B 121 21.15 -10.34 23.93
C SER B 121 20.39 -9.99 25.20
N THR B 122 21.15 -9.77 26.27
CA THR B 122 20.56 -9.49 27.58
C THR B 122 21.61 -8.91 28.53
N LEU B 123 21.17 -8.54 29.73
CA LEU B 123 22.04 -8.07 30.78
C LEU B 123 21.40 -8.32 32.16
N HIS B 124 22.23 -8.29 33.20
CA HIS B 124 21.76 -8.57 34.55
C HIS B 124 22.58 -7.79 35.53
N TRP B 125 21.91 -7.08 36.43
CA TRP B 125 22.56 -6.37 37.52
C TRP B 125 23.02 -7.37 38.56
N SER B 126 24.29 -7.27 38.98
CA SER B 126 24.81 -8.21 39.98
C SER B 126 23.98 -8.18 41.26
N PRO B 127 23.52 -9.35 41.73
CA PRO B 127 22.84 -9.37 43.03
C PRO B 127 23.80 -9.09 44.20
N ARG B 128 25.10 -9.22 43.95
CA ARG B 128 26.12 -9.24 45.00
C ARG B 128 27.02 -8.00 45.02
N VAL B 129 27.42 -7.54 43.84
CA VAL B 129 28.27 -6.36 43.70
C VAL B 129 27.45 -5.14 43.27
N LYS B 130 27.44 -4.12 44.13
CA LYS B 130 26.58 -2.92 44.00
C LYS B 130 26.52 -2.21 42.66
N ASP B 131 27.65 -2.12 41.96
CA ASP B 131 27.74 -1.33 40.73
C ASP B 131 28.07 -2.16 39.49
N LEU B 132 27.94 -3.48 39.61
CA LEU B 132 28.27 -4.41 38.53
C LEU B 132 27.06 -4.79 37.66
N ILE B 133 27.19 -4.52 36.37
CA ILE B 133 26.20 -4.95 35.37
C ILE B 133 26.90 -5.84 34.36
N VAL B 134 26.36 -7.04 34.17
CA VAL B 134 26.93 -8.04 33.27
C VAL B 134 26.04 -8.20 32.04
N SER B 135 26.62 -8.03 30.84
CA SER B 135 25.87 -8.09 29.58
C SER B 135 26.50 -9.08 28.60
N GLY B 136 25.66 -9.69 27.77
CA GLY B 136 26.09 -10.68 26.78
C GLY B 136 25.52 -10.38 25.40
N ASP B 137 26.30 -10.66 24.36
CA ASP B 137 25.82 -10.42 22.99
C ASP B 137 25.69 -11.67 22.11
N GLU B 138 25.17 -11.50 20.91
CA GLU B 138 24.85 -12.63 20.05
C GLU B 138 26.08 -13.38 19.50
N LYS B 139 27.27 -12.85 19.75
CA LYS B 139 28.51 -13.55 19.39
C LYS B 139 29.09 -14.38 20.53
N GLY B 140 28.62 -14.12 21.75
CA GLY B 140 29.13 -14.82 22.93
C GLY B 140 30.05 -13.96 23.78
N VAL B 141 30.24 -12.71 23.39
CA VAL B 141 31.04 -11.79 24.17
C VAL B 141 30.25 -11.30 25.39
N VAL B 142 30.92 -11.30 26.54
CA VAL B 142 30.36 -10.78 27.78
C VAL B 142 31.18 -9.59 28.28
N PHE B 143 30.50 -8.52 28.68
CA PHE B 143 31.17 -7.45 29.38
C PHE B 143 30.68 -7.33 30.82
N CYS B 144 31.63 -7.32 31.75
CA CYS B 144 31.35 -6.87 33.11
C CYS B 144 31.64 -5.40 33.14
N TYR B 145 30.73 -4.65 33.75
CA TYR B 145 30.82 -3.21 33.80
C TYR B 145 30.58 -2.76 35.24
N TRP B 146 31.61 -2.14 35.83
CA TRP B 146 31.49 -1.57 37.17
C TRP B 146 31.30 -0.10 37.03
N PHE B 147 30.07 0.36 37.22
CA PHE B 147 29.70 1.70 36.76
C PHE B 147 30.25 2.87 37.59
N ASN B 148 30.56 2.61 38.86
CA ASN B 148 31.23 3.62 39.68
C ASN B 148 32.57 3.97 39.06
N ARG B 149 33.50 3.02 39.12
CA ARG B 149 34.85 3.18 38.60
C ARG B 149 34.88 3.40 37.09
N ASN B 150 33.76 3.12 36.42
CA ASN B 150 33.72 3.08 34.95
C ASN B 150 34.70 2.08 34.34
N ASP B 151 35.08 1.07 35.12
CA ASP B 151 35.92 -0.02 34.62
C ASP B 151 35.06 -1.07 33.91
N SER B 152 35.72 -1.92 33.12
CA SER B 152 35.02 -2.98 32.40
C SER B 152 35.98 -4.11 32.06
N GLN B 153 35.42 -5.28 31.75
CA GLN B 153 36.23 -6.43 31.42
C GLN B 153 35.59 -7.24 30.30
N HIS B 154 36.36 -7.45 29.24
CA HIS B 154 35.94 -8.25 28.09
C HIS B 154 36.14 -9.71 28.40
N LEU B 155 35.16 -10.52 28.06
CA LEU B 155 35.22 -11.97 28.26
CA LEU B 155 35.24 -11.97 28.26
C LEU B 155 34.67 -12.69 27.04
N PHE B 156 35.48 -13.55 26.44
CA PHE B 156 34.97 -14.34 25.33
C PHE B 156 35.10 -15.82 25.60
N ILE B 157 33.95 -16.42 25.85
CA ILE B 157 33.85 -17.77 26.36
C ILE B 157 33.78 -18.73 25.17
N GLU B 158 32.60 -18.85 24.57
CA GLU B 158 32.43 -19.65 23.37
C GLU B 158 32.13 -18.73 22.19
N PRO B 159 32.45 -19.16 20.96
CA PRO B 159 31.80 -18.60 19.77
C PRO B 159 30.37 -19.13 19.69
N ARG B 160 29.44 -18.47 20.39
CA ARG B 160 28.10 -19.01 20.59
C ARG B 160 27.07 -17.91 20.90
N THR B 161 25.85 -18.09 20.44
CA THR B 161 24.81 -17.06 20.58
C THR B 161 24.13 -17.08 21.95
N ILE B 162 24.46 -16.08 22.76
CA ILE B 162 23.86 -15.92 24.09
C ILE B 162 22.37 -15.54 24.00
N PHE B 163 21.54 -16.29 24.72
CA PHE B 163 20.11 -15.97 24.86
C PHE B 163 19.80 -15.39 26.24
N CYS B 164 20.34 -16.01 27.29
CA CYS B 164 20.09 -15.54 28.67
C CYS B 164 21.34 -15.61 29.54
N LEU B 165 21.32 -14.79 30.59
CA LEU B 165 22.44 -14.63 31.49
C LEU B 165 21.85 -14.29 32.85
N THR B 166 22.26 -15.06 33.86
CA THR B 166 21.83 -14.82 35.25
C THR B 166 23.01 -14.96 36.22
N CYS B 167 23.40 -13.84 36.85
CA CYS B 167 24.40 -13.86 37.92
C CYS B 167 23.86 -14.64 39.13
N SER B 168 24.74 -15.40 39.78
CA SER B 168 24.37 -16.07 41.04
C SER B 168 23.89 -15.06 42.10
N PRO B 169 22.83 -15.40 42.85
CA PRO B 169 22.49 -14.53 43.96
C PRO B 169 23.45 -14.71 45.14
N HIS B 170 24.20 -15.81 45.15
CA HIS B 170 25.00 -16.17 46.31
C HIS B 170 26.45 -15.87 46.15
N HIS B 171 27.02 -16.21 44.99
CA HIS B 171 28.45 -16.01 44.75
CA HIS B 171 28.44 -16.03 44.74
C HIS B 171 28.73 -14.90 43.78
N GLU B 172 29.39 -13.86 44.29
CA GLU B 172 29.68 -12.64 43.54
C GLU B 172 30.46 -12.81 42.22
N ASP B 173 31.07 -13.99 42.01
CA ASP B 173 31.91 -14.24 40.83
C ASP B 173 31.27 -15.12 39.76
N LEU B 174 30.18 -15.82 40.08
CA LEU B 174 29.62 -16.81 39.17
C LEU B 174 28.45 -16.28 38.32
N VAL B 175 28.50 -16.58 37.02
CA VAL B 175 27.45 -16.16 36.08
C VAL B 175 27.01 -17.38 35.27
N ALA B 176 25.71 -17.63 35.20
CA ALA B 176 25.21 -18.69 34.35
C ALA B 176 24.87 -18.07 32.99
N ILE B 177 25.16 -18.80 31.92
CA ILE B 177 24.89 -18.34 30.55
C ILE B 177 24.23 -19.44 29.77
N GLY B 178 23.13 -19.08 29.09
CA GLY B 178 22.39 -20.01 28.26
C GLY B 178 22.41 -19.58 26.80
N TYR B 179 22.46 -20.56 25.90
CA TYR B 179 22.75 -20.28 24.48
C TYR B 179 21.67 -20.77 23.53
N LYS B 180 21.72 -20.24 22.30
CA LYS B 180 20.73 -20.57 21.28
C LYS B 180 20.65 -22.08 21.01
N ASP B 181 21.79 -22.76 21.06
CA ASP B 181 21.87 -24.20 20.77
C ASP B 181 21.57 -25.12 21.96
N GLY B 182 21.27 -24.53 23.12
CA GLY B 182 20.94 -25.34 24.30
C GLY B 182 22.09 -25.56 25.27
N ILE B 183 23.26 -25.01 24.97
CA ILE B 183 24.39 -25.08 25.89
C ILE B 183 24.14 -24.20 27.11
N VAL B 184 24.49 -24.71 28.30
CA VAL B 184 24.49 -23.91 29.52
C VAL B 184 25.86 -24.04 30.20
N VAL B 185 26.45 -22.90 30.52
CA VAL B 185 27.69 -22.88 31.28
C VAL B 185 27.59 -21.98 32.51
N ILE B 186 28.47 -22.21 33.47
CA ILE B 186 28.68 -21.31 34.59
C ILE B 186 30.12 -20.82 34.50
N ILE B 187 30.29 -19.51 34.51
CA ILE B 187 31.64 -18.93 34.41
C ILE B 187 32.02 -18.18 35.68
N ASP B 188 33.33 -18.09 35.91
CA ASP B 188 33.89 -17.33 37.00
C ASP B 188 34.55 -16.07 36.43
N ILE B 189 34.00 -14.92 36.78
CA ILE B 189 34.47 -13.65 36.22
C ILE B 189 35.76 -13.12 36.85
N SER B 190 36.17 -13.71 37.98
CA SER B 190 37.43 -13.35 38.61
C SER B 190 38.57 -14.18 38.00
N LYS B 191 38.20 -15.31 37.40
CA LYS B 191 39.14 -16.16 36.67
C LYS B 191 38.99 -16.00 35.17
N LYS B 192 38.89 -14.73 34.74
CA LYS B 192 38.81 -14.34 33.32
C LYS B 192 37.76 -15.12 32.51
N GLY B 193 36.57 -15.32 33.09
CA GLY B 193 35.47 -15.99 32.40
C GLY B 193 35.63 -17.48 32.21
N GLU B 194 36.56 -18.08 32.95
CA GLU B 194 36.78 -19.52 32.95
C GLU B 194 35.49 -20.28 33.18
N VAL B 195 35.23 -21.30 32.37
CA VAL B 195 34.06 -22.16 32.51
C VAL B 195 34.24 -23.12 33.69
N ILE B 196 33.45 -22.94 34.74
CA ILE B 196 33.48 -23.80 35.92
C ILE B 196 32.63 -25.06 35.72
N HIS B 197 31.45 -24.89 35.13
CA HIS B 197 30.57 -26.03 34.87
C HIS B 197 30.02 -25.98 33.48
N ARG B 198 29.82 -27.15 32.91
CA ARG B 198 29.22 -27.28 31.61
C ARG B 198 28.00 -28.17 31.74
N LEU B 199 26.83 -27.55 31.74
CA LEU B 199 25.59 -28.28 32.01
C LEU B 199 24.95 -28.74 30.70
N ARG B 200 25.15 -30.02 30.39
CA ARG B 200 24.72 -30.58 29.13
C ARG B 200 23.44 -31.35 29.32
N GLY B 201 22.51 -31.19 28.38
CA GLY B 201 21.21 -31.86 28.43
C GLY B 201 20.16 -31.25 27.53
N HIS B 202 20.12 -29.92 27.44
CA HIS B 202 19.16 -29.27 26.55
C HIS B 202 19.69 -29.36 25.14
N ASP B 203 18.78 -29.45 24.17
CA ASP B 203 19.20 -29.41 22.76
C ASP B 203 18.49 -28.34 21.94
N ASP B 204 18.01 -27.30 22.62
CA ASP B 204 17.44 -26.13 21.95
C ASP B 204 17.57 -24.90 22.84
N GLU B 205 17.07 -23.76 22.35
CA GLU B 205 17.25 -22.46 22.98
C GLU B 205 17.01 -22.46 24.49
N ILE B 206 17.95 -21.88 25.22
CA ILE B 206 17.73 -21.64 26.66
C ILE B 206 17.04 -20.30 26.77
N HIS B 207 15.86 -20.31 27.39
CA HIS B 207 15.06 -19.10 27.57
C HIS B 207 15.23 -18.42 28.89
N SER B 208 15.61 -19.18 29.92
CA SER B 208 15.67 -18.65 31.28
CA SER B 208 15.70 -18.64 31.27
C SER B 208 16.58 -19.48 32.16
N ILE B 209 17.30 -18.81 33.05
CA ILE B 209 18.11 -19.48 34.06
C ILE B 209 17.71 -18.82 35.38
N ALA B 210 17.29 -19.65 36.34
CA ALA B 210 17.00 -19.18 37.68
C ALA B 210 17.79 -20.02 38.70
N TRP B 211 18.64 -19.37 39.46
CA TRP B 211 19.34 -20.02 40.55
C TRP B 211 18.38 -20.25 41.71
N CYS B 212 18.59 -21.32 42.46
CA CYS B 212 17.83 -21.52 43.70
C CYS B 212 18.04 -20.31 44.61
N PRO B 213 16.95 -19.75 45.17
CA PRO B 213 17.08 -18.58 46.04
C PRO B 213 17.77 -18.90 47.39
N LEU B 214 17.86 -20.18 47.72
CA LEU B 214 18.62 -20.64 48.89
C LEU B 214 19.98 -21.19 48.47
N PRO B 215 21.06 -20.80 49.19
CA PRO B 215 22.40 -21.36 48.92
C PRO B 215 22.48 -22.82 49.35
N GLY B 216 23.41 -23.56 48.75
CA GLY B 216 23.69 -24.93 49.17
C GLY B 216 22.74 -25.97 48.60
N GLU B 217 23.13 -27.23 48.70
CA GLU B 217 22.30 -28.32 48.23
C GLU B 217 21.70 -29.19 49.36
N ASP B 218 21.94 -28.78 50.61
CA ASP B 218 21.32 -29.42 51.78
C ASP B 218 19.89 -28.93 51.94
N CYS B 219 19.70 -27.63 51.68
CA CYS B 219 18.42 -26.94 51.82
C CYS B 219 17.26 -27.72 51.22
N LEU B 220 17.49 -28.33 50.05
CA LEU B 220 16.42 -29.01 49.33
C LEU B 220 16.82 -30.43 48.98
N SER B 221 15.88 -31.35 49.07
CA SER B 221 16.12 -32.72 48.64
C SER B 221 15.53 -32.89 47.26
N ILE B 222 16.43 -32.95 46.28
CA ILE B 222 16.06 -32.99 44.87
C ILE B 222 16.55 -34.27 44.19
N GLY B 247 27.88 -26.39 47.19
CA GLY B 247 27.33 -26.16 45.86
C GLY B 247 26.04 -25.36 45.89
N CYS B 248 25.27 -25.45 44.80
CA CYS B 248 24.04 -24.67 44.66
C CYS B 248 23.15 -25.33 43.62
N TYR B 249 21.84 -25.13 43.72
CA TYR B 249 20.94 -25.60 42.66
C TYR B 249 20.62 -24.48 41.69
N LEU B 250 20.37 -24.85 40.43
CA LEU B 250 19.81 -23.93 39.45
C LEU B 250 18.92 -24.61 38.44
N ALA B 251 18.06 -23.82 37.80
CA ALA B 251 17.03 -24.34 36.93
C ALA B 251 17.12 -23.63 35.57
N THR B 252 16.90 -24.38 34.50
CA THR B 252 16.98 -23.81 33.15
C THR B 252 15.72 -24.19 32.42
N GLY B 253 15.19 -23.27 31.61
CA GLY B 253 14.01 -23.55 30.81
C GLY B 253 14.39 -23.39 29.34
N SER B 254 13.83 -24.24 28.50
CA SER B 254 14.28 -24.33 27.11
C SER B 254 13.12 -24.50 26.12
N LYS B 255 13.36 -24.02 24.90
CA LYS B 255 12.49 -24.32 23.76
C LYS B 255 12.29 -25.83 23.57
N ASP B 256 13.23 -26.64 24.03
CA ASP B 256 13.07 -28.10 23.95
C ASP B 256 11.94 -28.66 24.84
N GLN B 257 11.16 -27.77 25.45
CA GLN B 257 9.97 -28.14 26.28
C GLN B 257 10.33 -28.82 27.62
N THR B 258 11.56 -28.64 28.08
CA THR B 258 11.96 -29.19 29.37
C THR B 258 12.50 -28.12 30.31
N ILE B 259 12.28 -28.36 31.60
CA ILE B 259 12.93 -27.62 32.66
C ILE B 259 13.92 -28.59 33.32
N ARG B 260 15.16 -28.16 33.46
CA ARG B 260 16.19 -29.00 34.03
C ARG B 260 16.75 -28.37 35.30
N ILE B 261 16.85 -29.19 36.34
CA ILE B 261 17.47 -28.74 37.58
C ILE B 261 18.87 -29.34 37.62
N TRP B 262 19.82 -28.52 38.04
CA TRP B 262 21.23 -28.86 38.02
C TRP B 262 21.83 -28.72 39.38
N SER B 263 22.72 -29.66 39.71
CA SER B 263 23.58 -29.56 40.89
C SER B 263 24.90 -28.91 40.49
N CYS B 264 25.20 -27.80 41.16
CA CYS B 264 26.31 -26.94 40.80
C CYS B 264 27.58 -27.36 41.53
N SER B 265 27.46 -28.37 42.39
CA SER B 265 28.59 -29.00 43.06
C SER B 265 29.06 -30.20 42.24
N ARG B 266 28.10 -30.99 41.76
CA ARG B 266 28.43 -32.17 40.98
C ARG B 266 28.44 -31.91 39.48
N GLY B 267 27.99 -30.71 39.07
CA GLY B 267 27.93 -30.32 37.67
C GLY B 267 27.05 -31.23 36.81
N ARG B 268 25.92 -31.65 37.35
CA ARG B 268 25.05 -32.61 36.69
C ARG B 268 23.58 -32.24 36.84
N GLY B 269 22.76 -32.82 35.97
CA GLY B 269 21.31 -32.66 36.04
C GLY B 269 20.75 -33.62 37.05
N VAL B 270 19.89 -33.09 37.93
CA VAL B 270 19.30 -33.89 38.98
C VAL B 270 17.80 -34.12 38.82
N MET B 271 17.17 -33.29 37.98
CA MET B 271 15.74 -33.47 37.72
C MET B 271 15.39 -32.95 36.33
N ILE B 272 14.49 -33.64 35.63
CA ILE B 272 13.94 -33.12 34.37
C ILE B 272 12.43 -33.02 34.47
N LEU B 273 11.90 -31.86 34.14
CA LEU B 273 10.47 -31.66 34.08
C LEU B 273 10.09 -31.45 32.63
N LYS B 274 9.13 -32.22 32.13
CA LYS B 274 8.64 -32.01 30.78
C LYS B 274 7.29 -31.30 30.82
N LEU B 275 7.16 -30.24 30.03
CA LEU B 275 5.91 -29.49 29.98
C LEU B 275 4.78 -30.40 29.56
N PRO B 276 3.60 -30.24 30.17
CA PRO B 276 2.45 -31.02 29.79
C PRO B 276 1.79 -30.44 28.53
N PHE B 277 1.04 -31.26 27.82
CA PHE B 277 0.16 -30.78 26.76
C PHE B 277 -1.27 -30.69 27.28
N LEU B 278 -1.77 -29.46 27.36
CA LEU B 278 -3.08 -29.17 27.96
C LEU B 278 -4.03 -28.61 26.90
N LYS B 290 5.57 -27.29 16.42
CA LYS B 290 4.79 -26.32 15.66
C LYS B 290 4.08 -25.29 16.55
N GLU B 291 3.86 -25.66 17.82
CA GLU B 291 3.32 -24.74 18.83
C GLU B 291 4.39 -23.74 19.28
N ARG B 292 4.02 -22.48 19.45
CA ARG B 292 4.99 -21.51 20.02
C ARG B 292 5.32 -21.86 21.46
N LEU B 293 6.56 -21.64 21.84
CA LEU B 293 6.94 -21.78 23.25
C LEU B 293 8.02 -20.81 23.67
N TRP B 294 7.78 -20.11 24.77
CA TRP B 294 8.85 -19.42 25.50
C TRP B 294 8.75 -19.92 26.90
N LEU B 295 9.83 -20.53 27.39
CA LEU B 295 9.79 -21.23 28.68
C LEU B 295 10.61 -20.47 29.70
N THR B 296 9.94 -19.60 30.45
CA THR B 296 10.65 -18.78 31.41
C THR B 296 10.32 -19.23 32.82
N LEU B 297 11.13 -18.83 33.78
CA LEU B 297 11.10 -19.38 35.14
C LEU B 297 11.11 -18.29 36.20
N HIS B 298 10.49 -18.60 37.33
CA HIS B 298 10.62 -17.83 38.56
C HIS B 298 10.66 -18.82 39.71
N TRP B 299 11.74 -18.76 40.48
CA TRP B 299 11.91 -19.61 41.65
C TRP B 299 11.67 -18.80 42.91
N PRO B 300 10.50 -18.98 43.56
CA PRO B 300 10.12 -18.10 44.69
C PRO B 300 10.97 -18.29 45.97
N SER B 301 11.40 -17.16 46.57
CA SER B 301 12.22 -17.18 47.78
CA SER B 301 12.22 -17.18 47.78
C SER B 301 11.45 -17.75 48.98
N ASN B 302 10.16 -17.42 49.07
CA ASN B 302 9.32 -17.93 50.17
C ASN B 302 8.96 -19.40 50.10
N GLN B 303 8.94 -19.94 48.88
CA GLN B 303 8.55 -21.33 48.67
C GLN B 303 9.55 -22.04 47.76
N PRO B 304 10.80 -22.25 48.24
CA PRO B 304 11.84 -22.76 47.37
C PRO B 304 11.69 -24.23 46.98
N THR B 305 10.68 -24.94 47.52
CA THR B 305 10.37 -26.28 47.01
C THR B 305 9.49 -26.19 45.77
N GLN B 306 9.11 -24.96 45.41
CA GLN B 306 8.26 -24.72 44.24
CA GLN B 306 8.28 -24.73 44.22
C GLN B 306 9.04 -23.95 43.15
N LEU B 307 8.58 -24.08 41.91
CA LEU B 307 9.21 -23.42 40.76
C LEU B 307 8.10 -23.06 39.77
N VAL B 308 8.02 -21.77 39.41
CA VAL B 308 6.98 -21.32 38.48
C VAL B 308 7.57 -21.27 37.07
N SER B 309 6.80 -21.74 36.09
CA SER B 309 7.24 -21.64 34.69
C SER B 309 6.08 -21.19 33.83
N SER B 310 6.42 -20.67 32.64
CA SER B 310 5.45 -20.47 31.58
C SER B 310 5.28 -21.82 30.87
N CYS B 311 4.39 -21.85 29.90
CA CYS B 311 4.05 -23.08 29.19
C CYS B 311 3.43 -22.70 27.86
N PHE B 312 3.08 -23.70 27.04
CA PHE B 312 2.30 -23.49 25.82
C PHE B 312 1.07 -22.57 26.04
N GLY B 313 0.85 -21.66 25.09
CA GLY B 313 -0.32 -20.78 25.11
C GLY B 313 -0.27 -19.70 26.17
N GLY B 314 0.86 -19.57 26.85
CA GLY B 314 1.01 -18.56 27.90
C GLY B 314 0.42 -18.97 29.23
N GLU B 315 0.07 -20.24 29.38
CA GLU B 315 -0.37 -20.71 30.69
C GLU B 315 0.82 -20.72 31.67
N LEU B 316 0.52 -20.48 32.94
CA LEU B 316 1.55 -20.49 33.95
C LEU B 316 1.36 -21.70 34.84
N LEU B 317 2.47 -22.30 35.23
CA LEU B 317 2.46 -23.49 36.09
C LEU B 317 3.29 -23.28 37.34
N GLN B 318 2.84 -23.86 38.44
CA GLN B 318 3.65 -23.94 39.64
C GLN B 318 4.03 -25.39 39.84
N TRP B 319 5.33 -25.67 39.76
CA TRP B 319 5.86 -27.02 39.89
C TRP B 319 6.22 -27.32 41.30
N ASP B 320 5.88 -28.52 41.78
CA ASP B 320 6.34 -28.94 43.11
C ASP B 320 7.57 -29.83 42.98
N LEU B 321 8.72 -29.31 43.40
CA LEU B 321 9.99 -29.98 43.22
C LEU B 321 10.24 -31.16 44.17
N THR B 322 9.36 -31.35 45.15
CA THR B 322 9.50 -32.47 46.09
C THR B 322 8.75 -33.73 45.61
N GLN B 323 7.55 -33.53 45.04
CA GLN B 323 6.66 -34.63 44.66
C GLN B 323 7.36 -35.72 43.87
N SER B 324 7.12 -36.97 44.26
CA SER B 324 7.72 -38.13 43.60
C SER B 324 6.81 -38.70 42.50
N TRP B 325 5.59 -39.11 42.87
CA TRP B 325 4.67 -39.73 41.91
C TRP B 325 3.40 -38.97 41.66
N ARG B 326 3.06 -38.07 42.58
CA ARG B 326 1.89 -37.22 42.42
C ARG B 326 2.21 -36.16 41.37
N ARG B 327 1.19 -35.68 40.66
CA ARG B 327 1.37 -34.67 39.61
C ARG B 327 2.20 -33.49 40.10
N LYS B 328 3.24 -33.18 39.35
CA LYS B 328 4.22 -32.22 39.84
C LYS B 328 3.82 -30.78 39.61
N TYR B 329 2.72 -30.52 38.88
CA TYR B 329 2.38 -29.12 38.53
C TYR B 329 0.95 -28.68 38.85
N THR B 330 0.79 -27.38 39.11
CA THR B 330 -0.53 -26.76 39.26
C THR B 330 -0.67 -25.61 38.26
N LEU B 331 -1.79 -25.60 37.51
CA LEU B 331 -2.06 -24.54 36.56
C LEU B 331 -2.58 -23.29 37.28
N PHE B 332 -2.04 -22.12 36.94
CA PHE B 332 -2.53 -20.83 37.47
C PHE B 332 -3.97 -20.60 37.03
N SER B 333 -4.78 -19.98 37.90
CA SER B 333 -6.17 -19.64 37.60
C SER B 333 -6.99 -20.84 37.10
N ALA B 334 -6.74 -22.03 37.66
CA ALA B 334 -7.35 -23.28 37.16
C ALA B 334 -8.88 -23.27 37.24
N SER B 335 -9.41 -22.52 38.20
CA SER B 335 -10.85 -22.33 38.44
C SER B 335 -11.54 -21.42 37.41
N SER B 336 -10.75 -20.63 36.69
CA SER B 336 -11.26 -19.70 35.68
C SER B 336 -10.14 -19.33 34.74
N GLU B 337 -9.80 -20.24 33.82
CA GLU B 337 -8.65 -20.06 32.92
C GLU B 337 -8.85 -18.91 31.92
N GLY B 338 -10.07 -18.35 31.89
CA GLY B 338 -10.38 -17.16 31.08
C GLY B 338 -9.58 -15.94 31.52
N GLN B 339 -8.64 -16.16 32.45
CA GLN B 339 -7.81 -15.11 33.00
C GLN B 339 -6.34 -15.34 32.64
N ASN B 340 -6.02 -16.54 32.15
CA ASN B 340 -4.67 -16.86 31.69
C ASN B 340 -4.36 -16.04 30.44
N HIS B 341 -3.08 -15.80 30.18
CA HIS B 341 -2.67 -15.29 28.89
C HIS B 341 -3.14 -16.23 27.81
N SER B 342 -3.20 -15.73 26.57
CA SER B 342 -3.66 -16.56 25.45
C SER B 342 -2.53 -16.85 24.48
N ARG B 343 -1.38 -16.23 24.67
CA ARG B 343 -0.19 -16.51 23.87
C ARG B 343 1.00 -16.61 24.80
N ILE B 344 2.10 -17.17 24.31
CA ILE B 344 3.31 -17.36 25.11
C ILE B 344 3.70 -16.18 26.00
N VAL B 345 4.19 -16.52 27.18
CA VAL B 345 4.66 -15.54 28.17
C VAL B 345 6.17 -15.45 28.07
N PHE B 346 6.70 -14.23 28.14
CA PHE B 346 8.13 -14.02 28.03
C PHE B 346 8.90 -13.83 29.33
N ASN B 347 8.40 -12.94 30.20
CA ASN B 347 9.09 -12.58 31.43
C ASN B 347 8.15 -12.72 32.63
N LEU B 348 8.70 -13.15 33.75
CA LEU B 348 7.96 -13.23 35.02
C LEU B 348 8.77 -12.47 36.06
N CYS B 349 8.12 -11.59 36.80
CA CYS B 349 8.84 -10.69 37.73
CA CYS B 349 8.81 -10.71 37.71
C CYS B 349 8.15 -10.67 39.08
N PRO B 350 8.85 -11.14 40.15
CA PRO B 350 8.21 -11.07 41.47
C PRO B 350 8.21 -9.64 42.01
N LEU B 351 7.18 -9.32 42.78
CA LEU B 351 7.08 -8.01 43.42
C LEU B 351 6.37 -8.16 44.76
N GLN B 352 7.08 -7.89 45.86
CA GLN B 352 6.43 -7.89 47.18
C GLN B 352 6.02 -6.46 47.52
N THR B 353 4.73 -6.22 47.67
CA THR B 353 4.22 -4.89 47.97
C THR B 353 4.52 -4.50 49.42
N GLU B 354 4.46 -3.19 49.69
CA GLU B 354 4.76 -2.70 51.04
CA GLU B 354 4.70 -2.62 51.03
C GLU B 354 3.75 -3.22 52.07
N ASP B 355 2.57 -3.63 51.61
CA ASP B 355 1.58 -4.29 52.46
C ASP B 355 1.64 -5.83 52.37
N ASP B 356 2.83 -6.33 52.01
CA ASP B 356 3.18 -7.76 52.05
C ASP B 356 2.36 -8.71 51.17
N LYS B 357 1.89 -8.21 50.03
CA LYS B 357 1.29 -9.09 49.03
C LYS B 357 2.44 -9.63 48.19
N GLN B 358 2.44 -10.93 47.90
CA GLN B 358 3.45 -11.52 47.03
C GLN B 358 2.87 -11.65 45.63
N LEU B 359 3.38 -10.81 44.73
CA LEU B 359 2.85 -10.73 43.39
C LEU B 359 3.86 -11.18 42.37
N LEU B 360 3.36 -11.56 41.19
CA LEU B 360 4.19 -11.96 40.09
C LEU B 360 3.61 -11.31 38.85
N LEU B 361 4.42 -10.51 38.16
CA LEU B 361 3.97 -9.83 36.91
C LEU B 361 4.39 -10.66 35.69
N SER B 362 3.54 -10.74 34.67
CA SER B 362 3.85 -11.53 33.48
C SER B 362 3.67 -10.67 32.24
N THR B 363 4.55 -10.87 31.25
CA THR B 363 4.42 -10.21 29.93
C THR B 363 4.19 -11.31 28.90
N SER B 364 3.57 -10.94 27.77
CA SER B 364 3.15 -11.95 26.82
C SER B 364 3.04 -11.41 25.41
N MET B 365 3.13 -12.33 24.46
CA MET B 365 2.86 -12.02 23.06
C MET B 365 1.43 -11.50 22.91
N ASP B 366 0.52 -11.87 23.83
CA ASP B 366 -0.86 -11.42 23.72
C ASP B 366 -1.07 -9.94 24.08
N ARG B 367 0.02 -9.23 24.42
CA ARG B 367 -0.01 -7.76 24.65
C ARG B 367 -0.61 -7.33 26.00
N ASP B 368 -1.04 -8.28 26.82
CA ASP B 368 -1.45 -7.94 28.18
C ASP B 368 -0.28 -8.07 29.13
N VAL B 369 -0.25 -7.16 30.11
CA VAL B 369 0.58 -7.34 31.30
C VAL B 369 -0.37 -7.83 32.41
N LYS B 370 -0.02 -8.95 33.04
CA LYS B 370 -0.86 -9.48 34.12
C LYS B 370 -0.13 -9.52 35.47
N CYS B 371 -0.91 -9.37 36.53
CA CYS B 371 -0.36 -9.42 37.88
C CYS B 371 -1.06 -10.56 38.63
N TRP B 372 -0.26 -11.52 39.11
CA TRP B 372 -0.77 -12.73 39.77
C TRP B 372 -0.55 -12.64 41.25
N ASP B 373 -1.53 -13.07 42.03
CA ASP B 373 -1.32 -13.22 43.46
C ASP B 373 -0.81 -14.63 43.67
N ILE B 374 0.45 -14.72 44.06
CA ILE B 374 1.11 -15.98 44.31
C ILE B 374 0.38 -16.80 45.37
N ALA B 375 -0.32 -16.13 46.30
CA ALA B 375 -1.02 -16.86 47.37
C ALA B 375 -2.11 -17.79 46.82
N THR B 376 -2.78 -17.36 45.75
CA THR B 376 -3.96 -18.06 45.25
C THR B 376 -3.83 -18.53 43.80
N LEU B 377 -2.74 -18.13 43.14
CA LEU B 377 -2.52 -18.34 41.71
C LEU B 377 -3.66 -17.76 40.87
N GLU B 378 -4.28 -16.71 41.38
CA GLU B 378 -5.28 -16.00 40.59
C GLU B 378 -4.73 -14.69 40.03
N CYS B 379 -5.36 -14.22 38.96
CA CYS B 379 -4.99 -12.94 38.33
C CYS B 379 -5.64 -11.75 39.06
N SER B 380 -4.81 -10.92 39.70
CA SER B 380 -5.29 -9.74 40.41
C SER B 380 -5.75 -8.66 39.45
N TRP B 381 -5.02 -8.48 38.36
CA TRP B 381 -5.41 -7.50 37.36
C TRP B 381 -4.67 -7.63 36.07
N THR B 382 -5.19 -6.95 35.05
CA THR B 382 -4.62 -6.96 33.71
C THR B 382 -4.43 -5.53 33.18
N LEU B 383 -3.23 -5.24 32.68
CA LEU B 383 -2.96 -3.97 31.99
C LEU B 383 -2.80 -4.23 30.49
N PRO B 384 -3.75 -3.73 29.68
CA PRO B 384 -3.68 -3.89 28.24
C PRO B 384 -2.70 -2.90 27.61
N SER B 385 -2.37 -3.14 26.35
CA SER B 385 -1.41 -2.26 25.67
C SER B 385 -1.68 -2.16 24.17
N LEU B 386 -0.93 -1.28 23.52
CA LEU B 386 -1.13 -0.99 22.10
C LEU B 386 0.05 -1.44 21.25
N GLY B 387 -0.25 -2.10 20.14
CA GLY B 387 0.80 -2.62 19.26
C GLY B 387 0.92 -1.82 17.98
N GLY B 388 0.40 -0.59 17.97
CA GLY B 388 0.52 0.26 16.78
C GLY B 388 0.14 1.67 17.09
N PHE B 389 0.21 2.55 16.09
CA PHE B 389 -0.23 3.94 16.29
C PHE B 389 -1.68 3.97 16.78
N ALA B 390 -2.01 4.96 17.61
CA ALA B 390 -3.41 5.20 17.91
C ALA B 390 -3.92 6.22 16.92
N TYR B 391 -4.54 5.73 15.84
CA TYR B 391 -4.97 6.56 14.70
C TYR B 391 -6.26 7.34 14.95
N SER B 392 -7.17 6.78 15.74
CA SER B 392 -8.51 7.32 15.87
CA SER B 392 -8.50 7.33 15.87
C SER B 392 -9.09 7.09 17.26
N LEU B 393 -9.91 8.03 17.71
CA LEU B 393 -10.59 7.97 18.98
C LEU B 393 -12.00 8.46 18.79
N ALA B 394 -12.98 7.78 19.41
CA ALA B 394 -14.37 8.20 19.31
C ALA B 394 -15.16 7.74 20.54
N PHE B 395 -15.89 8.66 21.17
CA PHE B 395 -16.77 8.38 22.31
C PHE B 395 -18.20 8.21 21.81
N SER B 396 -18.92 7.24 22.35
CA SER B 396 -20.32 7.00 22.01
C SER B 396 -21.22 7.98 22.77
N SER B 397 -22.11 8.67 22.06
CA SER B 397 -23.04 9.60 22.70
CA SER B 397 -23.05 9.60 22.69
C SER B 397 -24.14 8.89 23.50
N VAL B 398 -24.29 7.59 23.28
CA VAL B 398 -25.38 6.81 23.90
C VAL B 398 -24.87 5.73 24.82
N ASP B 399 -23.56 5.75 25.09
CA ASP B 399 -22.99 4.84 26.07
C ASP B 399 -21.86 5.62 26.75
N ILE B 400 -22.21 6.35 27.80
CA ILE B 400 -21.38 7.44 28.27
C ILE B 400 -19.97 6.98 28.67
N GLY B 401 -18.96 7.64 28.10
CA GLY B 401 -17.57 7.30 28.42
C GLY B 401 -17.01 6.09 27.66
N SER B 402 -17.82 5.49 26.78
CA SER B 402 -17.33 4.35 25.98
C SER B 402 -16.49 4.86 24.83
N LEU B 403 -15.19 4.57 24.90
CA LEU B 403 -14.20 5.13 24.00
C LEU B 403 -13.67 4.07 23.04
N ALA B 404 -13.93 4.24 21.76
CA ALA B 404 -13.32 3.36 20.74
C ALA B 404 -11.95 3.88 20.28
N ILE B 405 -11.00 2.98 20.14
CA ILE B 405 -9.65 3.39 19.73
C ILE B 405 -9.25 2.54 18.53
N GLY B 406 -8.85 3.18 17.44
CA GLY B 406 -8.40 2.46 16.22
C GLY B 406 -6.90 2.44 16.16
N VAL B 407 -6.33 1.24 16.08
CA VAL B 407 -4.92 1.03 16.33
C VAL B 407 -4.30 0.40 15.11
N GLY B 408 -3.02 0.69 14.88
CA GLY B 408 -2.33 0.17 13.72
C GLY B 408 -2.05 -1.33 13.75
N ASP B 409 -2.31 -2.01 14.87
CA ASP B 409 -2.11 -3.47 14.96
C ASP B 409 -3.36 -4.26 14.52
N GLY B 410 -4.33 -3.57 13.94
CA GLY B 410 -5.50 -4.22 13.34
C GLY B 410 -6.58 -4.68 14.31
N MET B 411 -6.66 -4.06 15.48
CA MET B 411 -7.69 -4.41 16.47
CA MET B 411 -7.68 -4.41 16.43
C MET B 411 -8.24 -3.12 17.01
N ILE B 412 -9.56 -3.03 17.12
CA ILE B 412 -10.26 -1.88 17.76
C ILE B 412 -10.29 -2.15 19.26
N ARG B 413 -10.02 -1.12 20.07
CA ARG B 413 -10.24 -1.22 21.50
C ARG B 413 -11.51 -0.46 21.82
N VAL B 414 -12.31 -0.99 22.73
CA VAL B 414 -13.38 -0.23 23.31
C VAL B 414 -13.12 -0.15 24.80
N TRP B 415 -12.88 1.07 25.28
CA TRP B 415 -12.52 1.31 26.68
C TRP B 415 -13.69 1.87 27.44
N ASN B 416 -14.20 1.10 28.39
CA ASN B 416 -15.26 1.58 29.31
C ASN B 416 -14.63 2.48 30.35
N THR B 417 -14.41 3.75 29.98
CA THR B 417 -13.53 4.64 30.77
C THR B 417 -14.06 4.98 32.16
N LEU B 418 -15.38 4.88 32.34
CA LEU B 418 -15.98 5.27 33.61
C LEU B 418 -16.19 4.12 34.57
N SER B 419 -15.60 2.96 34.28
CA SER B 419 -15.69 1.84 35.21
C SER B 419 -15.12 2.24 36.57
N ILE B 420 -15.82 1.82 37.63
CA ILE B 420 -15.36 2.10 39.00
C ILE B 420 -14.61 0.91 39.60
N LYS B 421 -14.56 -0.22 38.91
CA LYS B 421 -13.81 -1.35 39.42
C LYS B 421 -12.52 -1.65 38.63
N ASN B 422 -12.36 -1.01 37.47
CA ASN B 422 -11.22 -1.28 36.61
C ASN B 422 -10.87 -0.02 35.82
N ASN B 423 -9.63 0.48 35.98
CA ASN B 423 -9.21 1.67 35.25
C ASN B 423 -8.92 1.40 33.76
N TYR B 424 -8.88 0.13 33.39
CA TYR B 424 -8.53 -0.30 32.06
C TYR B 424 -9.46 -1.42 31.62
N ASP B 425 -10.76 -1.15 31.70
CA ASP B 425 -11.79 -2.08 31.26
C ASP B 425 -11.85 -1.92 29.74
N VAL B 426 -11.12 -2.79 29.05
CA VAL B 426 -10.96 -2.65 27.61
C VAL B 426 -11.33 -3.95 26.93
N LYS B 427 -12.18 -3.85 25.92
CA LYS B 427 -12.58 -5.00 25.10
C LYS B 427 -11.91 -4.88 23.74
N ASN B 428 -11.46 -6.01 23.20
CA ASN B 428 -10.78 -6.00 21.90
C ASN B 428 -11.67 -6.56 20.82
N PHE B 429 -11.66 -5.93 19.65
CA PHE B 429 -12.41 -6.42 18.50
C PHE B 429 -11.46 -6.54 17.30
N TRP B 430 -11.21 -7.78 16.87
CA TRP B 430 -10.28 -8.06 15.76
C TRP B 430 -10.96 -8.70 14.56
N GLN B 431 -12.10 -9.37 14.77
CA GLN B 431 -12.75 -10.05 13.62
C GLN B 431 -13.03 -9.07 12.49
N GLY B 432 -12.60 -9.43 11.28
CA GLY B 432 -12.92 -8.64 10.09
C GLY B 432 -12.15 -7.33 9.97
N VAL B 433 -11.19 -7.10 10.85
CA VAL B 433 -10.42 -5.86 10.82
C VAL B 433 -9.16 -6.05 9.98
N LYS B 434 -8.14 -6.72 10.53
CA LYS B 434 -6.97 -7.24 9.78
C LYS B 434 -6.09 -6.16 9.16
N SER B 435 -6.35 -4.90 9.46
CA SER B 435 -5.62 -3.80 8.82
C SER B 435 -5.61 -2.64 9.80
N LYS B 436 -4.69 -1.68 9.61
CA LYS B 436 -4.60 -0.50 10.49
CA LYS B 436 -4.60 -0.52 10.49
C LYS B 436 -5.95 0.19 10.54
N VAL B 437 -6.47 0.44 11.75
CA VAL B 437 -7.76 1.10 11.87
C VAL B 437 -7.59 2.62 11.85
N THR B 438 -7.88 3.23 10.70
CA THR B 438 -7.58 4.63 10.49
C THR B 438 -8.75 5.57 10.76
N ALA B 439 -9.95 5.02 10.92
CA ALA B 439 -11.14 5.86 11.10
C ALA B 439 -12.18 5.08 11.92
N LEU B 440 -12.90 5.81 12.77
CA LEU B 440 -14.00 5.28 13.59
C LEU B 440 -15.07 6.31 13.72
N CYS B 441 -16.32 5.86 13.87
CA CYS B 441 -17.41 6.76 14.23
C CYS B 441 -18.56 5.93 14.79
N TRP B 442 -18.92 6.19 16.04
CA TRP B 442 -20.07 5.52 16.66
C TRP B 442 -21.32 6.03 16.00
N HIS B 443 -22.34 5.17 15.90
CA HIS B 443 -23.65 5.62 15.47
C HIS B 443 -24.11 6.64 16.47
N PRO B 444 -24.78 7.72 16.02
CA PRO B 444 -25.20 8.75 16.98
C PRO B 444 -26.31 8.32 17.93
N THR B 445 -27.12 7.34 17.55
CA THR B 445 -28.26 6.95 18.40
C THR B 445 -28.29 5.49 18.77
N LYS B 446 -27.81 4.63 17.87
CA LYS B 446 -27.85 3.20 18.13
C LYS B 446 -26.69 2.74 19.01
N GLU B 447 -27.02 2.25 20.21
CA GLU B 447 -26.02 1.78 21.18
C GLU B 447 -25.20 0.61 20.64
N GLY B 448 -23.90 0.63 20.88
CA GLY B 448 -23.03 -0.47 20.47
C GLY B 448 -22.76 -0.55 18.97
N CYS B 449 -23.19 0.46 18.22
CA CYS B 449 -23.04 0.42 16.78
C CYS B 449 -21.86 1.29 16.32
N LEU B 450 -20.80 0.63 15.88
CA LEU B 450 -19.52 1.31 15.55
C LEU B 450 -19.06 1.11 14.11
N ALA B 451 -18.94 2.21 13.37
CA ALA B 451 -18.37 2.16 12.03
C ALA B 451 -16.87 2.24 12.13
N PHE B 452 -16.19 1.47 11.27
CA PHE B 452 -14.73 1.55 11.21
C PHE B 452 -14.22 1.52 9.78
N GLY B 453 -13.02 2.06 9.60
CA GLY B 453 -12.38 2.18 8.30
C GLY B 453 -10.91 1.80 8.43
N THR B 454 -10.35 1.21 7.39
CA THR B 454 -8.97 0.74 7.49
C THR B 454 -8.06 1.37 6.45
N ASP B 455 -6.76 1.20 6.66
CA ASP B 455 -5.74 1.69 5.74
C ASP B 455 -5.86 1.06 4.36
N ASP B 456 -6.43 -0.14 4.27
CA ASP B 456 -6.60 -0.77 2.96
CA ASP B 456 -6.63 -0.83 2.99
C ASP B 456 -7.97 -0.47 2.33
N GLY B 457 -8.64 0.58 2.81
CA GLY B 457 -9.87 1.06 2.17
C GLY B 457 -11.18 0.40 2.59
N LYS B 458 -11.11 -0.52 3.55
CA LYS B 458 -12.31 -1.24 3.97
C LYS B 458 -13.15 -0.40 4.92
N VAL B 459 -14.47 -0.48 4.74
CA VAL B 459 -15.44 0.13 5.64
C VAL B 459 -16.30 -0.98 6.28
N GLY B 460 -16.36 -1.00 7.61
CA GLY B 460 -17.15 -2.01 8.30
C GLY B 460 -18.04 -1.49 9.40
N LEU B 461 -18.99 -2.33 9.82
CA LEU B 461 -19.92 -1.96 10.86
C LEU B 461 -19.96 -3.03 11.95
N TYR B 462 -19.56 -2.66 13.16
CA TYR B 462 -19.55 -3.57 14.31
C TYR B 462 -20.77 -3.41 15.17
N ASP B 463 -21.27 -4.52 15.68
CA ASP B 463 -22.18 -4.51 16.82
C ASP B 463 -21.33 -4.92 18.00
N THR B 464 -20.91 -3.93 18.79
CA THR B 464 -19.89 -4.16 19.83
C THR B 464 -20.53 -4.79 21.07
N TYR B 465 -21.85 -4.85 21.08
CA TYR B 465 -22.56 -5.52 22.17
C TYR B 465 -22.69 -7.02 21.89
N SER B 466 -22.16 -7.47 20.76
CA SER B 466 -22.23 -8.87 20.38
C SER B 466 -20.84 -9.46 20.20
N ASN B 467 -20.78 -10.75 19.88
CA ASN B 467 -19.54 -11.42 19.51
C ASN B 467 -19.49 -11.78 18.03
N LYS B 468 -20.39 -11.18 17.25
CA LYS B 468 -20.48 -11.45 15.83
C LYS B 468 -19.38 -10.72 15.04
N PRO B 469 -18.94 -11.30 13.91
CA PRO B 469 -18.02 -10.55 13.06
C PRO B 469 -18.73 -9.35 12.48
N PRO B 470 -17.99 -8.28 12.11
CA PRO B 470 -18.67 -7.09 11.58
C PRO B 470 -19.21 -7.29 10.17
N GLN B 471 -20.19 -6.49 9.78
CA GLN B 471 -20.59 -6.44 8.39
C GLN B 471 -19.60 -5.55 7.66
N ILE B 472 -19.08 -6.02 6.53
CA ILE B 472 -18.15 -5.27 5.69
C ILE B 472 -18.88 -4.74 4.47
N SER B 473 -18.78 -3.44 4.20
CA SER B 473 -19.37 -2.86 2.99
C SER B 473 -18.72 -3.48 1.77
N SER B 474 -19.53 -3.80 0.75
CA SER B 474 -19.03 -4.44 -0.46
CA SER B 474 -19.03 -4.43 -0.47
C SER B 474 -18.17 -3.49 -1.27
N THR B 475 -18.34 -2.18 -1.06
CA THR B 475 -17.56 -1.17 -1.77
C THR B 475 -16.35 -0.74 -0.94
N TYR B 476 -15.16 -0.85 -1.52
CA TYR B 476 -13.92 -0.47 -0.84
C TYR B 476 -13.45 0.86 -1.40
N HIS B 477 -12.75 1.64 -0.58
CA HIS B 477 -11.97 2.77 -1.12
C HIS B 477 -10.71 2.24 -1.71
N LYS B 478 -10.19 2.93 -2.72
CA LYS B 478 -8.92 2.54 -3.30
C LYS B 478 -7.76 2.77 -2.33
N LYS B 479 -7.91 3.75 -1.44
CA LYS B 479 -6.87 4.09 -0.48
C LYS B 479 -7.42 4.19 0.95
N THR B 480 -6.54 4.60 1.87
CA THR B 480 -6.86 4.72 3.30
C THR B 480 -8.22 5.36 3.57
N VAL B 481 -9.02 4.80 4.48
CA VAL B 481 -10.24 5.51 4.91
C VAL B 481 -9.81 6.59 5.91
N TYR B 482 -9.98 7.84 5.52
CA TYR B 482 -9.57 8.97 6.36
C TYR B 482 -10.62 9.23 7.44
N THR B 483 -11.90 9.19 7.05
CA THR B 483 -12.97 9.66 7.93
C THR B 483 -14.26 8.89 7.70
N LEU B 484 -15.01 8.72 8.79
CA LEU B 484 -16.38 8.21 8.73
C LEU B 484 -17.30 9.18 9.47
N ALA B 485 -18.49 9.40 8.93
CA ALA B 485 -19.44 10.30 9.56
C ALA B 485 -20.82 9.76 9.27
N TRP B 486 -21.73 9.95 10.19
CA TRP B 486 -23.13 9.63 9.94
C TRP B 486 -23.88 10.87 9.55
N GLY B 487 -24.74 10.77 8.55
CA GLY B 487 -25.58 11.90 8.17
C GLY B 487 -26.89 11.44 7.55
N PRO B 488 -27.80 12.38 7.24
CA PRO B 488 -29.02 12.00 6.54
C PRO B 488 -28.68 11.43 5.17
N PRO B 489 -29.45 10.41 4.72
CA PRO B 489 -29.29 9.90 3.37
C PRO B 489 -29.52 11.00 2.34
N VAL B 490 -28.85 10.87 1.21
CA VAL B 490 -29.11 11.74 0.07
C VAL B 490 -29.43 10.84 -1.11
N PRO B 491 -30.05 11.40 -2.18
CA PRO B 491 -30.36 10.58 -3.35
C PRO B 491 -29.07 9.98 -3.94
N PRO B 492 -29.13 8.74 -4.45
CA PRO B 492 -30.30 7.89 -4.70
C PRO B 492 -30.86 7.14 -3.49
N MET B 493 -30.07 7.06 -2.41
CA MET B 493 -30.45 6.24 -1.27
CA MET B 493 -30.46 6.24 -1.27
C MET B 493 -31.70 6.74 -0.54
N SER B 494 -31.87 8.06 -0.45
CA SER B 494 -32.99 8.63 0.30
C SER B 494 -34.35 8.45 -0.40
N LEU B 495 -34.32 8.38 -1.74
CA LEU B 495 -35.53 8.31 -2.56
C LEU B 495 -36.32 7.01 -2.32
N PRO B 502 -33.05 3.53 6.29
CA PRO B 502 -32.60 3.95 7.61
C PRO B 502 -32.54 5.46 7.69
N SER B 503 -32.72 6.01 8.90
CA SER B 503 -32.74 7.46 9.05
C SER B 503 -31.37 8.11 8.88
N LEU B 504 -30.29 7.30 8.93
CA LEU B 504 -28.91 7.81 8.76
C LEU B 504 -28.04 6.93 7.86
N ALA B 505 -27.40 7.55 6.87
CA ALA B 505 -26.43 6.86 6.03
C ALA B 505 -25.05 6.95 6.68
N LEU B 506 -24.15 6.04 6.30
CA LEU B 506 -22.74 6.10 6.72
C LEU B 506 -21.90 6.68 5.61
N TYR B 507 -21.19 7.77 5.87
CA TYR B 507 -20.37 8.38 4.83
C TYR B 507 -18.90 8.08 5.09
N SER B 508 -18.15 7.74 4.05
CA SER B 508 -16.73 7.44 4.23
C SER B 508 -15.92 8.24 3.22
N CYS B 509 -14.75 8.72 3.61
CA CYS B 509 -13.87 9.46 2.71
C CYS B 509 -12.54 8.72 2.63
N GLY B 510 -12.13 8.36 1.42
CA GLY B 510 -10.85 7.66 1.21
C GLY B 510 -9.76 8.60 0.71
N GLY B 511 -8.52 8.15 0.86
CA GLY B 511 -7.34 8.93 0.44
C GLY B 511 -7.30 9.25 -1.04
N GLU B 512 -8.03 8.46 -1.85
CA GLU B 512 -8.12 8.71 -3.30
C GLU B 512 -9.02 9.89 -3.64
N GLY B 513 -9.86 10.29 -2.68
CA GLY B 513 -10.62 11.54 -2.83
C GLY B 513 -12.11 11.35 -3.00
N ILE B 514 -12.59 10.11 -2.89
CA ILE B 514 -14.01 9.83 -3.07
C ILE B 514 -14.70 9.76 -1.73
N VAL B 515 -15.85 10.43 -1.63
CA VAL B 515 -16.77 10.21 -0.52
C VAL B 515 -17.90 9.27 -0.93
N LEU B 516 -18.04 8.15 -0.22
CA LEU B 516 -19.11 7.19 -0.47
C LEU B 516 -20.21 7.29 0.56
N GLN B 517 -21.45 7.10 0.09
CA GLN B 517 -22.61 6.94 0.95
C GLN B 517 -22.99 5.45 1.03
N HIS B 518 -22.92 4.87 2.23
CA HIS B 518 -23.26 3.47 2.48
C HIS B 518 -24.60 3.36 3.18
N ASN B 519 -25.39 2.38 2.78
CA ASN B 519 -26.63 2.05 3.48
C ASN B 519 -26.33 1.02 4.57
N PRO B 520 -26.47 1.42 5.85
CA PRO B 520 -26.06 0.52 6.92
C PRO B 520 -26.92 -0.76 7.02
N TRP B 521 -28.09 -0.75 6.39
CA TRP B 521 -28.99 -1.92 6.40
C TRP B 521 -28.84 -2.76 5.17
N LYS B 522 -28.04 -2.29 4.22
CA LYS B 522 -27.80 -3.02 2.97
C LYS B 522 -26.31 -2.87 2.58
N LEU B 523 -25.44 -3.28 3.49
CA LEU B 523 -24.00 -3.15 3.25
C LEU B 523 -23.44 -4.04 2.14
N SER B 524 -24.15 -5.11 1.81
CA SER B 524 -23.74 -5.95 0.68
C SER B 524 -24.14 -5.33 -0.66
N GLY B 525 -25.01 -4.31 -0.63
CA GLY B 525 -25.35 -3.53 -1.83
C GLY B 525 -24.21 -2.58 -2.16
N GLU B 526 -24.36 -1.82 -3.24
CA GLU B 526 -23.29 -0.90 -3.62
C GLU B 526 -23.41 0.47 -2.94
N ALA B 527 -22.27 1.02 -2.56
CA ALA B 527 -22.22 2.36 -1.99
C ALA B 527 -22.20 3.38 -3.11
N PHE B 528 -22.64 4.59 -2.82
CA PHE B 528 -22.82 5.61 -3.84
C PHE B 528 -21.79 6.71 -3.72
N ASP B 529 -21.14 7.01 -4.85
CA ASP B 529 -20.18 8.11 -4.94
C ASP B 529 -20.99 9.41 -5.01
N ILE B 530 -20.96 10.16 -3.93
CA ILE B 530 -21.81 11.34 -3.80
C ILE B 530 -21.47 12.46 -4.80
N ASN B 531 -20.32 12.38 -5.46
CA ASN B 531 -19.99 13.35 -6.53
C ASN B 531 -21.02 13.33 -7.68
N LYS B 532 -21.62 12.16 -7.93
CA LYS B 532 -22.65 12.07 -8.96
C LYS B 532 -23.81 13.01 -8.64
N LEU B 533 -24.26 12.97 -7.39
CA LEU B 533 -25.32 13.85 -6.93
C LEU B 533 -24.88 15.32 -6.93
N ILE B 534 -23.67 15.58 -6.43
CA ILE B 534 -23.15 16.95 -6.36
C ILE B 534 -23.12 17.60 -7.74
N ARG B 535 -22.61 16.90 -8.75
CA ARG B 535 -22.54 17.50 -10.08
C ARG B 535 -23.92 17.62 -10.76
N ASP B 536 -24.81 16.66 -10.51
CA ASP B 536 -26.21 16.74 -10.93
C ASP B 536 -26.90 17.99 -10.35
N THR B 537 -26.86 18.13 -9.03
CA THR B 537 -27.53 19.24 -8.36
C THR B 537 -26.94 20.58 -8.76
N ASN B 538 -25.62 20.66 -8.87
CA ASN B 538 -24.97 21.95 -9.04
C ASN B 538 -24.50 22.26 -10.45
N SER B 539 -24.89 21.40 -11.40
CA SER B 539 -24.51 21.55 -12.81
C SER B 539 -23.02 21.85 -12.94
N ILE B 540 -22.21 21.04 -12.26
CA ILE B 540 -20.76 21.16 -12.32
C ILE B 540 -20.27 20.37 -13.52
N LYS B 541 -19.34 20.95 -14.26
CA LYS B 541 -18.75 20.27 -15.41
C LYS B 541 -17.31 19.84 -15.14
N TYR B 542 -16.57 20.70 -14.41
CA TYR B 542 -15.12 20.58 -14.23
C TYR B 542 -14.63 19.32 -13.47
N LYS B 543 -13.30 19.15 -13.41
CA LYS B 543 -12.70 18.07 -12.63
C LYS B 543 -12.94 18.36 -11.15
N LEU B 544 -13.65 17.45 -10.49
CA LEU B 544 -14.00 17.60 -9.09
C LEU B 544 -12.74 17.53 -8.21
N PRO B 545 -12.75 18.21 -7.05
CA PRO B 545 -11.58 18.09 -6.18
C PRO B 545 -11.48 16.71 -5.51
N VAL B 546 -10.28 16.39 -5.04
CA VAL B 546 -10.00 15.21 -4.25
C VAL B 546 -10.46 15.55 -2.82
N HIS B 547 -11.53 14.90 -2.36
CA HIS B 547 -12.05 15.14 -1.00
C HIS B 547 -11.22 14.40 0.02
N THR B 548 -10.88 15.07 1.11
CA THR B 548 -10.00 14.49 2.12
C THR B 548 -10.62 14.52 3.55
N GLU B 549 -11.76 15.18 3.69
CA GLU B 549 -12.45 15.27 4.99
C GLU B 549 -13.94 15.47 4.78
N ILE B 550 -14.76 14.86 5.63
CA ILE B 550 -16.18 15.15 5.66
C ILE B 550 -16.65 15.38 7.09
N SER B 551 -17.50 16.39 7.30
CA SER B 551 -18.03 16.70 8.62
C SER B 551 -19.41 17.29 8.45
N TRP B 552 -20.40 16.67 9.08
CA TRP B 552 -21.77 17.17 9.07
C TRP B 552 -21.98 18.15 10.18
N LYS B 553 -22.64 19.26 9.90
CA LYS B 553 -23.10 20.19 10.95
C LYS B 553 -23.97 19.39 11.92
N ALA B 554 -23.97 19.75 13.21
CA ALA B 554 -24.71 18.96 14.22
C ALA B 554 -26.21 18.79 13.91
N ASP B 555 -26.83 19.80 13.30
CA ASP B 555 -28.25 19.76 12.94
C ASP B 555 -28.57 18.80 11.78
N GLY B 556 -27.54 18.25 11.15
CA GLY B 556 -27.72 17.34 10.05
C GLY B 556 -28.21 17.99 8.75
N LYS B 557 -28.10 19.31 8.64
CA LYS B 557 -28.62 20.03 7.48
C LYS B 557 -27.55 20.51 6.51
N ILE B 558 -26.30 20.46 6.96
CA ILE B 558 -25.17 21.00 6.21
C ILE B 558 -24.01 20.02 6.28
N MET B 559 -23.45 19.69 5.10
CA MET B 559 -22.23 18.86 5.02
C MET B 559 -21.04 19.68 4.51
N ALA B 560 -19.93 19.60 5.23
CA ALA B 560 -18.69 20.23 4.79
C ALA B 560 -17.79 19.14 4.23
N LEU B 561 -17.13 19.44 3.11
CA LEU B 561 -16.07 18.59 2.57
C LEU B 561 -14.81 19.41 2.50
N GLY B 562 -13.74 18.86 3.08
CA GLY B 562 -12.43 19.44 2.93
C GLY B 562 -11.77 18.76 1.76
N ASN B 563 -10.88 19.48 1.08
CA ASN B 563 -10.28 19.00 -0.15
C ASN B 563 -8.77 19.06 -0.11
N GLU B 564 -8.15 18.22 -0.93
CA GLU B 564 -6.70 18.17 -1.01
C GLU B 564 -6.10 19.52 -1.38
N ASP B 565 -6.81 20.32 -2.17
CA ASP B 565 -6.28 21.62 -2.58
C ASP B 565 -6.35 22.67 -1.48
N GLY B 566 -6.92 22.32 -0.32
CA GLY B 566 -7.08 23.27 0.78
C GLY B 566 -8.47 23.87 0.93
N SER B 567 -9.28 23.77 -0.13
CA SER B 567 -10.62 24.34 -0.10
C SER B 567 -11.55 23.52 0.80
N ILE B 568 -12.57 24.20 1.32
CA ILE B 568 -13.64 23.55 2.05
C ILE B 568 -14.94 23.97 1.41
N GLU B 569 -15.77 22.98 1.07
CA GLU B 569 -17.04 23.25 0.39
C GLU B 569 -18.23 22.91 1.27
N ILE B 570 -19.23 23.80 1.26
CA ILE B 570 -20.38 23.70 2.17
C ILE B 570 -21.64 23.35 1.38
N PHE B 571 -22.25 22.20 1.70
CA PHE B 571 -23.40 21.71 0.94
C PHE B 571 -24.63 21.59 1.80
N GLN B 572 -25.80 21.76 1.18
CA GLN B 572 -27.07 21.77 1.89
C GLN B 572 -27.92 20.55 1.52
N ILE B 573 -28.62 19.99 2.51
CA ILE B 573 -29.67 18.99 2.26
C ILE B 573 -30.82 19.66 1.47
N PRO B 574 -31.61 18.86 0.72
CA PRO B 574 -31.57 17.41 0.58
C PRO B 574 -30.68 16.87 -0.54
N ASN B 575 -30.23 17.73 -1.46
CA ASN B 575 -29.56 17.27 -2.67
C ASN B 575 -28.13 17.74 -2.81
N LEU B 576 -27.57 18.22 -1.70
CA LEU B 576 -26.19 18.73 -1.69
C LEU B 576 -26.01 19.90 -2.66
N LYS B 577 -26.91 20.86 -2.58
CA LYS B 577 -26.69 22.15 -3.21
C LYS B 577 -25.48 22.79 -2.55
N LEU B 578 -24.51 23.20 -3.36
CA LEU B 578 -23.32 23.93 -2.88
C LEU B 578 -23.70 25.38 -2.61
N ILE B 579 -23.50 25.85 -1.37
CA ILE B 579 -23.84 27.22 -1.02
C ILE B 579 -22.61 28.11 -0.76
N CYS B 580 -21.46 27.49 -0.47
CA CYS B 580 -20.28 28.25 -0.07
C CYS B 580 -19.00 27.45 -0.32
N THR B 581 -17.96 28.15 -0.75
CA THR B 581 -16.60 27.60 -0.81
C THR B 581 -15.68 28.47 0.03
N ILE B 582 -14.98 27.83 0.97
CA ILE B 582 -14.04 28.53 1.83
C ILE B 582 -12.63 28.27 1.32
N GLN B 583 -11.94 29.35 0.95
CA GLN B 583 -10.58 29.25 0.47
C GLN B 583 -9.67 29.90 1.49
N GLN B 584 -9.16 29.09 2.41
CA GLN B 584 -8.31 29.64 3.47
C GLN B 584 -7.03 28.83 3.58
N HIS B 585 -7.19 27.51 3.64
CA HIS B 585 -6.05 26.62 3.72
C HIS B 585 -5.41 26.48 2.38
N HIS B 586 -4.10 26.25 2.37
CA HIS B 586 -3.39 26.08 1.11
C HIS B 586 -2.83 24.70 0.94
N LYS B 587 -3.14 23.81 1.88
CA LYS B 587 -2.73 22.41 1.79
C LYS B 587 -3.91 21.50 2.17
N LEU B 588 -3.70 20.19 2.02
CA LEU B 588 -4.73 19.19 2.25
C LEU B 588 -5.43 19.38 3.60
N VAL B 589 -6.76 19.39 3.58
CA VAL B 589 -7.55 19.54 4.80
C VAL B 589 -7.76 18.19 5.49
N ASN B 590 -7.23 18.07 6.72
CA ASN B 590 -7.28 16.83 7.47
C ASN B 590 -8.48 16.69 8.34
N THR B 591 -8.98 17.84 8.82
CA THR B 591 -9.92 17.82 9.90
C THR B 591 -10.84 19.03 9.88
N ILE B 592 -12.13 18.77 10.08
CA ILE B 592 -13.14 19.82 10.22
C ILE B 592 -14.04 19.43 11.40
N SER B 593 -14.36 20.38 12.27
CA SER B 593 -15.31 20.09 13.34
C SER B 593 -16.26 21.26 13.56
N TRP B 594 -17.57 20.97 13.65
CA TRP B 594 -18.58 21.99 13.94
C TRP B 594 -18.86 22.08 15.40
N HIS B 595 -19.05 23.30 15.90
CA HIS B 595 -19.36 23.52 17.32
C HIS B 595 -20.69 22.93 17.69
N HIS B 596 -20.81 22.45 18.92
CA HIS B 596 -22.05 21.87 19.42
C HIS B 596 -23.16 22.90 19.56
N GLU B 597 -24.37 22.42 19.83
CA GLU B 597 -25.56 23.29 19.90
C GLU B 597 -26.06 23.55 21.32
N HIS B 598 -25.26 23.24 22.33
CA HIS B 598 -25.68 23.30 23.73
CA HIS B 598 -25.74 23.37 23.71
C HIS B 598 -24.93 24.34 24.54
N GLY B 599 -24.29 25.28 23.86
CA GLY B 599 -23.58 26.36 24.52
C GLY B 599 -24.55 27.44 24.95
N SER B 600 -24.03 28.58 25.40
CA SER B 600 -24.87 29.62 26.00
C SER B 600 -25.49 30.58 24.97
N GLN B 601 -25.08 30.45 23.72
CA GLN B 601 -25.71 31.19 22.63
C GLN B 601 -25.91 30.29 21.41
N PRO B 602 -27.10 30.36 20.77
CA PRO B 602 -27.46 29.45 19.69
C PRO B 602 -26.45 29.51 18.54
N GLU B 603 -26.06 30.72 18.17
CA GLU B 603 -25.25 30.94 16.97
C GLU B 603 -23.86 30.25 16.95
N LEU B 604 -23.37 29.82 18.12
CA LEU B 604 -22.09 29.11 18.19
C LEU B 604 -22.05 27.85 17.32
N SER B 605 -23.22 27.25 17.07
CA SER B 605 -23.33 26.05 16.24
C SER B 605 -23.04 26.33 14.76
N TYR B 606 -22.87 27.60 14.39
CA TYR B 606 -22.46 27.94 13.03
C TYR B 606 -20.93 28.02 12.87
N LEU B 607 -20.19 27.80 13.96
CA LEU B 607 -18.73 27.86 13.91
C LEU B 607 -18.13 26.53 13.49
N MET B 608 -17.19 26.61 12.56
CA MET B 608 -16.55 25.44 12.00
C MET B 608 -15.05 25.68 12.09
N ALA B 609 -14.35 24.81 12.84
CA ALA B 609 -12.89 24.84 12.93
C ALA B 609 -12.28 23.87 11.91
N SER B 610 -11.11 24.21 11.38
CA SER B 610 -10.51 23.27 10.44
C SER B 610 -8.99 23.30 10.44
N GLY B 611 -8.40 22.16 10.15
CA GLY B 611 -6.95 22.03 10.13
C GLY B 611 -6.47 21.33 8.89
N SER B 612 -5.29 21.73 8.42
CA SER B 612 -4.71 21.21 7.18
C SER B 612 -3.26 20.78 7.43
N ASN B 613 -2.52 20.48 6.36
CA ASN B 613 -1.11 20.16 6.56
C ASN B 613 -0.27 21.37 6.97
N ASN B 614 -0.78 22.57 6.75
CA ASN B 614 -0.16 23.75 7.36
C ASN B 614 -0.46 23.85 8.87
N ALA B 615 0.35 24.61 9.59
CA ALA B 615 0.21 24.64 11.05
C ALA B 615 -0.93 25.53 11.58
N VAL B 616 -1.34 26.53 10.78
CA VAL B 616 -2.35 27.51 11.21
CA VAL B 616 -2.33 27.50 11.23
C VAL B 616 -3.76 26.93 11.14
N ILE B 617 -4.50 27.06 12.23
CA ILE B 617 -5.88 26.61 12.32
C ILE B 617 -6.85 27.77 12.08
N TYR B 618 -7.93 27.50 11.36
CA TYR B 618 -8.97 28.52 11.13
C TYR B 618 -10.29 28.16 11.74
N VAL B 619 -11.07 29.19 12.07
CA VAL B 619 -12.48 29.02 12.43
C VAL B 619 -13.26 29.91 11.48
N HIS B 620 -14.30 29.36 10.88
CA HIS B 620 -15.19 30.18 10.08
C HIS B 620 -16.55 30.18 10.68
N ASN B 621 -17.26 31.29 10.51
CA ASN B 621 -18.61 31.44 11.03
C ASN B 621 -19.58 31.44 9.84
N LEU B 622 -20.35 30.37 9.68
CA LEU B 622 -21.19 30.21 8.48
C LEU B 622 -22.66 30.62 8.66
N LYS B 623 -22.93 31.42 9.70
CA LYS B 623 -24.28 31.86 9.99
C LYS B 623 -24.85 32.65 8.83
N THR B 624 -24.10 33.65 8.35
CA THR B 624 -24.57 34.51 7.25
C THR B 624 -24.93 33.72 6.00
N VAL B 625 -23.98 32.95 5.48
CA VAL B 625 -24.21 32.20 4.24
CA VAL B 625 -24.22 32.21 4.23
C VAL B 625 -25.31 31.16 4.38
N ILE B 626 -25.36 30.47 5.53
CA ILE B 626 -26.35 29.41 5.73
C ILE B 626 -27.77 29.97 5.80
N GLU B 627 -27.99 30.98 6.64
CA GLU B 627 -29.31 31.60 6.79
C GLU B 627 -29.77 32.32 5.52
N SER B 628 -28.84 32.91 4.78
CA SER B 628 -29.18 33.57 3.51
C SER B 628 -29.53 32.58 2.40
N SER B 629 -29.09 31.33 2.56
CA SER B 629 -29.35 30.24 1.61
C SER B 629 -29.24 30.73 0.16
N PRO B 630 -28.00 30.98 -0.32
CA PRO B 630 -27.84 31.63 -1.63
C PRO B 630 -28.20 30.71 -2.80
N GLU B 631 -28.53 31.33 -3.94
CA GLU B 631 -28.96 30.61 -5.14
C GLU B 631 -27.78 30.21 -6.01
N SER B 632 -26.78 31.08 -6.10
CA SER B 632 -25.46 30.72 -6.60
C SER B 632 -24.45 30.85 -5.44
N PRO B 633 -23.41 29.99 -5.42
CA PRO B 633 -22.58 29.85 -4.22
C PRO B 633 -21.64 31.03 -3.96
N VAL B 634 -21.44 31.31 -2.67
CA VAL B 634 -20.55 32.37 -2.17
C VAL B 634 -19.13 31.85 -1.99
N THR B 635 -18.14 32.73 -2.04
CA THR B 635 -16.77 32.37 -1.73
C THR B 635 -16.36 33.13 -0.47
N ILE B 636 -15.74 32.42 0.47
CA ILE B 636 -15.22 33.06 1.67
C ILE B 636 -13.70 32.96 1.65
N THR B 637 -13.04 34.09 1.88
CA THR B 637 -11.58 34.16 1.81
C THR B 637 -10.99 34.77 3.06
N GLU B 638 -11.84 35.13 4.01
CA GLU B 638 -11.39 35.66 5.31
C GLU B 638 -11.83 34.74 6.43
N PRO B 639 -10.95 34.50 7.42
CA PRO B 639 -11.36 33.68 8.57
C PRO B 639 -12.06 34.48 9.66
N TYR B 640 -12.97 33.81 10.38
CA TYR B 640 -13.60 34.43 11.53
C TYR B 640 -12.60 34.53 12.68
N ARG B 641 -11.83 33.47 12.90
CA ARG B 641 -10.74 33.47 13.89
C ARG B 641 -9.57 32.68 13.32
N THR B 642 -8.37 33.05 13.76
CA THR B 642 -7.13 32.43 13.32
C THR B 642 -6.38 31.96 14.57
N LEU B 643 -5.98 30.70 14.57
CA LEU B 643 -5.26 30.13 15.70
C LEU B 643 -3.86 29.67 15.28
N SER B 644 -2.87 30.53 15.53
CA SER B 644 -1.48 30.29 15.19
C SER B 644 -0.69 29.85 16.40
N GLY B 645 0.21 28.90 16.20
CA GLY B 645 1.06 28.46 17.30
C GLY B 645 1.72 27.12 17.08
N HIS B 646 0.98 26.19 16.49
CA HIS B 646 1.54 24.87 16.18
C HIS B 646 2.62 25.07 15.14
N THR B 647 3.54 24.11 15.01
CA THR B 647 4.65 24.23 14.05
C THR B 647 4.65 23.10 13.01
N ALA B 648 3.57 22.33 12.96
CA ALA B 648 3.46 21.25 11.96
C ALA B 648 2.01 20.90 11.68
N LYS B 649 1.80 19.98 10.73
CA LYS B 649 0.48 19.55 10.29
C LYS B 649 -0.52 19.34 11.43
N ILE B 650 -1.77 19.75 11.22
CA ILE B 650 -2.87 19.56 12.15
C ILE B 650 -3.70 18.32 11.76
N THR B 651 -3.71 17.28 12.61
CA THR B 651 -4.39 16.03 12.26
C THR B 651 -5.84 15.98 12.75
N SER B 652 -6.16 16.77 13.79
CA SER B 652 -7.44 16.61 14.43
C SER B 652 -7.77 17.83 15.29
N VAL B 653 -8.98 18.37 15.12
CA VAL B 653 -9.49 19.45 16.00
C VAL B 653 -10.84 19.03 16.58
N ALA B 654 -11.13 19.41 17.81
CA ALA B 654 -12.41 19.09 18.47
C ALA B 654 -12.84 20.21 19.40
N TRP B 655 -14.12 20.55 19.38
CA TRP B 655 -14.69 21.52 20.33
C TRP B 655 -15.06 20.84 21.62
N SER B 656 -14.82 21.53 22.74
CA SER B 656 -15.30 21.01 24.02
C SER B 656 -16.79 21.08 24.09
N PRO B 657 -17.45 19.96 24.47
CA PRO B 657 -18.89 19.97 24.67
C PRO B 657 -19.27 20.70 25.96
N HIS B 658 -18.29 21.09 26.75
CA HIS B 658 -18.51 21.71 28.06
C HIS B 658 -18.37 23.21 28.08
N HIS B 659 -17.99 23.80 26.95
CA HIS B 659 -17.61 25.21 26.92
C HIS B 659 -18.19 25.90 25.72
N ASP B 660 -18.14 27.24 25.74
CA ASP B 660 -18.37 28.04 24.55
C ASP B 660 -17.04 28.31 23.85
N GLY B 661 -16.87 27.76 22.66
CA GLY B 661 -15.68 28.06 21.83
C GLY B 661 -14.31 27.67 22.36
N ARG B 662 -14.24 26.52 23.04
CA ARG B 662 -12.95 25.99 23.43
C ARG B 662 -12.57 24.84 22.50
N LEU B 663 -11.40 24.96 21.88
CA LEU B 663 -10.98 23.99 20.86
C LEU B 663 -9.70 23.30 21.33
N VAL B 664 -9.56 22.00 21.03
CA VAL B 664 -8.27 21.32 21.19
C VAL B 664 -7.84 20.85 19.78
N SER B 665 -6.55 20.97 19.48
CA SER B 665 -5.98 20.55 18.22
C SER B 665 -4.82 19.60 18.50
N ALA B 666 -4.65 18.60 17.64
CA ALA B 666 -3.56 17.65 17.72
C ALA B 666 -2.68 17.95 16.52
N SER B 667 -1.38 17.77 16.67
CA SER B 667 -0.42 18.18 15.65
C SER B 667 0.71 17.19 15.49
N TYR B 668 1.22 17.11 14.27
CA TYR B 668 2.53 16.50 14.02
C TYR B 668 3.65 17.12 14.84
N ASP B 669 3.46 18.31 15.41
CA ASP B 669 4.57 18.91 16.20
C ASP B 669 4.75 18.22 17.57
N GLY B 670 3.89 17.23 17.84
CA GLY B 670 4.01 16.41 19.03
C GLY B 670 3.25 16.93 20.23
N THR B 671 2.39 17.92 20.01
CA THR B 671 1.62 18.48 21.10
C THR B 671 0.14 18.56 20.80
N ALA B 672 -0.64 18.71 21.86
CA ALA B 672 -2.04 19.09 21.70
C ALA B 672 -2.23 20.46 22.33
N GLN B 673 -2.92 21.34 21.63
CA GLN B 673 -3.14 22.71 22.13
C GLN B 673 -4.61 22.92 22.44
N VAL B 674 -4.87 23.52 23.61
CA VAL B 674 -6.18 23.98 23.98
C VAL B 674 -6.26 25.51 23.77
N TRP B 675 -7.31 25.94 23.07
CA TRP B 675 -7.50 27.32 22.69
C TRP B 675 -8.77 27.89 23.21
N ASP B 676 -8.76 29.17 23.61
CA ASP B 676 -10.03 29.90 23.68
C ASP B 676 -10.18 30.46 22.28
N ALA B 677 -10.96 29.80 21.43
CA ALA B 677 -10.94 30.10 19.98
C ALA B 677 -11.44 31.52 19.71
N LEU B 678 -12.46 31.94 20.44
CA LEU B 678 -13.08 33.24 20.20
C LEU B 678 -12.16 34.43 20.53
N ARG B 679 -11.27 34.25 21.51
CA ARG B 679 -10.26 35.25 21.85
C ARG B 679 -8.91 34.98 21.20
N GLU B 680 -8.81 33.90 20.42
CA GLU B 680 -7.55 33.44 19.83
C GLU B 680 -6.45 33.30 20.89
N GLU B 681 -6.84 32.81 22.06
CA GLU B 681 -5.92 32.71 23.18
C GLU B 681 -5.44 31.27 23.38
N PRO B 682 -4.11 31.03 23.36
CA PRO B 682 -3.59 29.70 23.65
C PRO B 682 -3.68 29.46 25.16
N LEU B 683 -4.34 28.37 25.57
CA LEU B 683 -4.56 28.14 27.01
C LEU B 683 -3.56 27.17 27.65
N CYS B 684 -3.41 25.98 27.07
CA CYS B 684 -2.43 25.04 27.55
C CYS B 684 -2.00 24.07 26.44
N ASN B 685 -0.83 23.49 26.62
CA ASN B 685 -0.21 22.64 25.64
C ASN B 685 0.20 21.32 26.29
N PHE B 686 -0.38 20.21 25.84
CA PHE B 686 -0.02 18.90 26.36
C PHE B 686 1.19 18.32 25.64
N ARG B 687 2.21 17.94 26.41
CA ARG B 687 3.45 17.45 25.83
C ARG B 687 3.81 16.02 26.20
N GLY B 688 2.83 15.27 26.69
CA GLY B 688 3.12 13.90 27.15
C GLY B 688 3.46 12.89 26.07
N HIS B 689 3.04 13.13 24.83
CA HIS B 689 3.36 12.19 23.73
C HIS B 689 4.75 12.40 23.27
N ARG B 690 5.35 11.34 22.73
CA ARG B 690 6.67 11.44 22.11
C ARG B 690 6.59 11.04 20.65
N GLY B 691 5.91 11.85 19.86
CA GLY B 691 5.76 11.61 18.43
C GLY B 691 4.55 12.40 18.00
N ARG B 692 4.05 12.09 16.81
CA ARG B 692 3.08 12.91 16.13
C ARG B 692 1.67 12.55 16.61
N LEU B 693 0.88 13.51 17.07
CA LEU B 693 -0.49 13.19 17.50
C LEU B 693 -1.40 12.99 16.31
N LEU B 694 -2.30 12.00 16.41
CA LEU B 694 -3.16 11.63 15.28
C LEU B 694 -4.65 11.86 15.55
N CYS B 695 -5.01 11.99 16.84
CA CYS B 695 -6.42 12.09 17.22
C CYS B 695 -6.55 12.70 18.62
N VAL B 696 -7.69 13.31 18.87
CA VAL B 696 -7.96 13.97 20.13
C VAL B 696 -9.47 13.97 20.31
N ALA B 697 -9.92 13.70 21.55
CA ALA B 697 -11.34 13.69 21.88
C ALA B 697 -11.51 14.19 23.31
N TRP B 698 -12.46 15.12 23.51
CA TRP B 698 -12.72 15.65 24.85
C TRP B 698 -13.38 14.58 25.66
N SER B 699 -13.12 14.51 26.96
CA SER B 699 -13.96 13.68 27.83
C SER B 699 -15.43 14.11 27.72
N PRO B 700 -16.36 13.13 27.64
CA PRO B 700 -17.78 13.50 27.55
C PRO B 700 -18.33 13.99 28.89
N LEU B 701 -17.61 13.75 29.97
CA LEU B 701 -18.11 14.03 31.30
C LEU B 701 -17.38 15.17 31.98
N ASP B 702 -16.06 15.23 31.79
CA ASP B 702 -15.21 16.14 32.55
C ASP B 702 -14.69 17.30 31.67
N PRO B 703 -15.08 18.56 32.00
CA PRO B 703 -14.61 19.74 31.29
C PRO B 703 -13.08 19.84 31.27
N ASP B 704 -12.43 19.22 32.23
CA ASP B 704 -10.99 19.36 32.39
C ASP B 704 -10.18 18.28 31.65
N CYS B 705 -10.86 17.29 31.10
CA CYS B 705 -10.18 16.07 30.64
CA CYS B 705 -10.21 16.05 30.63
C CYS B 705 -10.26 15.84 29.12
N ILE B 706 -9.11 15.50 28.55
CA ILE B 706 -8.96 15.25 27.13
C ILE B 706 -8.15 13.94 26.93
N TYR B 707 -8.54 13.18 25.90
CA TYR B 707 -7.82 11.98 25.46
C TYR B 707 -7.15 12.25 24.11
N SER B 708 -5.92 11.78 23.94
CA SER B 708 -5.23 11.93 22.66
C SER B 708 -4.46 10.66 22.33
N GLY B 709 -4.31 10.40 21.03
CA GLY B 709 -3.55 9.24 20.57
C GLY B 709 -2.48 9.69 19.59
N ALA B 710 -1.37 8.96 19.54
CA ALA B 710 -0.24 9.35 18.69
C ALA B 710 0.45 8.15 18.09
N ASP B 711 1.43 8.42 17.22
CA ASP B 711 2.24 7.35 16.61
C ASP B 711 3.33 6.80 17.56
N ASP B 712 3.25 7.19 18.83
CA ASP B 712 4.08 6.59 19.87
C ASP B 712 3.41 5.37 20.55
N PHE B 713 2.34 4.85 19.95
CA PHE B 713 1.62 3.67 20.46
C PHE B 713 0.98 3.94 21.83
N CYS B 714 0.64 5.20 22.12
CA CYS B 714 0.02 5.58 23.41
C CYS B 714 -1.26 6.33 23.22
N VAL B 715 -2.20 6.08 24.12
CA VAL B 715 -3.30 6.98 24.35
C VAL B 715 -3.12 7.55 25.76
N HIS B 716 -3.18 8.88 25.87
CA HIS B 716 -3.08 9.57 27.15
C HIS B 716 -4.37 10.25 27.47
N LYS B 717 -4.82 10.07 28.71
CA LYS B 717 -5.94 10.82 29.27
C LYS B 717 -5.27 11.87 30.16
N TRP B 718 -5.52 13.15 29.90
CA TRP B 718 -4.79 14.21 30.58
C TRP B 718 -5.70 15.35 30.96
N LEU B 719 -5.25 16.20 31.89
CA LEU B 719 -6.05 17.26 32.45
C LEU B 719 -5.49 18.61 32.06
N THR B 720 -6.33 19.46 31.51
CA THR B 720 -5.89 20.78 31.06
C THR B 720 -5.36 21.57 32.26
N SER B 721 -6.01 21.41 33.41
CA SER B 721 -5.59 22.08 34.65
C SER B 721 -4.18 21.69 35.11
N MET B 722 -3.67 20.54 34.66
CA MET B 722 -2.36 20.05 35.11
C MET B 722 -1.23 20.48 34.17
N GLN B 723 -1.55 21.21 33.10
CA GLN B 723 -0.56 21.49 32.06
C GLN B 723 0.21 22.76 32.36
N ASP B 724 1.53 22.65 32.48
CA ASP B 724 2.41 23.79 32.80
C ASP B 724 2.69 24.72 31.61
N HIS B 725 2.66 24.18 30.38
CA HIS B 725 2.93 24.98 29.19
C HIS B 725 1.67 25.57 28.63
N SER B 726 1.73 26.81 28.14
CA SER B 726 0.54 27.48 27.60
C SER B 726 0.39 27.36 26.08
N ARG B 727 1.48 26.99 25.40
CA ARG B 727 1.58 27.11 23.96
C ARG B 727 2.49 26.02 23.41
N PRO B 728 2.43 25.75 22.08
CA PRO B 728 3.37 24.79 21.53
C PRO B 728 4.79 25.39 21.55
N PRO B 729 5.83 24.54 21.54
CA PRO B 729 7.22 25.06 21.47
C PRO B 729 7.41 25.92 20.20
N GLN B 730 8.10 27.06 20.29
CA GLN B 730 8.30 27.92 19.11
C GLN B 730 8.83 27.19 17.85
N GLY B 731 9.61 26.12 18.06
CA GLY B 731 9.98 25.13 17.02
C GLY B 731 10.21 25.61 15.58
#